data_8U3L
#
_entry.id   8U3L
#
_cell.length_a   1.00
_cell.length_b   1.00
_cell.length_c   1.00
_cell.angle_alpha   90.00
_cell.angle_beta   90.00
_cell.angle_gamma   90.00
#
_symmetry.space_group_name_H-M   'P 1'
#
loop_
_entity.id
_entity.type
_entity.pdbx_description
1 polymer 'Transient receptor potential cation channel subfamily V member 1'
2 non-polymer 1,2-DIACYL-GLYCEROL-3-SN-PHOSPHATE
3 non-polymer 'SODIUM ION'
4 water water
#
_entity_poly.entity_id   1
_entity_poly.type   'polypeptide(L)'
_entity_poly.pdbx_seq_one_letter_code
;MEQRASLDSEESESPPQENSCLDPPDRDPNCKPPPVKPHIFTTRSRTRLFGKGDSEEASPLDCPYEEGGLASCPIITVSS
VLTIQRPGDGPASVRPSSQDSVSAGEKPPRLYDRRSIFDAVAQSNCQELESLLPFLQRSKKRLTDSEFKDPETGKTCLLK
AMLNLHNGQNDTIALLLDVARKTDSLKQFVNASYTDSYYKGQTALHIAIERRNMTLVTLLVENGADVQAAANGDFFKKTK
GRPGFYFGELPLSLAACTNQLAIVKFLLQNSWQPADISARDSVGNTVLHALVEVADNTVDNTKFVTSMYNEILILGAKLH
PTLKLEEITNRKGLTPLALAASSGKIGVLAYILQREIHEPECRHLSRKFTEWAYGPVHSSLYDLSCIDTCEKNSVLEVIA
YSSSETPNRHDMLLVEPLNRLLQDKWDRFVKRIFYFNFFVYCLYMIIFTAAAYYRPVEGLPPYKLKNTVGDYFRVTGEIL
SVSGGVYFFFRGIQYFLQRRPSLKSLFVDSYSEILFFVQSLFMLVSVVLYFSQRKEYVASMVFSLAMGWTNMLYYTRGFQ
QMGIYAVMIEKMILRDLCRFMFVYLVFLFGFSTAVVTLIEDGKYNSLYSTCLELFKFTIGMGDLEFTENYDFKAVFIILL
LAYVILTYILLLNMLIALMGETVNKIAQESKNIWKLQRAITILDTEKSFLKCMRKAFRSGKLLQVGFTPDGKDDYRWCFR
VDEVNWTTWNTNVGIINEDPGNCEGVKRTLSFSLRSGRVSGRNWKNFALVPLLRDASTRDRHATQQEEVQLKHYTGSLKP
EDAEVFKDSMVPGEK
;
_entity_poly.pdbx_strand_id   A,D,B,C
#
loop_
_chem_comp.id
_chem_comp.type
_chem_comp.name
_chem_comp.formula
3PH non-polymer 1,2-DIACYL-GLYCEROL-3-SN-PHOSPHATE 'C39 H77 O8 P'
NA non-polymer 'SODIUM ION' 'Na 1'
#
# COMPACT_ATOMS: atom_id res chain seq x y z
N SER A 197 -55.76 9.54 11.29
CA SER A 197 -54.91 10.09 10.20
C SER A 197 -53.64 9.27 10.02
N TYR A 198 -53.28 8.51 11.05
CA TYR A 198 -52.09 7.66 10.99
C TYR A 198 -52.42 6.27 10.47
N TYR A 199 -53.35 5.58 11.13
CA TYR A 199 -53.77 4.24 10.73
C TYR A 199 -55.08 4.25 9.97
N LYS A 200 -55.58 5.43 9.59
CA LYS A 200 -56.86 5.52 8.89
C LYS A 200 -56.72 5.01 7.46
N GLY A 201 -57.84 4.56 6.91
CA GLY A 201 -57.88 4.02 5.57
C GLY A 201 -57.60 2.54 5.46
N GLN A 202 -57.17 1.90 6.54
CA GLN A 202 -56.89 0.48 6.51
C GLN A 202 -58.19 -0.32 6.39
N THR A 203 -58.09 -1.47 5.71
CA THR A 203 -59.24 -2.33 5.49
C THR A 203 -58.82 -3.78 5.73
N ALA A 204 -59.79 -4.61 6.10
CA ALA A 204 -59.50 -5.99 6.48
C ALA A 204 -58.79 -6.74 5.36
N LEU A 205 -59.01 -6.35 4.10
CA LEU A 205 -58.35 -7.01 2.99
C LEU A 205 -56.83 -6.87 3.09
N HIS A 206 -56.35 -5.68 3.50
CA HIS A 206 -54.92 -5.48 3.65
C HIS A 206 -54.34 -6.41 4.70
N ILE A 207 -55.02 -6.52 5.85
CA ILE A 207 -54.56 -7.44 6.88
C ILE A 207 -54.52 -8.87 6.33
N ALA A 208 -55.61 -9.30 5.71
CA ALA A 208 -55.67 -10.65 5.17
C ALA A 208 -54.51 -10.91 4.21
N ILE A 209 -54.18 -9.91 3.38
CA ILE A 209 -53.08 -10.06 2.44
C ILE A 209 -51.75 -10.19 3.19
N GLU A 210 -51.56 -9.38 4.24
CA GLU A 210 -50.27 -9.30 4.91
C GLU A 210 -50.15 -10.24 6.10
N ARG A 211 -51.10 -11.16 6.29
CA ARG A 211 -50.97 -12.21 7.30
C ARG A 211 -50.58 -13.56 6.72
N ARG A 212 -50.65 -13.72 5.41
CA ARG A 212 -50.24 -14.98 4.72
C ARG A 212 -51.26 -16.09 5.01
N ASN A 213 -52.54 -15.74 5.20
CA ASN A 213 -53.61 -16.70 5.44
C ASN A 213 -54.40 -16.86 4.14
N MET A 214 -54.01 -17.86 3.34
CA MET A 214 -54.67 -18.06 2.05
C MET A 214 -56.16 -18.37 2.23
N THR A 215 -56.49 -19.25 3.17
CA THR A 215 -57.88 -19.65 3.38
C THR A 215 -58.72 -18.46 3.84
N LEU A 216 -58.23 -17.73 4.82
CA LEU A 216 -58.96 -16.57 5.31
C LEU A 216 -59.10 -15.52 4.22
N VAL A 217 -58.05 -15.33 3.42
CA VAL A 217 -58.11 -14.37 2.32
C VAL A 217 -59.19 -14.77 1.34
N THR A 218 -59.24 -16.05 0.97
CA THR A 218 -60.26 -16.52 0.05
C THR A 218 -61.65 -16.30 0.61
N LEU A 219 -61.85 -16.68 1.88
CA LEU A 219 -63.17 -16.53 2.49
C LEU A 219 -63.59 -15.06 2.52
N LEU A 220 -62.67 -14.17 2.89
CA LEU A 220 -62.99 -12.75 2.91
C LEU A 220 -63.32 -12.25 1.51
N VAL A 221 -62.59 -12.73 0.50
CA VAL A 221 -62.87 -12.32 -0.87
C VAL A 221 -64.27 -12.76 -1.28
N GLU A 222 -64.67 -13.97 -0.90
CA GLU A 222 -65.97 -14.48 -1.29
C GLU A 222 -67.12 -13.63 -0.77
N ASN A 223 -66.90 -12.82 0.26
CA ASN A 223 -67.97 -12.01 0.82
C ASN A 223 -68.54 -11.02 -0.18
N GLY A 224 -67.74 -10.61 -1.17
CA GLY A 224 -68.18 -9.64 -2.15
C GLY A 224 -67.70 -8.23 -1.91
N ALA A 225 -66.84 -7.99 -0.93
CA ALA A 225 -66.34 -6.65 -0.67
C ALA A 225 -65.44 -6.19 -1.80
N ASP A 226 -65.38 -4.87 -1.98
CA ASP A 226 -64.57 -4.30 -3.04
C ASP A 226 -63.09 -4.61 -2.81
N VAL A 227 -62.37 -4.83 -3.91
CA VAL A 227 -60.95 -5.16 -3.86
C VAL A 227 -60.09 -4.02 -4.42
N GLN A 228 -60.66 -2.82 -4.51
CA GLN A 228 -59.93 -1.64 -4.99
C GLN A 228 -59.87 -0.55 -3.92
N ALA A 229 -60.06 -0.92 -2.66
CA ALA A 229 -60.01 0.06 -1.58
C ALA A 229 -58.60 0.59 -1.40
N ALA A 230 -58.48 1.88 -1.13
CA ALA A 230 -57.21 2.55 -0.94
C ALA A 230 -57.12 3.13 0.46
N ALA A 231 -55.98 2.96 1.11
CA ALA A 231 -55.75 3.45 2.46
C ALA A 231 -54.98 4.76 2.39
N ASN A 232 -55.55 5.82 2.97
CA ASN A 232 -54.95 7.15 2.94
C ASN A 232 -54.24 7.51 4.24
N GLY A 233 -54.03 6.55 5.13
CA GLY A 233 -53.39 6.84 6.39
C GLY A 233 -51.97 7.36 6.20
N ASP A 234 -51.57 8.26 7.09
CA ASP A 234 -50.21 8.81 7.04
C ASP A 234 -49.15 7.74 7.19
N PHE A 235 -49.49 6.61 7.83
CA PHE A 235 -48.53 5.51 7.93
C PHE A 235 -48.14 4.99 6.56
N PHE A 236 -48.98 5.21 5.55
CA PHE A 236 -48.73 4.74 4.19
C PHE A 236 -48.17 5.84 3.29
N LYS A 237 -47.84 7.00 3.85
CA LYS A 237 -47.31 8.10 3.05
C LYS A 237 -45.84 7.84 2.69
N LYS A 238 -45.34 8.65 1.76
CA LYS A 238 -43.99 8.44 1.24
C LYS A 238 -42.95 8.61 2.34
N THR A 239 -42.77 9.83 2.84
CA THR A 239 -41.77 10.11 3.87
C THR A 239 -42.34 11.05 4.93
N LYS A 240 -43.62 10.89 5.26
CA LYS A 240 -44.24 11.67 6.33
C LYS A 240 -44.05 10.91 7.64
N GLY A 241 -42.86 11.06 8.21
CA GLY A 241 -42.50 10.34 9.43
C GLY A 241 -41.64 9.13 9.11
N ARG A 242 -40.60 8.91 9.92
CA ARG A 242 -39.72 7.78 9.65
C ARG A 242 -40.46 6.46 9.59
N PRO A 243 -41.41 6.16 10.47
CA PRO A 243 -42.25 4.97 10.26
C PRO A 243 -43.03 5.09 8.96
N GLY A 244 -43.17 3.98 8.26
CA GLY A 244 -43.89 3.97 7.01
C GLY A 244 -43.45 2.86 6.07
N PHE A 245 -44.43 2.21 5.43
CA PHE A 245 -44.16 1.13 4.48
C PHE A 245 -44.97 1.45 3.22
N TYR A 246 -44.39 2.25 2.33
CA TYR A 246 -45.07 2.60 1.10
C TYR A 246 -45.18 1.36 0.21
N PHE A 247 -46.39 1.12 -0.30
CA PHE A 247 -46.64 -0.10 -1.08
C PHE A 247 -47.52 0.16 -2.30
N GLY A 248 -47.70 1.41 -2.71
CA GLY A 248 -48.59 1.73 -3.80
C GLY A 248 -50.03 1.97 -3.42
N GLU A 249 -50.39 1.73 -2.16
CA GLU A 249 -51.67 2.09 -1.57
C GLU A 249 -52.81 1.18 -2.01
N LEU A 250 -52.53 0.09 -2.71
CA LEU A 250 -53.56 -0.84 -3.15
C LEU A 250 -53.23 -2.26 -2.73
N PRO A 251 -54.25 -3.09 -2.50
CA PRO A 251 -53.98 -4.47 -2.03
C PRO A 251 -53.18 -5.29 -3.02
N LEU A 252 -53.40 -5.09 -4.32
CA LEU A 252 -52.64 -5.84 -5.31
C LEU A 252 -51.15 -5.56 -5.17
N SER A 253 -50.81 -4.31 -4.90
CA SER A 253 -49.39 -3.91 -4.72
C SER A 253 -48.90 -4.51 -3.41
N LEU A 254 -49.75 -4.65 -2.38
CA LEU A 254 -49.37 -5.35 -1.16
C LEU A 254 -48.96 -6.78 -1.47
N ALA A 255 -49.79 -7.48 -2.26
CA ALA A 255 -49.44 -8.84 -2.65
C ALA A 255 -48.15 -8.86 -3.44
N ALA A 256 -47.98 -7.92 -4.37
CA ALA A 256 -46.81 -7.91 -5.23
C ALA A 256 -45.52 -7.74 -4.42
N CYS A 257 -45.52 -6.83 -3.45
CA CYS A 257 -44.30 -6.47 -2.73
C CYS A 257 -44.10 -7.28 -1.44
N THR A 258 -45.05 -8.14 -1.06
CA THR A 258 -44.97 -8.88 0.23
C THR A 258 -44.83 -10.39 -0.01
N ASN A 259 -44.02 -10.82 -0.96
CA ASN A 259 -43.72 -12.23 -1.21
C ASN A 259 -44.94 -13.01 -1.68
N GLN A 260 -46.05 -12.34 -1.94
CA GLN A 260 -47.30 -13.01 -2.28
C GLN A 260 -47.34 -13.27 -3.78
N LEU A 261 -47.24 -14.54 -4.17
CA LEU A 261 -47.35 -14.94 -5.57
C LEU A 261 -48.63 -15.73 -5.83
N ALA A 262 -48.89 -16.78 -5.06
CA ALA A 262 -50.15 -17.51 -5.20
C ALA A 262 -51.33 -16.61 -4.87
N ILE A 263 -51.18 -15.71 -3.90
CA ILE A 263 -52.27 -14.83 -3.53
C ILE A 263 -52.62 -13.90 -4.68
N VAL A 264 -51.60 -13.29 -5.31
CA VAL A 264 -51.87 -12.41 -6.44
C VAL A 264 -52.44 -13.20 -7.61
N LYS A 265 -51.95 -14.44 -7.80
CA LYS A 265 -52.53 -15.30 -8.82
C LYS A 265 -54.03 -15.48 -8.58
N PHE A 266 -54.40 -15.76 -7.33
CA PHE A 266 -55.81 -15.94 -7.00
C PHE A 266 -56.60 -14.65 -7.23
N LEU A 267 -56.06 -13.52 -6.81
CA LEU A 267 -56.78 -12.25 -6.98
C LEU A 267 -57.01 -11.96 -8.45
N LEU A 268 -56.00 -12.17 -9.29
CA LEU A 268 -56.11 -11.82 -10.70
C LEU A 268 -56.77 -12.90 -11.54
N GLN A 269 -56.97 -14.11 -10.98
CA GLN A 269 -57.55 -15.22 -11.72
C GLN A 269 -58.89 -15.66 -11.16
N ASN A 270 -59.56 -14.81 -10.37
CA ASN A 270 -60.85 -15.14 -9.79
C ASN A 270 -61.95 -14.57 -10.66
N SER A 271 -62.95 -15.41 -10.97
CA SER A 271 -64.06 -14.98 -11.80
C SER A 271 -65.05 -14.10 -11.06
N TRP A 272 -64.98 -14.06 -9.73
CA TRP A 272 -65.90 -13.22 -8.96
C TRP A 272 -65.73 -11.75 -9.34
N GLN A 273 -64.55 -11.20 -9.07
CA GLN A 273 -64.25 -9.82 -9.42
C GLN A 273 -62.74 -9.62 -9.47
N PRO A 274 -62.08 -9.95 -10.58
CA PRO A 274 -60.62 -9.82 -10.63
C PRO A 274 -60.18 -8.38 -10.41
N ALA A 275 -59.04 -8.22 -9.74
CA ALA A 275 -58.51 -6.90 -9.45
C ALA A 275 -57.92 -6.27 -10.70
N ASP A 276 -58.28 -5.03 -10.96
CA ASP A 276 -57.76 -4.32 -12.13
C ASP A 276 -56.26 -4.04 -11.97
N ILE A 277 -55.56 -3.99 -13.09
CA ILE A 277 -54.11 -3.81 -13.08
C ILE A 277 -53.74 -2.34 -13.19
N SER A 278 -54.37 -1.62 -14.12
CA SER A 278 -53.99 -0.22 -14.44
C SER A 278 -54.30 0.77 -13.31
N ALA A 279 -54.84 0.34 -12.17
CA ALA A 279 -55.21 1.29 -11.14
C ALA A 279 -53.99 2.08 -10.67
N ARG A 280 -54.15 3.40 -10.55
CA ARG A 280 -53.07 4.31 -10.08
C ARG A 280 -53.54 4.97 -8.79
N ASP A 281 -52.68 5.02 -7.76
CA ASP A 281 -53.01 5.57 -6.45
C ASP A 281 -53.01 7.10 -6.52
N SER A 282 -53.06 7.74 -5.35
CA SER A 282 -53.09 9.19 -5.31
C SER A 282 -51.86 9.79 -5.99
N VAL A 283 -50.67 9.25 -5.68
CA VAL A 283 -49.44 9.73 -6.31
C VAL A 283 -49.36 9.32 -7.77
N GLY A 284 -50.18 8.37 -8.20
CA GLY A 284 -50.16 7.89 -9.57
C GLY A 284 -49.34 6.63 -9.79
N ASN A 285 -48.65 6.15 -8.77
CA ASN A 285 -47.84 4.95 -8.94
C ASN A 285 -48.69 3.75 -9.30
N THR A 286 -48.16 2.90 -10.17
CA THR A 286 -48.79 1.64 -10.53
C THR A 286 -48.06 0.51 -9.80
N VAL A 287 -48.55 -0.72 -9.98
CA VAL A 287 -47.90 -1.86 -9.35
C VAL A 287 -46.43 -1.93 -9.74
N LEU A 288 -46.12 -1.72 -11.02
CA LEU A 288 -44.73 -1.72 -11.46
C LEU A 288 -43.94 -0.61 -10.79
N HIS A 289 -44.52 0.59 -10.71
CA HIS A 289 -43.83 1.69 -10.06
C HIS A 289 -43.58 1.39 -8.60
N ALA A 290 -44.56 0.81 -7.91
CA ALA A 290 -44.36 0.43 -6.52
C ALA A 290 -43.23 -0.59 -6.39
N LEU A 291 -43.20 -1.58 -7.28
CA LEU A 291 -42.14 -2.57 -7.24
C LEU A 291 -40.79 -1.91 -7.41
N VAL A 292 -40.69 -0.96 -8.35
CA VAL A 292 -39.42 -0.27 -8.56
C VAL A 292 -39.03 0.50 -7.30
N GLU A 293 -40.01 1.17 -6.67
CA GLU A 293 -39.70 1.96 -5.47
C GLU A 293 -39.21 1.07 -4.34
N VAL A 294 -39.83 -0.09 -4.16
CA VAL A 294 -39.47 -0.96 -3.04
C VAL A 294 -38.04 -1.45 -3.13
N ALA A 295 -37.44 -1.44 -4.31
CA ALA A 295 -36.09 -1.95 -4.47
C ALA A 295 -35.11 -1.12 -3.65
N ASP A 296 -34.06 -1.78 -3.15
CA ASP A 296 -33.05 -1.10 -2.34
C ASP A 296 -31.63 -1.52 -2.70
N ASN A 297 -31.40 -2.00 -3.92
CA ASN A 297 -30.05 -2.35 -4.39
C ASN A 297 -29.39 -3.38 -3.47
N THR A 298 -30.07 -4.51 -3.28
CA THR A 298 -29.52 -5.64 -2.54
C THR A 298 -29.75 -6.90 -3.35
N VAL A 299 -28.80 -7.83 -3.27
CA VAL A 299 -28.82 -9.00 -4.15
C VAL A 299 -30.12 -9.77 -3.96
N ASP A 300 -30.46 -10.09 -2.72
CA ASP A 300 -31.71 -10.80 -2.47
C ASP A 300 -32.92 -9.96 -2.87
N ASN A 301 -32.92 -8.68 -2.47
CA ASN A 301 -34.01 -7.81 -2.84
C ASN A 301 -34.11 -7.65 -4.35
N THR A 302 -32.96 -7.52 -5.03
CA THR A 302 -32.97 -7.35 -6.47
C THR A 302 -33.52 -8.57 -7.19
N LYS A 303 -33.07 -9.77 -6.80
CA LYS A 303 -33.56 -10.98 -7.44
C LYS A 303 -35.05 -11.15 -7.18
N PHE A 304 -35.50 -10.91 -5.95
CA PHE A 304 -36.93 -10.95 -5.67
C PHE A 304 -37.70 -9.98 -6.55
N VAL A 305 -37.24 -8.74 -6.63
CA VAL A 305 -37.98 -7.72 -7.35
C VAL A 305 -38.07 -8.07 -8.83
N THR A 306 -36.96 -8.50 -9.43
CA THR A 306 -36.99 -8.83 -10.84
C THR A 306 -37.87 -10.05 -11.10
N SER A 307 -37.83 -11.06 -10.22
CA SER A 307 -38.68 -12.22 -10.41
C SER A 307 -40.15 -11.82 -10.36
N MET A 308 -40.54 -11.05 -9.35
CA MET A 308 -41.93 -10.63 -9.24
C MET A 308 -42.34 -9.78 -10.44
N TYR A 309 -41.46 -8.87 -10.87
CA TYR A 309 -41.74 -8.04 -12.03
C TYR A 309 -42.01 -8.89 -13.26
N ASN A 310 -41.15 -9.88 -13.51
CA ASN A 310 -41.34 -10.75 -14.66
C ASN A 310 -42.65 -11.51 -14.57
N GLU A 311 -42.96 -12.05 -13.38
CA GLU A 311 -44.19 -12.81 -13.23
C GLU A 311 -45.41 -11.95 -13.52
N ILE A 312 -45.47 -10.76 -12.92
CA ILE A 312 -46.65 -9.91 -13.11
C ILE A 312 -46.75 -9.50 -14.57
N LEU A 313 -45.62 -9.17 -15.19
CA LEU A 313 -45.64 -8.75 -16.58
C LEU A 313 -46.18 -9.84 -17.49
N ILE A 314 -45.68 -11.07 -17.31
CA ILE A 314 -46.13 -12.16 -18.18
C ILE A 314 -47.61 -12.45 -17.94
N LEU A 315 -48.04 -12.44 -16.67
CA LEU A 315 -49.45 -12.70 -16.39
C LEU A 315 -50.35 -11.65 -17.03
N GLY A 316 -49.99 -10.36 -16.86
CA GLY A 316 -50.79 -9.31 -17.45
C GLY A 316 -50.83 -9.40 -18.97
N ALA A 317 -49.68 -9.68 -19.59
CA ALA A 317 -49.64 -9.81 -21.03
C ALA A 317 -50.53 -10.95 -21.50
N LYS A 318 -50.47 -12.09 -20.80
CA LYS A 318 -51.28 -13.24 -21.18
C LYS A 318 -52.78 -12.91 -21.06
N LEU A 319 -53.17 -12.27 -19.95
CA LEU A 319 -54.59 -12.01 -19.74
C LEU A 319 -55.11 -10.91 -20.68
N HIS A 320 -54.36 -9.83 -20.83
CA HIS A 320 -54.75 -8.70 -21.66
C HIS A 320 -53.59 -8.36 -22.60
N PRO A 321 -53.37 -9.17 -23.63
CA PRO A 321 -52.26 -8.88 -24.56
C PRO A 321 -52.41 -7.55 -25.29
N THR A 322 -53.64 -7.03 -25.42
CA THR A 322 -53.82 -5.78 -26.15
C THR A 322 -53.16 -4.60 -25.44
N LEU A 323 -53.22 -4.57 -24.11
CA LEU A 323 -52.72 -3.43 -23.34
C LEU A 323 -51.24 -3.61 -23.02
N LYS A 324 -50.50 -2.51 -23.03
CA LYS A 324 -49.08 -2.48 -22.69
C LYS A 324 -48.89 -1.60 -21.47
N LEU A 325 -48.19 -2.12 -20.47
CA LEU A 325 -48.05 -1.44 -19.19
C LEU A 325 -46.87 -0.50 -19.14
N GLU A 326 -45.80 -0.78 -19.89
CA GLU A 326 -44.58 -0.01 -19.78
C GLU A 326 -44.75 1.44 -20.23
N GLU A 327 -45.83 1.77 -20.94
CA GLU A 327 -46.06 3.12 -21.42
C GLU A 327 -46.90 3.97 -20.48
N ILE A 328 -47.40 3.40 -19.39
CA ILE A 328 -48.24 4.11 -18.44
C ILE A 328 -47.34 4.83 -17.44
N THR A 329 -47.57 6.13 -17.26
CA THR A 329 -46.73 6.97 -16.43
C THR A 329 -47.59 7.70 -15.41
N ASN A 330 -46.98 8.00 -14.26
CA ASN A 330 -47.68 8.69 -13.18
C ASN A 330 -47.71 10.19 -13.47
N ARG A 331 -48.17 10.97 -12.49
CA ARG A 331 -48.30 12.44 -12.63
C ARG A 331 -46.97 13.05 -13.08
N LYS A 332 -45.85 12.67 -12.45
CA LYS A 332 -44.55 13.26 -12.78
C LYS A 332 -44.05 12.87 -14.15
N GLY A 333 -44.79 12.05 -14.90
CA GLY A 333 -44.36 11.67 -16.22
C GLY A 333 -43.10 10.82 -16.22
N LEU A 334 -43.00 9.88 -15.29
CA LEU A 334 -41.88 8.96 -15.21
C LEU A 334 -42.36 7.55 -15.47
N THR A 335 -41.79 6.91 -16.48
CA THR A 335 -42.05 5.50 -16.73
C THR A 335 -41.26 4.66 -15.74
N PRO A 336 -41.63 3.38 -15.56
CA PRO A 336 -40.89 2.54 -14.61
C PRO A 336 -39.40 2.50 -14.90
N LEU A 337 -39.00 2.41 -16.18
CA LEU A 337 -37.59 2.44 -16.51
C LEU A 337 -36.97 3.80 -16.17
N ALA A 338 -37.65 4.89 -16.55
CA ALA A 338 -37.15 6.22 -16.23
C ALA A 338 -37.11 6.43 -14.72
N LEU A 339 -38.14 5.96 -14.01
CA LEU A 339 -38.15 6.10 -12.55
C LEU A 339 -36.99 5.33 -11.93
N ALA A 340 -36.71 4.13 -12.41
CA ALA A 340 -35.59 3.38 -11.90
C ALA A 340 -34.27 4.10 -12.17
N ALA A 341 -34.14 4.69 -13.36
CA ALA A 341 -32.93 5.43 -13.68
C ALA A 341 -32.75 6.63 -12.77
N SER A 342 -33.83 7.36 -12.51
CA SER A 342 -33.73 8.58 -11.70
C SER A 342 -33.31 8.26 -10.27
N SER A 343 -33.85 7.20 -9.69
CA SER A 343 -33.57 6.85 -8.31
C SER A 343 -32.29 6.04 -8.14
N GLY A 344 -31.59 5.73 -9.23
CA GLY A 344 -30.36 4.97 -9.13
C GLY A 344 -30.54 3.54 -8.65
N LYS A 345 -31.54 2.84 -9.18
CA LYS A 345 -31.74 1.42 -8.88
C LYS A 345 -30.99 0.61 -9.93
N ILE A 346 -29.78 0.18 -9.60
CA ILE A 346 -28.92 -0.47 -10.60
C ILE A 346 -29.53 -1.79 -11.06
N GLY A 347 -30.01 -2.60 -10.11
CA GLY A 347 -30.46 -3.94 -10.47
C GLY A 347 -31.64 -3.93 -11.41
N VAL A 348 -32.65 -3.11 -11.11
CA VAL A 348 -33.85 -3.07 -11.93
C VAL A 348 -33.51 -2.58 -13.34
N LEU A 349 -32.70 -1.53 -13.44
CA LEU A 349 -32.32 -1.01 -14.75
C LEU A 349 -31.54 -2.06 -15.54
N ALA A 350 -30.60 -2.73 -14.88
CA ALA A 350 -29.81 -3.75 -15.57
C ALA A 350 -30.70 -4.87 -16.08
N TYR A 351 -31.64 -5.34 -15.26
CA TYR A 351 -32.52 -6.40 -15.70
C TYR A 351 -33.41 -5.94 -16.85
N ILE A 352 -33.95 -4.73 -16.76
CA ILE A 352 -34.92 -4.27 -17.76
C ILE A 352 -34.24 -4.04 -19.10
N LEU A 353 -33.04 -3.47 -19.11
CA LEU A 353 -32.41 -3.11 -20.37
C LEU A 353 -32.15 -4.33 -21.24
N GLN A 354 -31.73 -5.44 -20.62
CA GLN A 354 -31.43 -6.68 -21.33
C GLN A 354 -32.39 -7.79 -20.93
N ARG A 355 -33.68 -7.45 -20.83
CA ARG A 355 -34.69 -8.45 -20.49
C ARG A 355 -34.86 -9.43 -21.63
N GLU A 356 -34.84 -10.72 -21.30
CA GLU A 356 -34.98 -11.79 -22.28
C GLU A 356 -36.07 -12.75 -21.82
N ILE A 357 -37.01 -13.06 -22.70
CA ILE A 357 -38.10 -13.99 -22.43
C ILE A 357 -37.98 -15.15 -23.41
N HIS A 358 -37.99 -16.37 -22.89
CA HIS A 358 -37.77 -17.58 -23.67
C HIS A 358 -39.03 -18.45 -23.70
N GLU A 359 -40.19 -17.83 -23.88
CA GLU A 359 -41.45 -18.55 -23.94
C GLU A 359 -42.23 -18.15 -25.18
N PRO A 360 -42.92 -19.10 -25.82
CA PRO A 360 -43.71 -18.74 -27.01
C PRO A 360 -44.81 -17.75 -26.65
N GLU A 361 -45.11 -16.87 -27.61
CA GLU A 361 -46.11 -15.82 -27.48
C GLU A 361 -45.71 -14.75 -26.46
N CYS A 362 -44.44 -14.75 -26.04
CA CYS A 362 -43.95 -13.73 -25.11
C CYS A 362 -42.61 -13.17 -25.53
N ARG A 363 -42.11 -13.51 -26.73
CA ARG A 363 -40.84 -12.96 -27.18
C ARG A 363 -40.91 -11.45 -27.36
N HIS A 364 -42.03 -10.95 -27.87
CA HIS A 364 -42.13 -9.53 -28.15
C HIS A 364 -42.05 -8.69 -26.88
N LEU A 365 -42.22 -9.29 -25.70
CA LEU A 365 -42.06 -8.56 -24.46
C LEU A 365 -40.60 -8.33 -24.09
N SER A 366 -39.67 -9.03 -24.73
CA SER A 366 -38.26 -8.91 -24.41
C SER A 366 -37.59 -7.85 -25.26
N ARG A 367 -36.41 -7.43 -24.83
CA ARG A 367 -35.62 -6.42 -25.52
C ARG A 367 -34.36 -6.98 -26.18
N LYS A 368 -33.69 -7.94 -25.55
CA LYS A 368 -32.51 -8.57 -26.14
C LYS A 368 -32.93 -9.79 -26.94
N PHE A 369 -32.31 -9.95 -28.11
CA PHE A 369 -32.65 -11.04 -29.02
C PHE A 369 -31.37 -11.71 -29.48
N THR A 370 -31.50 -12.61 -30.46
CA THR A 370 -30.36 -13.31 -31.05
C THR A 370 -30.67 -13.50 -32.53
N GLU A 371 -30.15 -12.60 -33.36
CA GLU A 371 -30.48 -12.63 -34.78
C GLU A 371 -30.00 -13.91 -35.43
N TRP A 372 -28.77 -14.33 -35.14
CA TRP A 372 -28.23 -15.55 -35.71
C TRP A 372 -27.02 -16.00 -34.91
N ALA A 373 -26.65 -17.26 -35.09
CA ALA A 373 -25.50 -17.84 -34.41
C ALA A 373 -24.80 -18.80 -35.35
N TYR A 374 -23.49 -18.96 -35.15
CA TYR A 374 -22.70 -19.88 -35.95
C TYR A 374 -21.41 -20.18 -35.19
N GLY A 375 -21.16 -21.46 -34.89
CA GLY A 375 -20.01 -21.84 -34.13
C GLY A 375 -20.00 -21.19 -32.76
N PRO A 376 -18.86 -20.65 -32.34
CA PRO A 376 -18.79 -19.96 -31.05
C PRO A 376 -19.12 -18.48 -31.09
N VAL A 377 -19.50 -17.95 -32.24
CA VAL A 377 -19.79 -16.51 -32.41
C VAL A 377 -21.26 -16.37 -32.77
N HIS A 378 -21.97 -15.55 -32.01
CA HIS A 378 -23.38 -15.25 -32.28
C HIS A 378 -23.63 -13.77 -32.00
N SER A 379 -24.54 -13.20 -32.78
CA SER A 379 -24.81 -11.77 -32.75
C SER A 379 -26.13 -11.51 -32.03
N SER A 380 -26.11 -10.57 -31.08
CA SER A 380 -27.29 -10.17 -30.34
C SER A 380 -27.84 -8.85 -30.88
N LEU A 381 -28.95 -8.42 -30.30
CA LEU A 381 -29.56 -7.14 -30.65
C LEU A 381 -30.07 -6.49 -29.37
N TYR A 382 -30.21 -5.16 -29.43
CA TYR A 382 -30.73 -4.41 -28.30
C TYR A 382 -31.69 -3.35 -28.80
N ASP A 383 -32.76 -3.13 -28.06
CA ASP A 383 -33.76 -2.12 -28.42
C ASP A 383 -33.34 -0.78 -27.85
N LEU A 384 -33.21 0.23 -28.73
CA LEU A 384 -32.84 1.57 -28.31
C LEU A 384 -34.04 2.48 -28.13
N SER A 385 -35.25 1.98 -28.32
CA SER A 385 -36.43 2.80 -28.06
C SER A 385 -36.46 3.20 -26.59
N CYS A 386 -36.67 4.49 -26.34
CA CYS A 386 -36.72 5.04 -25.00
C CYS A 386 -35.38 4.99 -24.27
N ILE A 387 -34.27 5.07 -25.01
CA ILE A 387 -32.93 5.14 -24.43
C ILE A 387 -32.21 6.43 -24.83
N ASP A 388 -32.32 6.80 -26.11
CA ASP A 388 -31.61 7.99 -26.64
C ASP A 388 -32.57 9.18 -26.78
N THR A 389 -33.81 8.96 -27.24
CA THR A 389 -34.78 10.04 -27.43
C THR A 389 -36.19 9.46 -27.32
N CYS A 390 -36.79 9.55 -26.13
CA CYS A 390 -38.15 9.11 -25.91
C CYS A 390 -39.17 10.23 -26.13
N GLU A 391 -38.71 11.45 -26.42
CA GLU A 391 -39.49 12.66 -26.64
C GLU A 391 -40.05 13.23 -25.34
N LYS A 392 -39.91 12.55 -24.21
CA LYS A 392 -40.25 13.11 -22.91
C LYS A 392 -39.06 13.12 -21.95
N ASN A 393 -38.41 11.97 -21.75
CA ASN A 393 -37.18 11.92 -20.99
C ASN A 393 -36.48 10.59 -21.24
N SER A 394 -35.29 10.64 -21.84
CA SER A 394 -34.54 9.43 -22.12
C SER A 394 -33.79 8.97 -20.87
N VAL A 395 -33.36 7.71 -20.90
CA VAL A 395 -32.51 7.21 -19.82
C VAL A 395 -31.20 7.99 -19.79
N LEU A 396 -30.60 8.21 -20.95
CA LEU A 396 -29.33 8.93 -21.00
C LEU A 396 -29.49 10.37 -20.50
N GLU A 397 -30.55 11.04 -20.94
CA GLU A 397 -30.75 12.42 -20.51
C GLU A 397 -30.97 12.51 -19.01
N VAL A 398 -31.78 11.59 -18.46
CA VAL A 398 -32.09 11.65 -17.04
C VAL A 398 -30.86 11.31 -16.21
N ILE A 399 -30.11 10.29 -16.60
CA ILE A 399 -28.93 9.90 -15.83
C ILE A 399 -27.84 10.97 -15.92
N ALA A 400 -27.69 11.59 -17.09
CA ALA A 400 -26.61 12.55 -17.27
C ALA A 400 -26.87 13.85 -16.50
N TYR A 401 -28.12 14.31 -16.47
CA TYR A 401 -28.45 15.59 -15.87
C TYR A 401 -28.87 15.47 -14.40
N SER A 402 -28.89 14.26 -13.85
CA SER A 402 -29.33 14.08 -12.47
C SER A 402 -28.33 14.71 -11.51
N SER A 403 -28.84 15.25 -10.41
CA SER A 403 -27.99 15.90 -9.42
C SER A 403 -27.17 14.86 -8.66
N SER A 404 -26.12 15.34 -8.00
CA SER A 404 -25.08 14.46 -7.47
C SER A 404 -25.57 13.57 -6.33
N GLU A 405 -26.65 13.95 -5.65
CA GLU A 405 -27.08 13.16 -4.49
C GLU A 405 -27.57 11.77 -4.86
N THR A 406 -27.82 11.50 -6.14
CA THR A 406 -28.27 10.17 -6.55
C THR A 406 -27.21 9.14 -6.16
N PRO A 407 -27.61 7.97 -5.66
CA PRO A 407 -26.61 7.04 -5.12
C PRO A 407 -25.53 6.63 -6.11
N ASN A 408 -25.90 6.05 -7.25
CA ASN A 408 -24.95 5.34 -8.08
C ASN A 408 -24.83 5.94 -9.49
N ARG A 409 -24.71 7.26 -9.58
CA ARG A 409 -24.57 7.89 -10.90
C ARG A 409 -23.33 7.38 -11.61
N HIS A 410 -22.20 7.33 -10.92
CA HIS A 410 -20.94 6.98 -11.58
C HIS A 410 -20.97 5.55 -12.10
N ASP A 411 -21.53 4.62 -11.32
CA ASP A 411 -21.44 3.20 -11.60
C ASP A 411 -22.61 2.68 -12.44
N MET A 412 -23.48 3.56 -12.92
CA MET A 412 -24.65 3.12 -13.67
C MET A 412 -24.39 3.02 -15.16
N LEU A 413 -23.47 3.83 -15.70
CA LEU A 413 -23.22 3.84 -17.14
C LEU A 413 -22.36 2.68 -17.59
N LEU A 414 -22.13 1.68 -16.76
CA LEU A 414 -21.39 0.49 -17.15
C LEU A 414 -22.29 -0.59 -17.73
N VAL A 415 -23.62 -0.39 -17.73
CA VAL A 415 -24.52 -1.37 -18.31
C VAL A 415 -24.20 -1.54 -19.79
N GLU A 416 -24.52 -2.71 -20.33
CA GLU A 416 -23.97 -3.14 -21.61
C GLU A 416 -24.27 -2.16 -22.74
N PRO A 417 -25.53 -2.00 -23.17
CA PRO A 417 -25.77 -1.19 -24.37
C PRO A 417 -25.32 0.25 -24.26
N LEU A 418 -25.41 0.85 -23.06
CA LEU A 418 -25.16 2.29 -22.93
C LEU A 418 -23.71 2.62 -23.25
N ASN A 419 -22.77 1.83 -22.73
CA ASN A 419 -21.36 2.13 -22.96
C ASN A 419 -21.02 2.10 -24.45
N ARG A 420 -21.47 1.04 -25.14
CA ARG A 420 -21.21 0.94 -26.56
C ARG A 420 -21.88 2.07 -27.32
N LEU A 421 -23.10 2.44 -26.93
CA LEU A 421 -23.80 3.53 -27.60
C LEU A 421 -23.02 4.83 -27.49
N LEU A 422 -22.55 5.15 -26.28
CA LEU A 422 -21.80 6.39 -26.09
C LEU A 422 -20.51 6.36 -26.89
N GLN A 423 -19.78 5.25 -26.85
CA GLN A 423 -18.53 5.15 -27.60
C GLN A 423 -18.78 5.33 -29.09
N ASP A 424 -19.86 4.72 -29.60
CA ASP A 424 -20.17 4.83 -31.02
C ASP A 424 -20.46 6.27 -31.40
N LYS A 425 -21.33 6.95 -30.64
CA LYS A 425 -21.64 8.34 -30.96
C LYS A 425 -20.38 9.19 -30.96
N TRP A 426 -19.55 9.02 -29.93
CA TRP A 426 -18.31 9.76 -29.84
C TRP A 426 -17.51 9.58 -31.11
N ASP A 427 -17.08 8.33 -31.36
CA ASP A 427 -16.23 8.05 -32.51
C ASP A 427 -16.86 8.49 -33.81
N ARG A 428 -18.19 8.57 -33.87
CA ARG A 428 -18.86 8.95 -35.11
C ARG A 428 -18.65 10.43 -35.41
N PHE A 429 -19.04 11.31 -34.48
CA PHE A 429 -18.91 12.75 -34.79
C PHE A 429 -18.36 13.62 -33.66
N VAL A 430 -18.44 13.20 -32.40
CA VAL A 430 -18.10 14.12 -31.33
C VAL A 430 -16.61 14.40 -31.34
N LYS A 431 -15.79 13.43 -31.76
CA LYS A 431 -14.36 13.68 -31.83
C LYS A 431 -14.05 14.85 -32.75
N ARG A 432 -14.60 14.83 -33.96
CA ARG A 432 -14.33 15.92 -34.90
C ARG A 432 -14.84 17.25 -34.36
N ILE A 433 -16.08 17.27 -33.84
CA ILE A 433 -16.61 18.54 -33.36
C ILE A 433 -15.76 19.09 -32.23
N PHE A 434 -15.38 18.22 -31.28
CA PHE A 434 -14.60 18.66 -30.14
C PHE A 434 -13.24 19.19 -30.56
N TYR A 435 -12.58 18.52 -31.51
CA TYR A 435 -11.28 19.00 -31.96
C TYR A 435 -11.40 20.36 -32.62
N PHE A 436 -12.44 20.56 -33.43
CA PHE A 436 -12.61 21.86 -34.05
C PHE A 436 -12.81 22.94 -33.00
N ASN A 437 -13.61 22.67 -31.98
CA ASN A 437 -13.81 23.64 -30.92
C ASN A 437 -12.50 23.96 -30.20
N PHE A 438 -11.70 22.93 -29.92
CA PHE A 438 -10.41 23.13 -29.28
C PHE A 438 -9.54 24.07 -30.10
N PHE A 439 -9.48 23.82 -31.42
CA PHE A 439 -8.64 24.66 -32.27
C PHE A 439 -9.12 26.10 -32.27
N VAL A 440 -10.43 26.32 -32.38
CA VAL A 440 -10.94 27.69 -32.39
C VAL A 440 -10.59 28.40 -31.10
N TYR A 441 -10.77 27.72 -29.96
CA TYR A 441 -10.48 28.38 -28.68
C TYR A 441 -9.00 28.73 -28.58
N CYS A 442 -8.11 27.83 -28.98
CA CYS A 442 -6.69 28.13 -28.90
C CYS A 442 -6.33 29.33 -29.77
N LEU A 443 -6.89 29.38 -30.98
CA LEU A 443 -6.62 30.52 -31.86
C LEU A 443 -7.08 31.82 -31.22
N TYR A 444 -8.29 31.81 -30.64
CA TYR A 444 -8.80 33.02 -30.01
C TYR A 444 -7.90 33.47 -28.87
N MET A 445 -7.43 32.52 -28.06
CA MET A 445 -6.61 32.91 -26.91
C MET A 445 -5.26 33.45 -27.36
N ILE A 446 -4.67 32.87 -28.39
CA ILE A 446 -3.41 33.41 -28.91
C ILE A 446 -3.62 34.84 -29.39
N ILE A 447 -4.71 35.08 -30.12
CA ILE A 447 -4.99 36.44 -30.59
C ILE A 447 -5.12 37.39 -29.41
N PHE A 448 -5.87 36.97 -28.38
CA PHE A 448 -6.10 37.84 -27.24
C PHE A 448 -4.80 38.21 -26.54
N THR A 449 -3.95 37.21 -26.26
CA THR A 449 -2.71 37.50 -25.56
C THR A 449 -1.79 38.37 -26.40
N ALA A 450 -1.70 38.11 -27.70
CA ALA A 450 -0.85 38.95 -28.54
C ALA A 450 -1.34 40.39 -28.57
N ALA A 451 -2.65 40.58 -28.64
CA ALA A 451 -3.18 41.94 -28.69
C ALA A 451 -2.99 42.67 -27.37
N ALA A 452 -3.13 41.96 -26.24
CA ALA A 452 -3.03 42.61 -24.95
C ALA A 452 -1.58 42.91 -24.56
N TYR A 453 -0.64 42.04 -24.92
CA TYR A 453 0.75 42.23 -24.50
C TYR A 453 1.35 43.51 -25.04
N TYR A 454 0.77 44.10 -26.08
CA TYR A 454 1.32 45.29 -26.74
C TYR A 454 0.52 46.55 -26.41
N ARG A 455 -0.13 46.58 -25.27
CA ARG A 455 -0.96 47.73 -24.93
C ARG A 455 -0.11 48.99 -24.88
N PRO A 456 -0.59 50.12 -25.42
CA PRO A 456 0.17 51.36 -25.30
C PRO A 456 0.15 51.89 -23.88
N VAL A 457 1.18 52.65 -23.53
CA VAL A 457 1.34 53.21 -22.19
C VAL A 457 1.53 54.72 -22.36
N GLU A 458 0.44 55.46 -22.29
CA GLU A 458 0.47 56.92 -22.35
C GLU A 458 -0.27 57.57 -21.20
N GLY A 459 -1.39 57.00 -20.77
CA GLY A 459 -2.14 57.52 -19.65
C GLY A 459 -3.54 57.98 -19.98
N LEU A 460 -4.48 57.72 -19.07
CA LEU A 460 -5.85 58.20 -19.19
C LEU A 460 -6.47 57.80 -20.53
N PRO A 461 -6.83 56.54 -20.70
CA PRO A 461 -7.50 56.12 -21.94
C PRO A 461 -8.87 56.77 -22.06
N PRO A 462 -9.53 56.66 -23.22
CA PRO A 462 -9.10 55.94 -24.43
C PRO A 462 -7.93 56.61 -25.14
N TYR A 463 -7.27 55.85 -26.01
CA TYR A 463 -6.12 56.33 -26.77
C TYR A 463 -6.50 56.50 -28.23
N LYS A 464 -5.95 57.54 -28.86
CA LYS A 464 -6.24 57.83 -30.26
C LYS A 464 -5.30 57.01 -31.14
N LEU A 465 -5.88 56.28 -32.09
CA LEU A 465 -5.09 55.44 -32.97
C LEU A 465 -4.28 56.29 -33.94
N LYS A 466 -3.29 55.65 -34.56
CA LYS A 466 -2.44 56.27 -35.56
C LYS A 466 -2.58 55.54 -36.89
N ASN A 467 -2.19 56.22 -37.96
CA ASN A 467 -2.31 55.67 -39.31
C ASN A 467 -1.12 54.74 -39.59
N THR A 468 -1.14 53.60 -38.90
CA THR A 468 -0.13 52.57 -39.08
C THR A 468 -0.79 51.21 -38.90
N VAL A 469 -0.20 50.20 -39.54
CA VAL A 469 -0.78 48.86 -39.50
C VAL A 469 -0.85 48.35 -38.08
N GLY A 470 0.10 48.73 -37.23
CA GLY A 470 0.11 48.25 -35.86
C GLY A 470 -1.17 48.62 -35.11
N ASP A 471 -1.59 49.88 -35.23
CA ASP A 471 -2.78 50.31 -34.52
C ASP A 471 -4.02 49.60 -35.02
N TYR A 472 -4.14 49.42 -36.34
CA TYR A 472 -5.28 48.69 -36.88
C TYR A 472 -5.31 47.26 -36.35
N PHE A 473 -4.14 46.60 -36.33
CA PHE A 473 -4.08 45.25 -35.80
C PHE A 473 -4.49 45.21 -34.34
N ARG A 474 -4.02 46.17 -33.54
CA ARG A 474 -4.36 46.19 -32.13
C ARG A 474 -5.85 46.41 -31.92
N VAL A 475 -6.46 47.30 -32.71
CA VAL A 475 -7.89 47.54 -32.59
C VAL A 475 -8.66 46.29 -32.95
N THR A 476 -8.25 45.61 -34.02
CA THR A 476 -8.92 44.37 -34.40
C THR A 476 -8.81 43.33 -33.29
N GLY A 477 -7.62 43.21 -32.69
CA GLY A 477 -7.45 42.26 -31.60
C GLY A 477 -8.36 42.57 -30.42
N GLU A 478 -8.45 43.85 -30.05
CA GLU A 478 -9.34 44.22 -28.95
C GLU A 478 -10.78 43.87 -29.28
N ILE A 479 -11.21 44.15 -30.51
CA ILE A 479 -12.60 43.88 -30.89
C ILE A 479 -12.87 42.38 -30.82
N LEU A 480 -11.94 41.57 -31.34
CA LEU A 480 -12.12 40.13 -31.29
C LEU A 480 -12.23 39.64 -29.85
N SER A 481 -11.34 40.14 -28.97
CA SER A 481 -11.38 39.70 -27.58
C SER A 481 -12.71 40.07 -26.92
N VAL A 482 -13.20 41.28 -27.17
CA VAL A 482 -14.46 41.70 -26.56
C VAL A 482 -15.61 40.85 -27.09
N SER A 483 -15.60 40.55 -28.39
CA SER A 483 -16.66 39.73 -28.96
C SER A 483 -16.67 38.35 -28.31
N GLY A 484 -15.50 37.74 -28.15
CA GLY A 484 -15.43 36.45 -27.49
C GLY A 484 -15.94 36.52 -26.07
N GLY A 485 -15.55 37.55 -25.32
CA GLY A 485 -16.01 37.68 -23.96
C GLY A 485 -17.53 37.76 -23.87
N VAL A 486 -18.14 38.57 -24.73
CA VAL A 486 -19.60 38.74 -24.66
C VAL A 486 -20.30 37.47 -25.11
N TYR A 487 -19.75 36.77 -26.09
CA TYR A 487 -20.34 35.50 -26.51
C TYR A 487 -20.35 34.50 -25.37
N PHE A 488 -19.22 34.37 -24.66
CA PHE A 488 -19.18 33.47 -23.52
C PHE A 488 -20.17 33.91 -22.45
N PHE A 489 -20.32 35.21 -22.26
CA PHE A 489 -21.28 35.72 -21.28
C PHE A 489 -22.69 35.23 -21.59
N PHE A 490 -23.14 35.42 -22.84
CA PHE A 490 -24.47 34.92 -23.20
C PHE A 490 -24.57 33.41 -23.07
N ARG A 491 -23.56 32.65 -23.50
CA ARG A 491 -23.67 31.20 -23.39
C ARG A 491 -23.84 30.79 -21.93
N GLY A 492 -23.05 31.36 -21.04
CA GLY A 492 -23.18 31.03 -19.64
C GLY A 492 -24.53 31.39 -19.07
N ILE A 493 -25.03 32.59 -19.39
CA ILE A 493 -26.32 33.00 -18.84
C ILE A 493 -27.42 32.09 -19.36
N GLN A 494 -27.35 31.70 -20.63
CA GLN A 494 -28.35 30.80 -21.18
C GLN A 494 -28.34 29.46 -20.46
N TYR A 495 -27.14 28.89 -20.26
CA TYR A 495 -27.08 27.60 -19.59
C TYR A 495 -27.63 27.69 -18.17
N PHE A 496 -27.24 28.73 -17.43
CA PHE A 496 -27.73 28.88 -16.07
C PHE A 496 -29.24 29.05 -16.03
N LEU A 497 -29.78 29.80 -16.99
CA LEU A 497 -31.23 29.99 -17.04
C LEU A 497 -31.95 28.67 -17.32
N GLN A 498 -31.45 27.89 -18.27
CA GLN A 498 -32.13 26.65 -18.62
C GLN A 498 -32.06 25.64 -17.48
N ARG A 499 -30.86 25.38 -16.95
CA ARG A 499 -30.73 24.31 -15.97
C ARG A 499 -31.29 24.71 -14.61
N ARG A 500 -31.01 25.93 -14.16
CA ARG A 500 -31.45 26.39 -12.86
C ARG A 500 -31.06 25.38 -11.78
N PRO A 501 -29.78 25.24 -11.49
CA PRO A 501 -29.33 24.26 -10.49
C PRO A 501 -29.45 24.84 -9.08
N SER A 502 -29.17 23.97 -8.09
CA SER A 502 -29.26 24.35 -6.70
C SER A 502 -28.01 25.15 -6.30
N LEU A 503 -27.88 25.46 -5.01
CA LEU A 503 -26.74 26.22 -4.53
C LEU A 503 -25.56 25.33 -4.16
N LYS A 504 -25.81 24.20 -3.51
CA LYS A 504 -24.76 23.26 -3.14
C LYS A 504 -24.34 22.38 -4.30
N SER A 505 -25.05 22.42 -5.41
CA SER A 505 -24.68 21.68 -6.62
C SER A 505 -24.00 22.59 -7.64
N LEU A 506 -23.68 23.82 -7.27
CA LEU A 506 -23.04 24.77 -8.17
C LEU A 506 -21.51 24.74 -8.04
N PHE A 507 -20.97 23.87 -7.21
CA PHE A 507 -19.52 23.70 -7.11
C PHE A 507 -19.15 22.23 -7.32
N VAL A 508 -20.00 21.32 -6.85
CA VAL A 508 -19.79 19.91 -7.18
C VAL A 508 -20.02 19.68 -8.66
N ASP A 509 -20.97 20.40 -9.26
CA ASP A 509 -21.23 20.36 -10.68
C ASP A 509 -21.07 21.77 -11.25
N SER A 510 -21.08 21.86 -12.58
CA SER A 510 -20.94 23.14 -13.27
C SER A 510 -19.67 23.86 -12.82
N TYR A 511 -18.60 23.08 -12.62
CA TYR A 511 -17.36 23.65 -12.12
C TYR A 511 -16.60 24.43 -13.18
N SER A 512 -16.96 24.26 -14.46
CA SER A 512 -16.30 24.99 -15.54
C SER A 512 -17.14 26.12 -16.10
N GLU A 513 -18.47 25.99 -16.09
CA GLU A 513 -19.32 27.09 -16.53
C GLU A 513 -19.13 28.30 -15.65
N ILE A 514 -18.98 28.09 -14.34
CA ILE A 514 -18.76 29.20 -13.43
C ILE A 514 -17.46 29.92 -13.79
N LEU A 515 -16.40 29.17 -14.11
CA LEU A 515 -15.13 29.80 -14.44
C LEU A 515 -15.21 30.59 -15.74
N PHE A 516 -15.84 30.01 -16.77
CA PHE A 516 -15.98 30.75 -18.03
C PHE A 516 -16.81 32.01 -17.81
N PHE A 517 -17.88 31.91 -17.03
CA PHE A 517 -18.70 33.08 -16.73
C PHE A 517 -17.89 34.15 -16.00
N VAL A 518 -17.05 33.74 -15.05
CA VAL A 518 -16.25 34.70 -14.30
C VAL A 518 -15.28 35.41 -15.23
N GLN A 519 -14.65 34.67 -16.14
CA GLN A 519 -13.76 35.30 -17.10
C GLN A 519 -14.49 36.33 -17.95
N SER A 520 -15.69 35.98 -18.43
CA SER A 520 -16.45 36.92 -19.22
C SER A 520 -16.79 38.16 -18.41
N LEU A 521 -17.17 37.98 -17.15
CA LEU A 521 -17.49 39.13 -16.31
C LEU A 521 -16.28 40.04 -16.14
N PHE A 522 -15.10 39.45 -15.93
CA PHE A 522 -13.91 40.26 -15.80
C PHE A 522 -13.65 41.06 -17.06
N MET A 523 -13.80 40.44 -18.23
CA MET A 523 -13.58 41.16 -19.47
C MET A 523 -14.56 42.32 -19.62
N LEU A 524 -15.84 42.09 -19.29
CA LEU A 524 -16.83 43.15 -19.43
C LEU A 524 -16.53 44.31 -18.48
N VAL A 525 -16.19 44.00 -17.22
CA VAL A 525 -15.83 45.06 -16.28
C VAL A 525 -14.62 45.82 -16.79
N SER A 526 -13.66 45.12 -17.38
CA SER A 526 -12.47 45.77 -17.90
C SER A 526 -12.82 46.77 -18.99
N VAL A 527 -13.68 46.37 -19.93
CA VAL A 527 -14.03 47.29 -21.00
C VAL A 527 -14.82 48.48 -20.46
N VAL A 528 -15.72 48.23 -19.49
CA VAL A 528 -16.48 49.33 -18.90
C VAL A 528 -15.54 50.34 -18.27
N LEU A 529 -14.55 49.87 -17.51
CA LEU A 529 -13.58 50.79 -16.93
C LEU A 529 -12.76 51.49 -18.01
N TYR A 530 -12.44 50.77 -19.08
CA TYR A 530 -11.63 51.36 -20.16
C TYR A 530 -12.34 52.55 -20.76
N PHE A 531 -13.65 52.44 -21.00
CA PHE A 531 -14.37 53.53 -21.62
C PHE A 531 -14.84 54.58 -20.62
N SER A 532 -14.52 54.42 -19.34
CA SER A 532 -14.87 55.40 -18.32
C SER A 532 -13.69 56.27 -17.91
N GLN A 533 -12.59 56.22 -18.64
CA GLN A 533 -11.40 57.01 -18.36
C GLN A 533 -10.85 56.72 -16.96
N ARG A 534 -10.42 55.47 -16.78
CA ARG A 534 -9.77 55.05 -15.55
C ARG A 534 -8.49 54.30 -15.86
N LYS A 535 -7.88 53.68 -14.86
CA LYS A 535 -6.63 52.96 -15.05
C LYS A 535 -6.61 51.60 -14.35
N GLU A 536 -7.77 51.13 -13.94
CA GLU A 536 -7.87 49.81 -13.28
C GLU A 536 -8.11 48.75 -14.36
N TYR A 537 -8.45 49.14 -15.59
CA TYR A 537 -8.75 48.15 -16.62
C TYR A 537 -7.56 47.25 -16.85
N VAL A 538 -6.35 47.73 -16.57
CA VAL A 538 -5.17 46.89 -16.69
C VAL A 538 -5.26 45.72 -15.71
N ALA A 539 -5.59 46.02 -14.45
CA ALA A 539 -5.71 44.95 -13.45
C ALA A 539 -6.81 43.97 -13.83
N SER A 540 -7.97 44.50 -14.24
CA SER A 540 -9.06 43.63 -14.62
C SER A 540 -8.67 42.73 -15.78
N MET A 541 -8.05 43.31 -16.81
CA MET A 541 -7.69 42.55 -17.99
C MET A 541 -6.66 41.48 -17.66
N VAL A 542 -5.66 41.79 -16.82
CA VAL A 542 -4.65 40.79 -16.52
C VAL A 542 -5.25 39.65 -15.71
N PHE A 543 -6.16 39.96 -14.77
CA PHE A 543 -6.84 38.89 -14.06
C PHE A 543 -7.57 37.99 -15.04
N SER A 544 -8.31 38.59 -15.97
CA SER A 544 -9.05 37.79 -16.94
C SER A 544 -8.10 36.94 -17.78
N LEU A 545 -6.98 37.52 -18.20
CA LEU A 545 -6.05 36.81 -19.07
C LEU A 545 -5.46 35.60 -18.36
N ALA A 546 -5.00 35.79 -17.13
CA ALA A 546 -4.43 34.67 -16.39
C ALA A 546 -5.47 33.59 -16.17
N MET A 547 -6.68 33.97 -15.77
CA MET A 547 -7.71 32.96 -15.53
C MET A 547 -8.02 32.20 -16.81
N GLY A 548 -8.14 32.91 -17.94
CA GLY A 548 -8.44 32.25 -19.19
C GLY A 548 -7.35 31.27 -19.61
N TRP A 549 -6.09 31.68 -19.47
CA TRP A 549 -5.00 30.78 -19.84
C TRP A 549 -5.03 29.52 -18.99
N THR A 550 -5.22 29.68 -17.68
CA THR A 550 -5.25 28.50 -16.81
C THR A 550 -6.53 27.69 -16.94
N ASN A 551 -7.57 28.25 -17.57
CA ASN A 551 -8.86 27.58 -17.71
C ASN A 551 -8.96 26.73 -18.97
N MET A 552 -7.83 26.28 -19.52
CA MET A 552 -7.83 25.40 -20.69
C MET A 552 -7.67 23.93 -20.30
N LEU A 553 -7.63 23.62 -19.01
CA LEU A 553 -7.65 22.23 -18.58
C LEU A 553 -8.95 21.53 -18.94
N TYR A 554 -10.02 22.29 -19.19
CA TYR A 554 -11.30 21.68 -19.51
C TYR A 554 -11.26 20.89 -20.81
N TYR A 555 -10.30 21.16 -21.69
CA TYR A 555 -10.23 20.49 -22.97
C TYR A 555 -9.39 19.23 -22.95
N THR A 556 -8.84 18.85 -21.80
CA THR A 556 -8.13 17.58 -21.72
C THR A 556 -9.10 16.40 -21.84
N ARG A 557 -10.31 16.54 -21.35
CA ARG A 557 -11.29 15.47 -21.50
C ARG A 557 -11.45 15.13 -22.98
N GLY A 558 -11.42 13.84 -23.28
CA GLY A 558 -11.23 13.35 -24.62
C GLY A 558 -9.89 12.69 -24.84
N PHE A 559 -8.91 12.99 -23.98
CA PHE A 559 -7.64 12.29 -23.94
C PHE A 559 -7.59 11.54 -22.62
N GLN A 560 -7.57 10.21 -22.67
CA GLN A 560 -7.86 9.42 -21.47
C GLN A 560 -6.96 9.80 -20.30
N GLN A 561 -5.64 9.61 -20.45
CA GLN A 561 -4.74 9.82 -19.33
C GLN A 561 -4.79 11.26 -18.84
N MET A 562 -4.77 12.21 -19.76
CA MET A 562 -4.84 13.62 -19.37
C MET A 562 -6.17 13.94 -18.70
N GLY A 563 -7.25 13.35 -19.19
CA GLY A 563 -8.54 13.57 -18.55
C GLY A 563 -8.56 13.07 -17.12
N ILE A 564 -7.99 11.90 -16.88
CA ILE A 564 -7.91 11.37 -15.53
C ILE A 564 -7.07 12.29 -14.65
N TYR A 565 -5.96 12.77 -15.17
CA TYR A 565 -5.10 13.66 -14.39
C TYR A 565 -5.84 14.94 -14.02
N ALA A 566 -6.57 15.53 -14.97
CA ALA A 566 -7.32 16.75 -14.68
C ALA A 566 -8.41 16.49 -13.65
N VAL A 567 -9.08 15.33 -13.75
CA VAL A 567 -10.11 15.00 -12.77
C VAL A 567 -9.49 14.89 -11.37
N MET A 568 -8.32 14.26 -11.28
CA MET A 568 -7.66 14.17 -9.97
C MET A 568 -7.36 15.56 -9.42
N ILE A 569 -6.85 16.45 -10.27
CA ILE A 569 -6.57 17.81 -9.81
C ILE A 569 -7.83 18.46 -9.29
N GLU A 570 -8.93 18.35 -10.04
CA GLU A 570 -10.18 18.98 -9.63
C GLU A 570 -10.65 18.43 -8.29
N LYS A 571 -10.64 17.11 -8.13
CA LYS A 571 -11.11 16.52 -6.88
C LYS A 571 -10.26 16.98 -5.71
N MET A 572 -8.95 17.00 -5.87
CA MET A 572 -8.08 17.43 -4.77
C MET A 572 -8.35 18.89 -4.41
N ILE A 573 -8.46 19.75 -5.42
CA ILE A 573 -8.70 21.17 -5.15
C ILE A 573 -10.01 21.34 -4.40
N LEU A 574 -11.05 20.60 -4.80
CA LEU A 574 -12.36 20.79 -4.19
C LEU A 574 -12.44 20.19 -2.79
N ARG A 575 -11.68 19.12 -2.50
CA ARG A 575 -11.88 18.37 -1.27
C ARG A 575 -10.78 18.53 -0.23
N ASP A 576 -9.68 19.23 -0.53
CA ASP A 576 -8.62 19.38 0.46
C ASP A 576 -8.19 20.81 0.74
N LEU A 577 -8.43 21.76 -0.15
CA LEU A 577 -7.98 23.12 0.09
C LEU A 577 -8.61 23.69 1.36
N CYS A 578 -9.94 23.60 1.47
CA CYS A 578 -10.61 24.18 2.63
C CYS A 578 -10.18 23.49 3.92
N ARG A 579 -10.02 22.16 3.87
CA ARG A 579 -9.68 21.40 5.06
C ARG A 579 -8.23 21.58 5.49
N PHE A 580 -7.35 21.95 4.56
CA PHE A 580 -5.92 22.03 4.84
C PHE A 580 -5.36 23.44 4.87
N MET A 581 -6.16 24.46 4.54
CA MET A 581 -5.66 25.82 4.59
C MET A 581 -6.02 26.54 5.88
N PHE A 582 -7.12 26.16 6.53
CA PHE A 582 -7.55 26.84 7.74
C PHE A 582 -6.49 26.72 8.83
N VAL A 583 -5.96 25.51 9.03
CA VAL A 583 -4.99 25.29 10.10
C VAL A 583 -3.71 26.08 9.83
N TYR A 584 -3.22 26.03 8.60
CA TYR A 584 -2.01 26.77 8.27
C TYR A 584 -2.20 28.26 8.48
N LEU A 585 -3.34 28.79 8.03
CA LEU A 585 -3.58 30.22 8.22
C LEU A 585 -3.64 30.59 9.69
N VAL A 586 -4.27 29.74 10.51
CA VAL A 586 -4.32 30.02 11.94
C VAL A 586 -2.92 30.08 12.53
N PHE A 587 -2.09 29.09 12.22
CA PHE A 587 -0.73 29.10 12.77
C PHE A 587 0.03 30.34 12.32
N LEU A 588 -0.06 30.66 11.04
CA LEU A 588 0.68 31.79 10.49
C LEU A 588 0.25 33.09 11.18
N PHE A 589 -1.06 33.29 11.32
CA PHE A 589 -1.53 34.53 11.94
C PHE A 589 -1.11 34.61 13.39
N GLY A 590 -1.20 33.50 14.14
CA GLY A 590 -0.79 33.54 15.53
C GLY A 590 0.65 33.95 15.69
N PHE A 591 1.55 33.26 14.99
CA PHE A 591 2.97 33.56 15.18
C PHE A 591 3.34 34.92 14.61
N SER A 592 2.68 35.35 13.52
CA SER A 592 2.93 36.68 13.00
C SER A 592 2.54 37.76 14.01
N THR A 593 1.37 37.61 14.65
CA THR A 593 0.98 38.57 15.66
C THR A 593 1.96 38.58 16.83
N ALA A 594 2.40 37.41 17.28
CA ALA A 594 3.36 37.37 18.37
C ALA A 594 4.64 38.12 18.01
N VAL A 595 5.22 37.79 16.85
CA VAL A 595 6.50 38.40 16.48
C VAL A 595 6.34 39.90 16.29
N VAL A 596 5.24 40.33 15.67
CA VAL A 596 5.04 41.77 15.46
C VAL A 596 4.89 42.49 16.80
N THR A 597 4.23 41.84 17.77
CA THR A 597 4.15 42.44 19.09
C THR A 597 5.53 42.60 19.71
N LEU A 598 6.39 41.60 19.55
CA LEU A 598 7.70 41.66 20.19
C LEU A 598 8.53 42.85 19.70
N ILE A 599 8.56 43.08 18.39
CA ILE A 599 9.47 44.08 17.83
C ILE A 599 9.08 45.47 18.33
N GLU A 600 10.09 46.36 18.39
CA GLU A 600 9.91 47.69 18.96
C GLU A 600 9.49 48.72 17.91
N ASP A 601 10.33 48.93 16.90
CA ASP A 601 10.01 49.92 15.86
C ASP A 601 11.00 49.79 14.72
N GLY A 602 10.50 49.88 13.50
CA GLY A 602 11.36 49.78 12.33
C GLY A 602 10.57 49.54 11.07
N LYS A 603 11.23 48.94 10.08
CA LYS A 603 10.58 48.65 8.81
C LYS A 603 9.63 47.46 8.91
N TYR A 604 9.97 46.45 9.72
CA TYR A 604 9.14 45.26 9.88
C TYR A 604 8.18 45.37 11.06
N ASN A 605 7.78 46.57 11.44
CA ASN A 605 6.92 46.79 12.58
C ASN A 605 5.44 46.73 12.24
N SER A 606 5.09 46.62 10.96
CA SER A 606 3.70 46.48 10.56
C SER A 606 3.31 45.01 10.63
N LEU A 607 2.13 44.66 10.11
CA LEU A 607 1.66 43.29 10.11
C LEU A 607 1.86 42.60 8.77
N TYR A 608 1.64 43.31 7.67
CA TYR A 608 1.80 42.71 6.35
C TYR A 608 3.24 42.29 6.10
N SER A 609 4.19 43.14 6.46
CA SER A 609 5.60 42.82 6.20
C SER A 609 6.02 41.58 6.96
N THR A 610 5.65 41.48 8.24
CA THR A 610 6.03 40.31 9.02
C THR A 610 5.30 39.07 8.56
N CYS A 611 4.04 39.21 8.13
CA CYS A 611 3.34 38.06 7.57
C CYS A 611 4.08 37.53 6.35
N LEU A 612 4.53 38.43 5.47
CA LEU A 612 5.28 37.99 4.30
C LEU A 612 6.60 37.34 4.71
N GLU A 613 7.28 37.93 5.69
CA GLU A 613 8.58 37.40 6.10
C GLU A 613 8.44 35.99 6.66
N LEU A 614 7.37 35.72 7.41
CA LEU A 614 7.14 34.36 7.89
C LEU A 614 6.63 33.44 6.80
N PHE A 615 5.91 33.95 5.80
CA PHE A 615 5.49 33.10 4.71
C PHE A 615 6.68 32.65 3.87
N LYS A 616 7.72 33.48 3.78
CA LYS A 616 8.88 33.11 2.98
C LYS A 616 9.52 31.83 3.46
N PHE A 617 9.29 31.42 4.70
CA PHE A 617 9.89 30.21 5.24
C PHE A 617 9.33 28.93 4.60
N THR A 618 8.22 29.02 3.88
CA THR A 618 7.60 27.83 3.32
C THR A 618 7.99 27.57 1.87
N ILE A 619 8.44 28.59 1.13
CA ILE A 619 8.97 28.39 -0.20
C ILE A 619 10.48 28.19 -0.09
N GLY A 620 10.96 27.89 1.11
CA GLY A 620 12.34 27.56 1.33
C GLY A 620 13.32 28.69 1.07
N MET A 621 13.02 29.90 1.55
CA MET A 621 13.98 30.99 1.46
C MET A 621 13.89 31.88 2.70
N GLY A 622 13.59 31.31 3.87
CA GLY A 622 13.55 32.08 5.08
C GLY A 622 14.93 32.54 5.52
N ASP A 623 14.97 33.57 6.35
CA ASP A 623 16.22 34.24 6.71
C ASP A 623 16.70 33.93 8.13
N LEU A 624 15.81 33.96 9.11
CA LEU A 624 16.14 33.67 10.52
C LEU A 624 16.94 34.80 11.18
N GLU A 625 17.37 35.80 10.42
CA GLU A 625 18.07 36.94 10.99
C GLU A 625 17.65 38.23 10.29
N PHE A 626 16.35 38.40 10.06
CA PHE A 626 15.86 39.47 9.21
C PHE A 626 15.66 40.79 9.95
N THR A 627 15.90 40.86 11.25
CA THR A 627 15.76 42.11 11.97
C THR A 627 16.61 42.08 13.23
N GLU A 628 16.95 43.27 13.72
CA GLU A 628 17.81 43.38 14.90
C GLU A 628 17.38 44.48 15.86
N ASN A 629 16.19 45.05 15.65
CA ASN A 629 15.64 46.16 16.47
C ASN A 629 14.65 45.59 17.48
N TYR A 630 15.13 45.03 18.59
CA TYR A 630 14.27 44.37 19.56
C TYR A 630 15.13 44.01 20.77
N ASP A 631 14.54 43.30 21.73
CA ASP A 631 15.25 42.78 22.88
C ASP A 631 14.90 41.31 23.05
N PHE A 632 15.65 40.64 23.92
CA PHE A 632 15.38 39.23 24.25
C PHE A 632 15.48 38.36 23.00
N LYS A 633 16.70 38.27 22.46
CA LYS A 633 16.94 37.47 21.27
C LYS A 633 16.49 36.03 21.45
N ALA A 634 16.58 35.51 22.67
CA ALA A 634 16.16 34.12 22.91
C ALA A 634 14.70 33.93 22.54
N VAL A 635 13.85 34.90 22.91
CA VAL A 635 12.42 34.79 22.59
C VAL A 635 12.22 34.74 21.08
N PHE A 636 12.89 35.64 20.36
CA PHE A 636 12.75 35.69 18.90
C PHE A 636 13.14 34.35 18.28
N ILE A 637 14.32 33.84 18.64
CA ILE A 637 14.79 32.60 18.04
C ILE A 637 13.86 31.44 18.39
N ILE A 638 13.40 31.39 19.64
CA ILE A 638 12.52 30.30 20.05
C ILE A 638 11.24 30.33 19.23
N LEU A 639 10.65 31.51 19.06
CA LEU A 639 9.41 31.60 18.31
C LEU A 639 9.61 31.13 16.87
N LEU A 640 10.68 31.60 16.22
CA LEU A 640 10.89 31.22 14.83
C LEU A 640 11.11 29.71 14.69
N LEU A 641 11.92 29.13 15.57
CA LEU A 641 12.18 27.69 15.49
C LEU A 641 10.90 26.90 15.72
N ALA A 642 10.09 27.31 16.70
CA ALA A 642 8.84 26.60 16.95
C ALA A 642 7.93 26.67 15.73
N TYR A 643 7.83 27.83 15.10
CA TYR A 643 6.99 27.94 13.92
C TYR A 643 7.47 27.00 12.82
N VAL A 644 8.79 26.97 12.57
CA VAL A 644 9.31 26.14 11.50
C VAL A 644 9.01 24.67 11.77
N ILE A 645 9.27 24.22 13.00
CA ILE A 645 9.04 22.81 13.32
C ILE A 645 7.57 22.46 13.15
N LEU A 646 6.68 23.31 13.68
CA LEU A 646 5.26 23.01 13.60
C LEU A 646 4.79 22.95 12.16
N THR A 647 5.22 23.88 11.31
CA THR A 647 4.75 23.88 9.94
C THR A 647 5.28 22.70 9.16
N TYR A 648 6.53 22.29 9.42
CA TYR A 648 7.04 21.10 8.72
C TYR A 648 6.30 19.85 9.14
N ILE A 649 6.00 19.70 10.44
CA ILE A 649 5.19 18.56 10.88
C ILE A 649 3.82 18.62 10.21
N LEU A 650 3.24 19.81 10.12
CA LEU A 650 1.92 19.95 9.51
C LEU A 650 1.93 19.51 8.05
N LEU A 651 2.94 19.94 7.29
CA LEU A 651 3.00 19.54 5.88
C LEU A 651 3.23 18.04 5.74
N LEU A 652 4.09 17.46 6.58
CA LEU A 652 4.30 16.02 6.53
C LEU A 652 3.01 15.26 6.78
N ASN A 653 2.25 15.69 7.80
CA ASN A 653 0.99 15.02 8.10
C ASN A 653 -0.03 15.24 6.99
N MET A 654 -0.01 16.43 6.38
CA MET A 654 -0.85 16.68 5.22
C MET A 654 -0.59 15.63 4.14
N LEU A 655 0.69 15.44 3.81
CA LEU A 655 1.04 14.50 2.76
C LEU A 655 0.62 13.07 3.13
N ILE A 656 0.89 12.65 4.37
CA ILE A 656 0.59 11.27 4.72
C ILE A 656 -0.92 11.03 4.71
N ALA A 657 -1.70 11.99 5.24
CA ALA A 657 -3.15 11.85 5.22
C ALA A 657 -3.68 11.82 3.79
N LEU A 658 -3.13 12.67 2.92
CA LEU A 658 -3.57 12.67 1.53
C LEU A 658 -3.29 11.34 0.86
N MET A 659 -2.12 10.75 1.14
CA MET A 659 -1.79 9.47 0.54
C MET A 659 -2.65 8.34 1.11
N GLY A 660 -3.00 8.42 2.39
CA GLY A 660 -3.67 7.30 3.03
C GLY A 660 -4.96 6.91 2.34
N GLU A 661 -5.80 7.89 2.01
CA GLU A 661 -7.08 7.58 1.38
C GLU A 661 -6.91 6.86 0.06
N THR A 662 -5.75 7.01 -0.59
CA THR A 662 -5.46 6.29 -1.83
C THR A 662 -4.89 4.92 -1.44
N VAL A 663 -5.80 3.97 -1.23
CA VAL A 663 -5.43 2.60 -0.90
C VAL A 663 -5.57 1.77 -2.16
N ASN A 664 -5.39 2.43 -3.31
CA ASN A 664 -5.61 1.95 -4.68
C ASN A 664 -7.06 2.12 -5.13
N LYS A 665 -7.93 2.71 -4.31
CA LYS A 665 -9.27 3.07 -4.74
C LYS A 665 -9.33 4.51 -5.23
N ILE A 666 -8.44 4.85 -6.16
CA ILE A 666 -8.42 6.18 -6.75
C ILE A 666 -8.48 6.17 -8.26
N ALA A 667 -8.09 5.09 -8.94
CA ALA A 667 -8.19 5.03 -10.39
C ALA A 667 -9.57 4.57 -10.84
N GLN A 668 -10.16 3.60 -10.14
CA GLN A 668 -11.48 3.11 -10.50
C GLN A 668 -12.55 4.21 -10.37
N GLU A 669 -12.31 5.21 -9.52
CA GLU A 669 -13.24 6.33 -9.40
C GLU A 669 -12.95 7.42 -10.42
N SER A 670 -11.66 7.74 -10.63
CA SER A 670 -11.30 8.77 -11.58
C SER A 670 -11.73 8.37 -12.99
N LYS A 671 -11.52 7.12 -13.37
CA LYS A 671 -11.92 6.68 -14.71
C LYS A 671 -13.43 6.81 -14.90
N ASN A 672 -14.21 6.41 -13.88
CA ASN A 672 -15.66 6.51 -13.99
C ASN A 672 -16.10 7.96 -14.11
N ILE A 673 -15.50 8.85 -13.30
CA ILE A 673 -15.89 10.26 -13.37
C ILE A 673 -15.54 10.83 -14.74
N TRP A 674 -14.38 10.47 -15.28
CA TRP A 674 -14.02 10.95 -16.60
C TRP A 674 -15.00 10.45 -17.65
N LYS A 675 -15.41 9.18 -17.55
CA LYS A 675 -16.39 8.66 -18.49
C LYS A 675 -17.70 9.42 -18.41
N LEU A 676 -18.13 9.75 -17.18
CA LEU A 676 -19.36 10.53 -17.02
C LEU A 676 -19.22 11.90 -17.66
N GLN A 677 -18.05 12.54 -17.47
CA GLN A 677 -17.83 13.86 -18.07
C GLN A 677 -17.87 13.79 -19.59
N ARG A 678 -17.26 12.76 -20.17
CA ARG A 678 -17.33 12.60 -21.62
C ARG A 678 -18.76 12.35 -22.07
N ALA A 679 -19.53 11.61 -21.28
CA ALA A 679 -20.92 11.36 -21.63
C ALA A 679 -21.71 12.66 -21.67
N ILE A 680 -21.53 13.52 -20.66
CA ILE A 680 -22.25 14.79 -20.67
C ILE A 680 -21.79 15.66 -21.83
N THR A 681 -20.51 15.62 -22.17
CA THR A 681 -20.04 16.36 -23.34
C THR A 681 -20.71 15.86 -24.61
N ILE A 682 -20.82 14.54 -24.77
CA ILE A 682 -21.45 13.99 -25.96
C ILE A 682 -22.91 14.41 -26.04
N LEU A 683 -23.62 14.32 -24.92
CA LEU A 683 -25.03 14.72 -24.93
C LEU A 683 -25.17 16.20 -25.29
N ASP A 684 -24.33 17.06 -24.71
CA ASP A 684 -24.42 18.48 -25.00
C ASP A 684 -24.14 18.76 -26.47
N THR A 685 -23.09 18.17 -27.01
CA THR A 685 -22.74 18.41 -28.42
C THR A 685 -23.85 17.93 -29.34
N GLU A 686 -24.43 16.76 -29.04
CA GLU A 686 -25.55 16.29 -29.85
C GLU A 686 -26.74 17.23 -29.76
N LYS A 687 -27.04 17.73 -28.56
CA LYS A 687 -28.16 18.63 -28.39
C LYS A 687 -27.97 19.89 -29.21
N SER A 688 -26.81 20.52 -29.11
CA SER A 688 -26.52 21.73 -29.87
C SER A 688 -26.18 21.31 -31.30
N PHE A 689 -27.20 21.26 -32.14
CA PHE A 689 -27.01 20.81 -33.51
C PHE A 689 -25.98 21.68 -34.23
N LEU A 690 -25.02 21.03 -34.88
CA LEU A 690 -23.98 21.76 -35.59
C LEU A 690 -24.58 22.46 -36.81
N LYS A 691 -24.32 23.76 -36.92
CA LYS A 691 -24.83 24.55 -38.03
C LYS A 691 -26.32 24.28 -38.24
N CYS A 692 -26.75 24.09 -39.48
CA CYS A 692 -28.11 23.69 -39.79
C CYS A 692 -28.22 22.20 -40.13
N MET A 693 -27.15 21.44 -39.98
CA MET A 693 -27.12 20.04 -40.35
C MET A 693 -27.63 19.17 -39.20
N ARG A 694 -28.02 17.95 -39.55
CA ARG A 694 -28.51 16.98 -38.57
C ARG A 694 -28.29 15.58 -39.16
N LYS A 695 -27.26 14.89 -38.67
CA LYS A 695 -26.95 13.54 -39.14
C LYS A 695 -26.82 12.53 -38.01
N ALA A 696 -26.63 12.95 -36.76
CA ALA A 696 -26.52 12.01 -35.65
C ALA A 696 -27.78 11.15 -35.58
N PHE A 697 -27.59 9.83 -35.41
CA PHE A 697 -28.73 8.94 -35.33
C PHE A 697 -28.26 7.64 -34.69
N ARG A 698 -29.14 7.03 -33.90
CA ARG A 698 -28.77 5.90 -33.06
C ARG A 698 -28.16 4.75 -33.85
N SER A 699 -28.92 4.12 -34.72
CA SER A 699 -28.49 2.90 -35.41
C SER A 699 -29.43 2.64 -36.58
N GLY A 700 -29.30 1.47 -37.19
CA GLY A 700 -30.03 1.16 -38.41
C GLY A 700 -31.34 0.43 -38.15
N LYS A 701 -32.28 0.65 -39.06
CA LYS A 701 -33.59 0.01 -39.00
C LYS A 701 -33.44 -1.49 -39.22
N LEU A 702 -34.33 -2.26 -38.58
CA LEU A 702 -34.21 -3.71 -38.66
C LEU A 702 -35.51 -4.36 -38.21
N LEU A 703 -35.68 -5.62 -38.62
CA LEU A 703 -36.80 -6.47 -38.23
C LEU A 703 -36.25 -7.67 -37.47
N GLN A 704 -36.71 -7.88 -36.25
CA GLN A 704 -36.19 -8.95 -35.40
C GLN A 704 -37.26 -9.93 -34.95
N VAL A 705 -38.38 -9.46 -34.40
CA VAL A 705 -39.37 -10.37 -33.85
C VAL A 705 -40.27 -10.98 -34.92
N GLY A 706 -40.25 -10.45 -36.13
CA GLY A 706 -41.11 -10.95 -37.17
C GLY A 706 -42.50 -10.34 -37.12
N PHE A 707 -43.31 -10.78 -36.15
CA PHE A 707 -44.67 -10.32 -36.03
C PHE A 707 -45.06 -10.22 -34.56
N THR A 708 -45.86 -9.21 -34.25
CA THR A 708 -46.44 -9.04 -32.92
C THR A 708 -47.58 -10.03 -32.76
N PRO A 709 -48.24 -10.10 -31.61
CA PRO A 709 -49.48 -10.89 -31.54
C PRO A 709 -50.49 -10.46 -32.59
N ASP A 710 -50.55 -9.17 -32.91
CA ASP A 710 -51.32 -8.70 -34.04
C ASP A 710 -50.62 -9.10 -35.34
N GLY A 711 -51.40 -9.10 -36.43
CA GLY A 711 -50.87 -9.55 -37.70
C GLY A 711 -49.68 -8.74 -38.18
N LYS A 712 -49.70 -7.44 -37.95
CA LYS A 712 -48.66 -6.56 -38.46
C LYS A 712 -47.32 -6.88 -37.82
N ASP A 713 -46.24 -6.60 -38.56
CA ASP A 713 -44.90 -6.74 -38.05
C ASP A 713 -44.54 -5.49 -37.26
N ASP A 714 -43.27 -5.35 -36.85
CA ASP A 714 -42.87 -4.17 -36.11
C ASP A 714 -41.36 -3.99 -36.25
N TYR A 715 -40.91 -2.77 -35.97
CA TYR A 715 -39.52 -2.37 -36.07
C TYR A 715 -39.13 -1.67 -34.78
N ARG A 716 -37.89 -1.89 -34.32
CA ARG A 716 -37.51 -1.40 -32.99
C ARG A 716 -36.07 -0.90 -32.92
N TRP A 717 -35.54 -0.36 -34.02
CA TRP A 717 -34.27 0.36 -34.00
C TRP A 717 -33.20 -0.40 -33.20
N CYS A 718 -32.85 -1.58 -33.71
CA CYS A 718 -31.90 -2.43 -33.01
C CYS A 718 -30.48 -1.89 -33.16
N PHE A 719 -29.60 -2.35 -32.27
CA PHE A 719 -28.18 -1.98 -32.26
C PHE A 719 -27.37 -3.27 -32.07
N ARG A 720 -26.94 -3.86 -33.18
CA ARG A 720 -26.32 -5.17 -33.12
C ARG A 720 -24.98 -5.14 -32.42
N VAL A 721 -24.71 -6.17 -31.63
CA VAL A 721 -23.44 -6.36 -30.95
C VAL A 721 -22.98 -7.79 -31.20
N ASP A 722 -21.72 -7.95 -31.60
CA ASP A 722 -21.15 -9.25 -31.92
C ASP A 722 -20.27 -9.73 -30.78
N GLU A 723 -20.49 -10.97 -30.35
CA GLU A 723 -19.75 -11.55 -29.23
C GLU A 723 -19.35 -12.97 -29.57
N VAL A 724 -18.27 -13.43 -28.94
CA VAL A 724 -17.75 -14.78 -29.14
C VAL A 724 -17.81 -15.52 -27.82
N ASN A 725 -18.52 -16.64 -27.81
CA ASN A 725 -18.66 -17.49 -26.64
C ASN A 725 -17.98 -18.83 -26.91
N TRP A 726 -17.10 -19.24 -26.00
CA TRP A 726 -16.34 -20.47 -26.15
C TRP A 726 -16.80 -21.57 -25.21
N THR A 727 -16.95 -21.27 -23.93
CA THR A 727 -17.40 -22.25 -22.95
C THR A 727 -18.92 -22.24 -22.87
N THR A 728 -19.47 -23.10 -22.01
CA THR A 728 -20.91 -23.22 -21.81
C THR A 728 -21.64 -23.40 -23.13
N TRP A 729 -21.23 -24.42 -23.88
CA TRP A 729 -21.87 -24.75 -25.14
C TRP A 729 -23.14 -25.57 -24.90
N SER B 197 -20.46 -13.69 -52.17
CA SER B 197 -19.06 -13.42 -51.74
C SER B 197 -18.90 -13.51 -50.23
N TYR B 198 -20.02 -13.42 -49.51
CA TYR B 198 -20.02 -13.50 -48.05
C TYR B 198 -20.20 -14.94 -47.59
N TYR B 199 -21.30 -15.57 -48.01
CA TYR B 199 -21.61 -16.95 -47.64
C TYR B 199 -21.27 -17.93 -48.76
N LYS B 200 -20.59 -17.48 -49.81
CA LYS B 200 -20.27 -18.34 -50.93
C LYS B 200 -19.18 -19.34 -50.55
N GLY B 201 -19.18 -20.47 -51.26
CA GLY B 201 -18.22 -21.53 -51.00
C GLY B 201 -18.67 -22.55 -49.97
N GLN B 202 -19.77 -22.30 -49.26
CA GLN B 202 -20.24 -23.23 -48.26
C GLN B 202 -20.79 -24.49 -48.92
N THR B 203 -20.64 -25.62 -48.23
CA THR B 203 -21.10 -26.90 -48.74
C THR B 203 -21.78 -27.67 -47.61
N ALA B 204 -22.70 -28.57 -47.99
CA ALA B 204 -23.50 -29.27 -46.99
C ALA B 204 -22.64 -30.03 -45.99
N LEU B 205 -21.44 -30.44 -46.40
CA LEU B 205 -20.57 -31.15 -45.47
C LEU B 205 -20.21 -30.29 -44.27
N HIS B 206 -19.95 -28.99 -44.51
CA HIS B 206 -19.62 -28.10 -43.40
C HIS B 206 -20.78 -28.00 -42.41
N ILE B 207 -22.01 -27.86 -42.92
CA ILE B 207 -23.17 -27.83 -42.04
C ILE B 207 -23.26 -29.13 -41.25
N ALA B 208 -23.17 -30.26 -41.94
CA ALA B 208 -23.26 -31.54 -41.27
C ALA B 208 -22.22 -31.65 -40.15
N ILE B 209 -21.00 -31.16 -40.41
CA ILE B 209 -19.96 -31.20 -39.39
C ILE B 209 -20.33 -30.31 -38.20
N GLU B 210 -20.86 -29.13 -38.47
CA GLU B 210 -21.08 -28.13 -37.44
C GLU B 210 -22.48 -28.20 -36.83
N ARG B 211 -23.26 -29.24 -37.14
CA ARG B 211 -24.53 -29.47 -36.46
C ARG B 211 -24.48 -30.56 -35.41
N ARG B 212 -23.41 -31.35 -35.38
CA ARG B 212 -23.21 -32.42 -34.36
C ARG B 212 -24.18 -33.58 -34.64
N ASN B 213 -24.53 -33.83 -35.89
CA ASN B 213 -25.41 -34.93 -36.28
C ASN B 213 -24.54 -36.04 -36.87
N MET B 214 -24.15 -36.98 -36.01
CA MET B 214 -23.28 -38.06 -36.45
C MET B 214 -23.94 -38.91 -37.53
N THR B 215 -25.21 -39.26 -37.34
CA THR B 215 -25.90 -40.11 -38.30
C THR B 215 -26.04 -39.40 -39.65
N LEU B 216 -26.49 -38.15 -39.63
CA LEU B 216 -26.63 -37.40 -40.88
C LEU B 216 -25.29 -37.21 -41.55
N VAL B 217 -24.24 -36.97 -40.75
CA VAL B 217 -22.91 -36.81 -41.33
C VAL B 217 -22.48 -38.09 -42.04
N THR B 218 -22.70 -39.24 -41.38
CA THR B 218 -22.33 -40.51 -42.00
C THR B 218 -23.11 -40.74 -43.29
N LEU B 219 -24.42 -40.50 -43.25
CA LEU B 219 -25.24 -40.71 -44.45
C LEU B 219 -24.79 -39.81 -45.59
N LEU B 220 -24.51 -38.53 -45.29
CA LEU B 220 -24.02 -37.63 -46.32
C LEU B 220 -22.68 -38.08 -46.87
N VAL B 221 -21.80 -38.58 -46.00
CA VAL B 221 -20.50 -39.08 -46.45
C VAL B 221 -20.68 -40.25 -47.41
N GLU B 222 -21.62 -41.14 -47.09
CA GLU B 222 -21.82 -42.33 -47.91
C GLU B 222 -22.23 -42.00 -49.35
N ASN B 223 -22.74 -40.78 -49.59
CA ASN B 223 -23.19 -40.43 -50.92
C ASN B 223 -22.05 -40.43 -51.94
N GLY B 224 -20.81 -40.23 -51.48
CA GLY B 224 -19.67 -40.19 -52.38
C GLY B 224 -19.18 -38.81 -52.73
N ALA B 225 -19.73 -37.76 -52.13
CA ALA B 225 -19.29 -36.41 -52.42
C ALA B 225 -17.87 -36.18 -51.91
N ASP B 226 -17.16 -35.27 -52.56
CA ASP B 226 -15.79 -34.97 -52.19
C ASP B 226 -15.73 -34.41 -50.78
N VAL B 227 -14.68 -34.75 -50.05
CA VAL B 227 -14.49 -34.31 -48.68
C VAL B 227 -13.31 -33.33 -48.56
N GLN B 228 -12.88 -32.75 -49.70
CA GLN B 228 -11.81 -31.77 -49.70
C GLN B 228 -12.28 -30.42 -50.24
N ALA B 229 -13.59 -30.17 -50.20
CA ALA B 229 -14.12 -28.90 -50.69
C ALA B 229 -13.70 -27.76 -49.77
N ALA B 230 -13.39 -26.62 -50.37
CA ALA B 230 -12.95 -25.43 -49.65
C ALA B 230 -13.92 -24.29 -49.90
N ALA B 231 -14.26 -23.57 -48.83
CA ALA B 231 -15.18 -22.45 -48.90
C ALA B 231 -14.40 -21.15 -48.95
N ASN B 232 -14.62 -20.36 -50.00
CA ASN B 232 -13.89 -19.11 -50.21
C ASN B 232 -14.71 -17.89 -49.80
N GLY B 233 -15.83 -18.07 -49.10
CA GLY B 233 -16.65 -16.93 -48.72
C GLY B 233 -15.90 -15.98 -47.81
N ASP B 234 -16.22 -14.69 -47.94
CA ASP B 234 -15.59 -13.68 -47.10
C ASP B 234 -15.90 -13.91 -45.62
N PHE B 235 -16.99 -14.60 -45.30
CA PHE B 235 -17.28 -14.89 -43.90
C PHE B 235 -16.18 -15.77 -43.29
N PHE B 236 -15.43 -16.48 -44.13
CA PHE B 236 -14.36 -17.37 -43.67
C PHE B 236 -12.99 -16.72 -43.78
N LYS B 237 -12.92 -15.44 -44.12
CA LYS B 237 -11.63 -14.76 -44.27
C LYS B 237 -11.04 -14.43 -42.89
N LYS B 238 -9.76 -14.05 -42.89
CA LYS B 238 -9.05 -13.82 -41.65
C LYS B 238 -9.68 -12.67 -40.86
N THR B 239 -9.58 -11.45 -41.37
CA THR B 239 -10.10 -10.28 -40.68
C THR B 239 -10.79 -9.34 -41.66
N LYS B 240 -11.48 -9.90 -42.65
CA LYS B 240 -12.27 -9.09 -43.59
C LYS B 240 -13.67 -8.95 -43.02
N GLY B 241 -13.81 -8.00 -42.10
CA GLY B 241 -15.06 -7.78 -41.40
C GLY B 241 -15.06 -8.41 -40.03
N ARG B 242 -15.59 -7.71 -39.04
CA ARG B 242 -15.59 -8.25 -37.68
C ARG B 242 -16.26 -9.61 -37.60
N PRO B 243 -17.41 -9.85 -38.24
CA PRO B 243 -17.92 -11.23 -38.31
C PRO B 243 -16.93 -12.13 -39.04
N GLY B 244 -16.80 -13.36 -38.56
CA GLY B 244 -15.89 -14.31 -39.17
C GLY B 244 -15.41 -15.37 -38.21
N PHE B 245 -15.37 -16.62 -38.67
CA PHE B 245 -14.89 -17.75 -37.88
C PHE B 245 -13.88 -18.50 -38.72
N TYR B 246 -12.62 -18.06 -38.67
CA TYR B 246 -11.57 -18.72 -39.43
C TYR B 246 -11.33 -20.11 -38.86
N PHE B 247 -11.28 -21.11 -39.74
CA PHE B 247 -11.17 -22.50 -39.31
C PHE B 247 -10.23 -23.31 -40.19
N GLY B 248 -9.40 -22.67 -41.02
CA GLY B 248 -8.54 -23.37 -41.93
C GLY B 248 -9.16 -23.68 -43.28
N GLU B 249 -10.45 -23.43 -43.45
CA GLU B 249 -11.15 -23.48 -44.73
C GLU B 249 -11.43 -24.90 -45.20
N LEU B 250 -11.19 -25.92 -44.37
CA LEU B 250 -11.44 -27.30 -44.76
C LEU B 250 -12.30 -27.99 -43.71
N PRO B 251 -13.11 -28.97 -44.12
CA PRO B 251 -14.00 -29.64 -43.16
C PRO B 251 -13.27 -30.36 -42.05
N LEU B 252 -12.09 -30.93 -42.34
CA LEU B 252 -11.34 -31.61 -41.30
C LEU B 252 -10.96 -30.64 -40.20
N SER B 253 -10.60 -29.41 -40.58
CA SER B 253 -10.23 -28.37 -39.60
C SER B 253 -11.50 -27.95 -38.86
N LEU B 254 -12.67 -27.95 -39.49
CA LEU B 254 -13.93 -27.70 -38.79
C LEU B 254 -14.14 -28.73 -37.69
N ALA B 255 -13.94 -30.00 -38.01
CA ALA B 255 -14.05 -31.04 -36.99
C ALA B 255 -13.04 -30.83 -35.88
N ALA B 256 -11.80 -30.49 -36.25
CA ALA B 256 -10.74 -30.35 -35.26
C ALA B 256 -11.05 -29.24 -34.27
N CYS B 257 -11.52 -28.09 -34.76
CA CYS B 257 -11.70 -26.91 -33.92
C CYS B 257 -13.10 -26.80 -33.32
N THR B 258 -14.02 -27.70 -33.65
CA THR B 258 -15.44 -27.59 -33.19
C THR B 258 -15.81 -28.76 -32.27
N ASN B 259 -14.94 -29.14 -31.34
CA ASN B 259 -15.22 -30.17 -30.34
C ASN B 259 -15.43 -31.54 -30.95
N GLN B 260 -15.22 -31.70 -32.26
CA GLN B 260 -15.51 -32.95 -32.94
C GLN B 260 -14.32 -33.88 -32.84
N LEU B 261 -14.46 -34.96 -32.08
CA LEU B 261 -13.43 -35.98 -31.95
C LEU B 261 -13.85 -37.30 -32.62
N ALA B 262 -15.03 -37.82 -32.26
CA ALA B 262 -15.53 -39.01 -32.93
C ALA B 262 -15.76 -38.75 -34.41
N ILE B 263 -16.20 -37.54 -34.77
CA ILE B 263 -16.45 -37.23 -36.17
C ILE B 263 -15.15 -37.26 -36.96
N VAL B 264 -14.09 -36.63 -36.43
CA VAL B 264 -12.81 -36.65 -37.13
C VAL B 264 -12.25 -38.06 -37.17
N LYS B 265 -12.46 -38.84 -36.12
CA LYS B 265 -12.07 -40.25 -36.14
C LYS B 265 -12.74 -40.96 -37.31
N PHE B 266 -14.05 -40.74 -37.47
CA PHE B 266 -14.77 -41.38 -38.57
C PHE B 266 -14.25 -40.91 -39.91
N LEU B 267 -14.02 -39.61 -40.07
CA LEU B 267 -13.54 -39.09 -41.35
C LEU B 267 -12.20 -39.69 -41.72
N LEU B 268 -11.28 -39.78 -40.74
CA LEU B 268 -9.94 -40.25 -41.03
C LEU B 268 -9.82 -41.76 -41.01
N GLN B 269 -10.84 -42.49 -40.54
CA GLN B 269 -10.79 -43.94 -40.42
C GLN B 269 -11.81 -44.62 -41.32
N ASN B 270 -12.33 -43.92 -42.33
CA ASN B 270 -13.31 -44.49 -43.24
C ASN B 270 -12.60 -45.01 -44.49
N SER B 271 -12.92 -46.25 -44.86
CA SER B 271 -12.30 -46.86 -46.04
C SER B 271 -12.86 -46.31 -47.35
N TRP B 272 -14.00 -45.60 -47.31
CA TRP B 272 -14.56 -45.05 -48.54
C TRP B 272 -13.59 -44.06 -49.18
N GLN B 273 -13.29 -42.97 -48.48
CA GLN B 273 -12.35 -41.98 -48.96
C GLN B 273 -11.84 -41.15 -47.79
N PRO B 274 -10.82 -41.61 -47.07
CA PRO B 274 -10.35 -40.86 -45.91
C PRO B 274 -9.85 -39.48 -46.30
N ALA B 275 -10.08 -38.50 -45.43
CA ALA B 275 -9.66 -37.14 -45.70
C ALA B 275 -8.15 -37.01 -45.53
N ASP B 276 -7.51 -36.37 -46.50
CA ASP B 276 -6.07 -36.16 -46.44
C ASP B 276 -5.71 -35.18 -45.33
N ILE B 277 -4.52 -35.35 -44.77
CA ILE B 277 -4.09 -34.53 -43.64
C ILE B 277 -3.29 -33.32 -44.12
N SER B 278 -2.34 -33.53 -45.04
CA SER B 278 -1.40 -32.47 -45.46
C SER B 278 -2.08 -31.34 -46.26
N ALA B 279 -3.39 -31.36 -46.48
CA ALA B 279 -4.01 -30.33 -47.30
C ALA B 279 -3.78 -28.95 -46.69
N ARG B 280 -3.38 -27.99 -47.53
CA ARG B 280 -3.15 -26.59 -47.11
C ARG B 280 -4.14 -25.69 -47.85
N ASP B 281 -4.79 -24.76 -47.16
CA ASP B 281 -5.80 -23.88 -47.74
C ASP B 281 -5.13 -22.78 -48.55
N SER B 282 -5.90 -21.76 -48.94
CA SER B 282 -5.35 -20.69 -49.74
C SER B 282 -4.21 -19.99 -49.02
N VAL B 283 -4.38 -19.69 -47.74
CA VAL B 283 -3.31 -19.06 -46.96
C VAL B 283 -2.18 -20.02 -46.67
N GLY B 284 -2.40 -21.33 -46.85
CA GLY B 284 -1.39 -22.32 -46.57
C GLY B 284 -1.49 -22.98 -45.21
N ASN B 285 -2.41 -22.53 -44.37
CA ASN B 285 -2.53 -23.10 -43.04
C ASN B 285 -2.93 -24.57 -43.11
N THR B 286 -2.37 -25.37 -42.22
CA THR B 286 -2.72 -26.77 -42.06
C THR B 286 -3.64 -26.92 -40.85
N VAL B 287 -4.11 -28.14 -40.60
CA VAL B 287 -4.96 -28.37 -39.43
C VAL B 287 -4.26 -27.92 -38.16
N LEU B 288 -2.97 -28.24 -38.02
CA LEU B 288 -2.24 -27.80 -36.84
C LEU B 288 -2.15 -26.28 -36.77
N HIS B 289 -1.90 -25.63 -37.90
CA HIS B 289 -1.84 -24.17 -37.91
C HIS B 289 -3.18 -23.57 -37.53
N ALA B 290 -4.27 -24.14 -38.05
CA ALA B 290 -5.59 -23.66 -37.68
C ALA B 290 -5.84 -23.83 -36.18
N LEU B 291 -5.44 -24.97 -35.62
CA LEU B 291 -5.61 -25.18 -34.19
C LEU B 291 -4.82 -24.15 -33.40
N VAL B 292 -3.60 -23.84 -33.83
CA VAL B 292 -2.81 -22.83 -33.14
C VAL B 292 -3.50 -21.47 -33.22
N GLU B 293 -4.03 -21.13 -34.40
CA GLU B 293 -4.68 -19.83 -34.56
C GLU B 293 -5.91 -19.72 -33.67
N VAL B 294 -6.69 -20.78 -33.56
CA VAL B 294 -7.94 -20.71 -32.80
C VAL B 294 -7.68 -20.45 -31.33
N ALA B 295 -6.49 -20.73 -30.83
CA ALA B 295 -6.21 -20.55 -29.41
C ALA B 295 -6.35 -19.07 -29.03
N ASP B 296 -6.77 -18.83 -27.78
CA ASP B 296 -6.96 -17.46 -27.30
C ASP B 296 -6.43 -17.28 -25.89
N ASN B 297 -5.50 -18.12 -25.43
CA ASN B 297 -4.88 -17.97 -24.11
C ASN B 297 -5.93 -17.98 -23.00
N THR B 298 -6.74 -19.04 -22.97
CA THR B 298 -7.69 -19.25 -21.90
C THR B 298 -7.56 -20.70 -21.41
N VAL B 299 -7.75 -20.89 -20.10
CA VAL B 299 -7.48 -22.19 -19.50
C VAL B 299 -8.28 -23.28 -20.18
N ASP B 300 -9.59 -23.08 -20.31
CA ASP B 300 -10.42 -24.08 -20.98
C ASP B 300 -10.04 -24.22 -22.44
N ASN B 301 -9.87 -23.08 -23.12
CA ASN B 301 -9.48 -23.12 -24.52
C ASN B 301 -8.11 -23.78 -24.69
N THR B 302 -7.18 -23.47 -23.79
CA THR B 302 -5.84 -24.04 -23.90
C THR B 302 -5.85 -25.55 -23.70
N LYS B 303 -6.57 -26.03 -22.67
CA LYS B 303 -6.61 -27.47 -22.45
C LYS B 303 -7.30 -28.18 -23.61
N PHE B 304 -8.40 -27.61 -24.11
CA PHE B 304 -9.03 -28.18 -25.29
C PHE B 304 -8.07 -28.25 -26.47
N VAL B 305 -7.36 -27.15 -26.74
CA VAL B 305 -6.52 -27.09 -27.93
C VAL B 305 -5.39 -28.10 -27.81
N THR B 306 -4.75 -28.18 -26.64
CA THR B 306 -3.65 -29.13 -26.48
C THR B 306 -4.15 -30.57 -26.59
N SER B 307 -5.31 -30.87 -26.00
CA SER B 307 -5.84 -32.22 -26.09
C SER B 307 -6.10 -32.60 -27.55
N MET B 308 -6.77 -31.72 -28.29
CA MET B 308 -7.06 -32.01 -29.69
C MET B 308 -5.78 -32.14 -30.50
N TYR B 309 -4.80 -31.27 -30.24
CA TYR B 309 -3.52 -31.35 -30.93
C TYR B 309 -2.86 -32.69 -30.70
N ASN B 310 -2.81 -33.14 -29.44
CA ASN B 310 -2.21 -34.42 -29.13
C ASN B 310 -2.93 -35.56 -29.84
N GLU B 311 -4.27 -35.53 -29.81
CA GLU B 311 -5.03 -36.61 -30.44
C GLU B 311 -4.74 -36.68 -31.94
N ILE B 312 -4.81 -35.54 -32.62
CA ILE B 312 -4.60 -35.55 -34.07
C ILE B 312 -3.18 -36.00 -34.38
N LEU B 313 -2.21 -35.52 -33.59
CA LEU B 313 -0.82 -35.89 -33.84
C LEU B 313 -0.62 -37.39 -33.71
N ILE B 314 -1.14 -37.99 -32.63
CA ILE B 314 -0.93 -39.42 -32.43
C ILE B 314 -1.64 -40.21 -33.52
N LEU B 315 -2.86 -39.79 -33.90
CA LEU B 315 -3.58 -40.51 -34.94
C LEU B 315 -2.83 -40.46 -36.26
N GLY B 316 -2.37 -39.27 -36.65
CA GLY B 316 -1.62 -39.15 -37.89
C GLY B 316 -0.34 -39.96 -37.87
N ALA B 317 0.39 -39.92 -36.76
CA ALA B 317 1.62 -40.70 -36.66
C ALA B 317 1.33 -42.18 -36.80
N LYS B 318 0.27 -42.66 -36.13
CA LYS B 318 -0.07 -44.08 -36.21
C LYS B 318 -0.43 -44.48 -37.64
N LEU B 319 -1.24 -43.66 -38.31
CA LEU B 319 -1.69 -44.03 -39.66
C LEU B 319 -0.57 -43.91 -40.67
N HIS B 320 0.20 -42.82 -40.63
CA HIS B 320 1.30 -42.58 -41.57
C HIS B 320 2.56 -42.23 -40.77
N PRO B 321 3.19 -43.23 -40.15
CA PRO B 321 4.40 -42.95 -39.38
C PRO B 321 5.54 -42.37 -40.21
N THR B 322 5.55 -42.62 -41.52
CA THR B 322 6.65 -42.13 -42.35
C THR B 322 6.67 -40.61 -42.42
N LEU B 323 5.51 -39.98 -42.49
CA LEU B 323 5.43 -38.53 -42.68
C LEU B 323 5.45 -37.82 -41.34
N LYS B 324 6.11 -36.66 -41.30
CA LYS B 324 6.18 -35.81 -40.12
C LYS B 324 5.52 -34.47 -40.43
N LEU B 325 4.61 -34.06 -39.56
CA LEU B 325 3.81 -32.87 -39.81
C LEU B 325 4.45 -31.59 -39.31
N GLU B 326 5.26 -31.66 -38.26
CA GLU B 326 5.80 -30.46 -37.64
C GLU B 326 6.74 -29.69 -38.56
N GLU B 327 7.22 -30.30 -39.65
CA GLU B 327 8.13 -29.63 -40.57
C GLU B 327 7.43 -28.95 -41.73
N ILE B 328 6.10 -29.07 -41.84
CA ILE B 328 5.35 -28.48 -42.94
C ILE B 328 5.00 -27.05 -42.57
N THR B 329 5.31 -26.11 -43.46
CA THR B 329 5.13 -24.69 -43.19
C THR B 329 4.31 -24.06 -44.30
N ASN B 330 3.59 -23.00 -43.96
CA ASN B 330 2.74 -22.31 -44.91
C ASN B 330 3.60 -21.35 -45.75
N ARG B 331 2.93 -20.52 -46.55
CA ARG B 331 3.62 -19.55 -47.45
C ARG B 331 4.60 -18.69 -46.65
N LYS B 332 4.19 -18.15 -45.51
CA LYS B 332 5.04 -17.26 -44.72
C LYS B 332 6.23 -17.98 -44.10
N GLY B 333 6.36 -19.29 -44.29
CA GLY B 333 7.47 -20.00 -43.71
C GLY B 333 7.45 -20.04 -42.20
N LEU B 334 6.29 -20.25 -41.61
CA LEU B 334 6.13 -20.35 -40.17
C LEU B 334 5.66 -21.76 -39.82
N THR B 335 6.44 -22.45 -39.00
CA THR B 335 6.01 -23.73 -38.46
C THR B 335 5.01 -23.50 -37.34
N PRO B 336 4.24 -24.54 -36.96
CA PRO B 336 3.26 -24.36 -35.89
C PRO B 336 3.88 -23.83 -34.60
N LEU B 337 5.06 -24.31 -34.23
CA LEU B 337 5.74 -23.79 -33.05
C LEU B 337 6.14 -22.34 -33.26
N ALA B 338 6.75 -22.03 -34.41
CA ALA B 338 7.13 -20.65 -34.70
C ALA B 338 5.91 -19.75 -34.79
N LEU B 339 4.82 -20.24 -35.39
CA LEU B 339 3.61 -19.46 -35.48
C LEU B 339 3.05 -19.17 -34.10
N ALA B 340 3.06 -20.16 -33.22
CA ALA B 340 2.58 -19.94 -31.85
C ALA B 340 3.46 -18.92 -31.14
N ALA B 341 4.78 -19.00 -31.35
CA ALA B 341 5.68 -18.04 -30.71
C ALA B 341 5.41 -16.62 -31.21
N SER B 342 5.20 -16.46 -32.52
CA SER B 342 5.00 -15.13 -33.08
C SER B 342 3.73 -14.47 -32.56
N SER B 343 2.66 -15.24 -32.44
CA SER B 343 1.37 -14.69 -32.01
C SER B 343 1.24 -14.62 -30.50
N GLY B 344 2.24 -15.04 -29.75
CA GLY B 344 2.16 -14.98 -28.30
C GLY B 344 1.12 -15.88 -27.68
N LYS B 345 1.03 -17.13 -28.14
CA LYS B 345 0.15 -18.13 -27.55
C LYS B 345 0.94 -18.88 -26.49
N ILE B 346 0.78 -18.47 -25.24
CA ILE B 346 1.61 -19.03 -24.16
C ILE B 346 1.32 -20.51 -23.97
N GLY B 347 0.05 -20.89 -23.95
CA GLY B 347 -0.30 -22.26 -23.60
C GLY B 347 0.23 -23.26 -24.61
N VAL B 348 0.03 -22.98 -25.90
CA VAL B 348 0.46 -23.91 -26.94
C VAL B 348 1.98 -24.07 -26.92
N LEU B 349 2.70 -22.96 -26.80
CA LEU B 349 4.16 -23.02 -26.75
C LEU B 349 4.62 -23.81 -25.54
N ALA B 350 4.02 -23.55 -24.37
CA ALA B 350 4.41 -24.26 -23.17
C ALA B 350 4.18 -25.76 -23.32
N TYR B 351 3.03 -26.15 -23.85
CA TYR B 351 2.76 -27.57 -24.03
C TYR B 351 3.72 -28.20 -25.03
N ILE B 352 3.99 -27.51 -26.13
CA ILE B 352 4.80 -28.10 -27.19
C ILE B 352 6.25 -28.27 -26.75
N LEU B 353 6.79 -27.27 -26.04
CA LEU B 353 8.21 -27.32 -25.71
C LEU B 353 8.54 -28.52 -24.83
N GLN B 354 7.66 -28.85 -23.88
CA GLN B 354 7.86 -29.96 -22.97
C GLN B 354 6.81 -31.05 -23.19
N ARG B 355 6.52 -31.36 -24.45
CA ARG B 355 5.56 -32.40 -24.77
C ARG B 355 6.11 -33.76 -24.39
N GLU B 356 5.30 -34.55 -23.68
CA GLU B 356 5.69 -35.88 -23.23
C GLU B 356 4.62 -36.87 -23.63
N ILE B 357 5.03 -37.98 -24.25
CA ILE B 357 4.14 -39.04 -24.67
C ILE B 357 4.55 -40.32 -23.96
N HIS B 358 3.59 -40.97 -23.30
CA HIS B 358 3.85 -42.14 -22.48
C HIS B 358 3.20 -43.39 -23.06
N GLU B 359 3.31 -43.57 -24.38
CA GLU B 359 2.73 -44.72 -25.06
C GLU B 359 3.79 -45.38 -25.93
N PRO B 360 3.79 -46.72 -26.01
CA PRO B 360 4.76 -47.40 -26.87
C PRO B 360 4.57 -47.01 -28.33
N GLU B 361 5.69 -46.96 -29.06
CA GLU B 361 5.74 -46.59 -30.46
C GLU B 361 5.38 -45.12 -30.69
N CYS B 362 5.35 -44.32 -29.63
CA CYS B 362 5.07 -42.89 -29.76
C CYS B 362 6.02 -42.05 -28.92
N ARG B 363 7.05 -42.64 -28.33
CA ARG B 363 8.00 -41.86 -27.55
C ARG B 363 8.75 -40.86 -28.41
N HIS B 364 9.12 -41.26 -29.63
CA HIS B 364 9.91 -40.38 -30.48
C HIS B 364 9.15 -39.11 -30.86
N LEU B 365 7.83 -39.08 -30.67
CA LEU B 365 7.08 -37.86 -30.92
C LEU B 365 7.24 -36.83 -29.82
N SER B 366 7.75 -37.22 -28.66
CA SER B 366 7.88 -36.31 -27.53
C SER B 366 9.24 -35.62 -27.53
N ARG B 367 9.33 -34.55 -26.77
CA ARG B 367 10.55 -33.76 -26.64
C ARG B 367 11.23 -33.90 -25.28
N LYS B 368 10.46 -33.99 -24.20
CA LYS B 368 11.02 -34.19 -22.87
C LYS B 368 11.13 -35.67 -22.57
N PHE B 369 12.25 -36.07 -21.96
CA PHE B 369 12.51 -37.47 -21.67
C PHE B 369 12.97 -37.58 -20.23
N THR B 370 13.44 -38.78 -19.86
CA THR B 370 13.97 -39.05 -18.52
C THR B 370 15.10 -40.05 -18.68
N GLU B 371 16.34 -39.54 -18.72
CA GLU B 371 17.48 -40.40 -18.99
C GLU B 371 17.66 -41.44 -17.90
N TRP B 372 17.55 -41.02 -16.63
CA TRP B 372 17.70 -41.95 -15.52
C TRP B 372 17.13 -41.33 -14.26
N ALA B 373 16.87 -42.17 -13.28
CA ALA B 373 16.33 -41.74 -11.99
C ALA B 373 16.95 -42.58 -10.88
N TYR B 374 17.04 -41.98 -9.70
CA TYR B 374 17.58 -42.67 -8.52
C TYR B 374 17.12 -41.92 -7.28
N GLY B 375 16.42 -42.61 -6.40
CA GLY B 375 15.89 -41.99 -5.21
C GLY B 375 14.95 -40.84 -5.55
N PRO B 376 15.10 -39.71 -4.87
CA PRO B 376 14.26 -38.54 -5.18
C PRO B 376 14.82 -37.62 -6.26
N VAL B 377 15.95 -37.96 -6.88
CA VAL B 377 16.59 -37.11 -7.88
C VAL B 377 16.59 -37.87 -9.20
N HIS B 378 16.07 -37.23 -10.24
CA HIS B 378 16.06 -37.80 -11.59
C HIS B 378 16.35 -36.69 -12.59
N SER B 379 17.04 -37.07 -13.67
CA SER B 379 17.51 -36.12 -14.67
C SER B 379 16.65 -36.20 -15.91
N SER B 380 16.21 -35.04 -16.40
CA SER B 380 15.41 -34.94 -17.61
C SER B 380 16.28 -34.49 -18.78
N LEU B 381 15.66 -34.41 -19.95
CA LEU B 381 16.32 -33.92 -21.15
C LEU B 381 15.34 -33.06 -21.93
N TYR B 382 15.89 -32.17 -22.76
CA TYR B 382 15.07 -31.31 -23.60
C TYR B 382 15.69 -31.22 -24.98
N ASP B 383 14.85 -31.20 -26.01
CA ASP B 383 15.32 -31.10 -27.38
C ASP B 383 15.47 -29.64 -27.75
N LEU B 384 16.68 -29.25 -28.18
CA LEU B 384 16.96 -27.88 -28.59
C LEU B 384 16.86 -27.68 -30.09
N SER B 385 16.51 -28.73 -30.85
CA SER B 385 16.31 -28.54 -32.28
C SER B 385 15.18 -27.55 -32.51
N CYS B 386 15.42 -26.57 -33.38
CA CYS B 386 14.46 -25.54 -33.72
C CYS B 386 14.15 -24.60 -32.56
N ILE B 387 15.12 -24.38 -31.67
CA ILE B 387 14.98 -23.42 -30.57
C ILE B 387 16.04 -22.32 -30.66
N ASP B 388 17.28 -22.71 -30.95
CA ASP B 388 18.41 -21.75 -30.99
C ASP B 388 18.77 -21.39 -32.44
N THR B 389 18.76 -22.35 -33.37
CA THR B 389 19.11 -22.10 -34.77
C THR B 389 18.42 -23.14 -35.64
N CYS B 390 17.26 -22.78 -36.20
CA CYS B 390 16.54 -23.64 -37.11
C CYS B 390 16.91 -23.39 -38.57
N GLU B 391 17.78 -22.42 -38.85
CA GLU B 391 18.27 -22.01 -40.15
C GLU B 391 17.22 -21.21 -40.92
N LYS B 392 15.98 -21.11 -40.44
CA LYS B 392 14.99 -20.22 -41.02
C LYS B 392 14.46 -19.20 -40.03
N ASN B 393 13.99 -19.64 -38.86
CA ASN B 393 13.61 -18.74 -37.79
C ASN B 393 13.47 -19.51 -36.48
N SER B 394 14.33 -19.20 -35.52
CA SER B 394 14.28 -19.88 -34.23
C SER B 394 13.19 -19.28 -33.35
N VAL B 395 12.82 -20.02 -32.31
CA VAL B 395 11.89 -19.47 -31.33
C VAL B 395 12.51 -18.26 -30.64
N LEU B 396 13.78 -18.37 -30.25
CA LEU B 396 14.44 -17.27 -29.57
C LEU B 396 14.55 -16.04 -30.47
N GLU B 397 14.93 -16.25 -31.73
CA GLU B 397 15.07 -15.12 -32.64
C GLU B 397 13.72 -14.44 -32.87
N VAL B 398 12.66 -15.22 -33.06
CA VAL B 398 11.36 -14.65 -33.35
C VAL B 398 10.81 -13.92 -32.13
N ILE B 399 10.94 -14.51 -30.95
CA ILE B 399 10.41 -13.87 -29.74
C ILE B 399 11.20 -12.62 -29.40
N ALA B 400 12.52 -12.65 -29.61
CA ALA B 400 13.34 -11.52 -29.21
C ALA B 400 13.12 -10.31 -30.11
N TYR B 401 12.96 -10.54 -31.42
CA TYR B 401 12.86 -9.46 -32.38
C TYR B 401 11.43 -9.04 -32.68
N SER B 402 10.44 -9.68 -32.04
CA SER B 402 9.05 -9.35 -32.32
C SER B 402 8.72 -7.96 -31.81
N SER B 403 7.84 -7.26 -32.54
CA SER B 403 7.46 -5.91 -32.16
C SER B 403 6.59 -5.93 -30.91
N SER B 404 6.48 -4.76 -30.27
CA SER B 404 5.92 -4.67 -28.93
C SER B 404 4.44 -5.01 -28.86
N GLU B 405 3.71 -4.91 -29.98
CA GLU B 405 2.27 -5.14 -29.92
C GLU B 405 1.90 -6.58 -29.59
N THR B 406 2.85 -7.51 -29.65
CA THR B 406 2.55 -8.90 -29.32
C THR B 406 2.07 -8.98 -27.87
N PRO B 407 1.05 -9.79 -27.59
CA PRO B 407 0.46 -9.75 -26.24
C PRO B 407 1.44 -10.02 -25.11
N ASN B 408 2.11 -11.17 -25.12
CA ASN B 408 2.80 -11.65 -23.93
C ASN B 408 4.30 -11.83 -24.15
N ARG B 409 4.95 -10.84 -24.76
CA ARG B 409 6.39 -10.95 -24.98
C ARG B 409 7.14 -11.08 -23.67
N HIS B 410 6.80 -10.26 -22.68
CA HIS B 410 7.56 -10.24 -21.42
C HIS B 410 7.43 -11.56 -20.68
N ASP B 411 6.23 -12.14 -20.67
CA ASP B 411 5.93 -13.28 -19.82
C ASP B 411 6.14 -14.62 -20.53
N MET B 412 6.69 -14.61 -21.74
CA MET B 412 6.87 -15.85 -22.50
C MET B 412 8.20 -16.52 -22.22
N LEU B 413 9.24 -15.75 -21.88
CA LEU B 413 10.57 -16.31 -21.68
C LEU B 413 10.72 -16.99 -20.33
N LEU B 414 9.64 -17.21 -19.60
CA LEU B 414 9.70 -17.93 -18.34
C LEU B 414 9.54 -19.43 -18.52
N VAL B 415 9.28 -19.91 -19.74
CA VAL B 415 9.14 -21.34 -19.97
C VAL B 415 10.47 -22.03 -19.62
N GLU B 416 10.37 -23.31 -19.26
CA GLU B 416 11.47 -23.99 -18.58
C GLU B 416 12.78 -23.94 -19.34
N PRO B 417 12.89 -24.62 -20.49
CA PRO B 417 14.21 -24.72 -21.14
C PRO B 417 14.81 -23.38 -21.53
N LEU B 418 13.99 -22.40 -21.93
CA LEU B 418 14.52 -21.16 -22.48
C LEU B 418 15.31 -20.38 -21.44
N ASN B 419 14.78 -20.27 -20.22
CA ASN B 419 15.46 -19.50 -19.19
C ASN B 419 16.84 -20.08 -18.89
N ARG B 420 16.91 -21.41 -18.71
CA ARG B 420 18.18 -22.05 -18.43
C ARG B 420 19.13 -21.89 -19.60
N LEU B 421 18.62 -22.00 -20.83
CA LEU B 421 19.47 -21.85 -22.00
C LEU B 421 20.11 -20.46 -22.05
N LEU B 422 19.29 -19.42 -21.83
CA LEU B 422 19.82 -18.06 -21.85
C LEU B 422 20.85 -17.86 -20.75
N GLN B 423 20.55 -18.32 -19.54
CA GLN B 423 21.49 -18.16 -18.43
C GLN B 423 22.80 -18.87 -18.74
N ASP B 424 22.73 -20.07 -19.32
CA ASP B 424 23.93 -20.82 -19.65
C ASP B 424 24.78 -20.08 -20.67
N LYS B 425 24.16 -19.61 -21.76
CA LYS B 425 24.93 -18.89 -22.77
C LYS B 425 25.60 -17.66 -22.16
N TRP B 426 24.84 -16.91 -21.37
CA TRP B 426 25.38 -15.73 -20.72
C TRP B 426 26.62 -16.10 -19.95
N ASP B 427 26.45 -16.94 -18.92
CA ASP B 427 27.57 -17.30 -18.05
C ASP B 427 28.72 -17.90 -18.82
N ARG B 428 28.46 -18.50 -19.98
CA ARG B 428 29.53 -19.12 -20.75
C ARG B 428 30.44 -18.07 -21.38
N PHE B 429 29.89 -17.16 -22.17
CA PHE B 429 30.77 -16.18 -22.84
C PHE B 429 30.28 -14.74 -22.84
N VAL B 430 28.99 -14.48 -22.67
CA VAL B 430 28.51 -13.13 -22.88
C VAL B 430 29.02 -12.22 -21.77
N LYS B 431 29.21 -12.76 -20.57
CA LYS B 431 29.74 -11.94 -19.49
C LYS B 431 31.10 -11.36 -19.86
N ARG B 432 32.01 -12.22 -20.32
CA ARG B 432 33.34 -11.74 -20.67
C ARG B 432 33.28 -10.73 -21.82
N ILE B 433 32.51 -11.05 -22.86
CA ILE B 433 32.47 -10.13 -24.00
C ILE B 433 31.92 -8.77 -23.57
N PHE B 434 30.84 -8.79 -22.79
CA PHE B 434 30.21 -7.55 -22.36
C PHE B 434 31.15 -6.72 -21.49
N TYR B 435 31.88 -7.36 -20.58
CA TYR B 435 32.80 -6.61 -19.74
C TYR B 435 33.90 -5.98 -20.57
N PHE B 436 34.43 -6.71 -21.56
CA PHE B 436 35.45 -6.13 -22.40
C PHE B 436 34.92 -4.91 -23.15
N ASN B 437 33.70 -5.00 -23.68
CA ASN B 437 33.11 -3.86 -24.38
C ASN B 437 32.97 -2.67 -23.44
N PHE B 438 32.51 -2.92 -22.21
CA PHE B 438 32.36 -1.86 -21.23
C PHE B 438 33.69 -1.15 -21.00
N PHE B 439 34.75 -1.93 -20.81
CA PHE B 439 36.06 -1.34 -20.56
C PHE B 439 36.52 -0.49 -21.73
N VAL B 440 36.36 -1.00 -22.95
CA VAL B 440 36.80 -0.23 -24.11
C VAL B 440 36.03 1.09 -24.21
N TYR B 441 34.72 1.05 -23.99
CA TYR B 441 33.94 2.28 -24.09
C TYR B 441 34.37 3.29 -23.03
N CYS B 442 34.60 2.84 -21.80
CA CYS B 442 35.02 3.77 -20.76
C CYS B 442 36.36 4.41 -21.10
N LEU B 443 37.30 3.60 -21.61
CA LEU B 443 38.59 4.16 -21.99
C LEU B 443 38.43 5.21 -23.08
N TYR B 444 37.62 4.91 -24.08
CA TYR B 444 37.43 5.87 -25.17
C TYR B 444 36.84 7.17 -24.65
N MET B 445 35.87 7.09 -23.75
CA MET B 445 35.23 8.31 -23.26
C MET B 445 36.19 9.13 -22.41
N ILE B 446 37.01 8.48 -21.59
CA ILE B 446 38.02 9.21 -20.83
C ILE B 446 38.96 9.95 -21.77
N ILE B 447 39.42 9.26 -22.82
CA ILE B 447 40.30 9.91 -23.78
C ILE B 447 39.62 11.12 -24.40
N PHE B 448 38.36 10.96 -24.81
CA PHE B 448 37.64 12.04 -25.47
C PHE B 448 37.52 13.26 -24.56
N THR B 449 37.09 13.05 -23.32
CA THR B 449 36.91 14.19 -22.43
C THR B 449 38.25 14.86 -22.12
N ALA B 450 39.30 14.09 -21.90
CA ALA B 450 40.60 14.70 -21.63
C ALA B 450 41.08 15.52 -22.82
N ALA B 451 40.87 15.02 -24.04
CA ALA B 451 41.34 15.74 -25.21
C ALA B 451 40.52 17.01 -25.43
N ALA B 452 39.22 16.96 -25.18
CA ALA B 452 38.37 18.12 -25.44
C ALA B 452 38.52 19.21 -24.37
N TYR B 453 38.73 18.83 -23.11
CA TYR B 453 38.80 19.82 -22.05
C TYR B 453 39.95 20.79 -22.22
N TYR B 454 40.95 20.46 -23.04
CA TYR B 454 42.15 21.28 -23.20
C TYR B 454 42.17 22.00 -24.55
N ARG B 455 41.01 22.27 -25.13
CA ARG B 455 40.97 22.88 -26.44
C ARG B 455 41.66 24.24 -26.39
N PRO B 456 42.46 24.59 -27.40
CA PRO B 456 43.05 25.93 -27.43
C PRO B 456 42.02 26.99 -27.73
N VAL B 457 42.29 28.20 -27.28
CA VAL B 457 41.39 29.34 -27.44
C VAL B 457 42.19 30.47 -28.07
N GLU B 458 42.15 30.53 -29.40
CA GLU B 458 42.80 31.60 -30.15
C GLU B 458 41.87 32.28 -31.13
N GLY B 459 40.97 31.55 -31.76
CA GLY B 459 40.00 32.12 -32.67
C GLY B 459 40.12 31.64 -34.10
N LEU B 460 38.97 31.45 -34.76
CA LEU B 460 38.91 31.09 -36.17
C LEU B 460 39.76 29.87 -36.47
N PRO B 461 39.31 28.68 -36.10
CA PRO B 461 40.06 27.46 -36.45
C PRO B 461 40.06 27.24 -37.95
N PRO B 462 40.87 26.29 -38.46
CA PRO B 462 41.75 25.38 -37.71
C PRO B 462 42.94 26.08 -37.07
N TYR B 463 43.58 25.40 -36.12
CA TYR B 463 44.72 25.94 -35.41
C TYR B 463 45.98 25.19 -35.83
N LYS B 464 47.09 25.92 -35.92
CA LYS B 464 48.36 25.31 -36.31
C LYS B 464 49.06 24.72 -35.09
N LEU B 465 49.44 23.45 -35.19
CA LEU B 465 50.08 22.78 -34.07
C LEU B 465 51.48 23.33 -33.84
N LYS B 466 52.02 23.01 -32.67
CA LYS B 466 53.37 23.40 -32.29
C LYS B 466 54.20 22.15 -32.00
N ASN B 467 55.52 22.32 -32.04
CA ASN B 467 56.45 21.21 -31.85
C ASN B 467 56.62 20.94 -30.35
N THR B 468 55.54 20.43 -29.76
CA THR B 468 55.55 20.05 -28.35
C THR B 468 54.67 18.82 -28.17
N VAL B 469 54.98 18.03 -27.14
CA VAL B 469 54.24 16.79 -26.90
C VAL B 469 52.76 17.07 -26.69
N GLY B 470 52.43 18.21 -26.09
CA GLY B 470 51.03 18.51 -25.83
C GLY B 470 50.20 18.55 -27.09
N ASP B 471 50.70 19.22 -28.12
CA ASP B 471 49.95 19.33 -29.37
C ASP B 471 49.78 17.98 -30.04
N TYR B 472 50.83 17.16 -30.05
CA TYR B 472 50.71 15.81 -30.61
C TYR B 472 49.66 15.00 -29.86
N PHE B 473 49.67 15.08 -28.53
CA PHE B 473 48.68 14.35 -27.75
C PHE B 473 47.28 14.84 -28.07
N ARG B 474 47.09 16.15 -28.19
CA ARG B 474 45.77 16.69 -28.48
C ARG B 474 45.30 16.24 -29.86
N VAL B 475 46.19 16.25 -30.85
CA VAL B 475 45.80 15.81 -32.19
C VAL B 475 45.42 14.34 -32.17
N THR B 476 46.18 13.51 -31.46
CA THR B 476 45.84 12.10 -31.37
C THR B 476 44.48 11.91 -30.71
N GLY B 477 44.21 12.67 -29.64
CA GLY B 477 42.92 12.58 -29.00
C GLY B 477 41.77 12.94 -29.92
N GLU B 478 41.95 14.03 -30.68
CA GLU B 478 40.90 14.42 -31.62
C GLU B 478 40.68 13.32 -32.66
N ILE B 479 41.76 12.73 -33.18
CA ILE B 479 41.61 11.70 -34.20
C ILE B 479 40.88 10.49 -33.63
N LEU B 480 41.24 10.08 -32.41
CA LEU B 480 40.57 8.96 -31.78
C LEU B 480 39.08 9.24 -31.61
N SER B 481 38.74 10.44 -31.13
CA SER B 481 37.33 10.78 -30.93
C SER B 481 36.57 10.73 -32.25
N VAL B 482 37.14 11.29 -33.31
CA VAL B 482 36.45 11.29 -34.59
C VAL B 482 36.28 9.87 -35.11
N SER B 483 37.30 9.03 -34.95
CA SER B 483 37.19 7.65 -35.40
C SER B 483 36.07 6.93 -34.67
N GLY B 484 35.98 7.12 -33.35
CA GLY B 484 34.89 6.51 -32.61
C GLY B 484 33.53 7.00 -33.07
N GLY B 485 33.41 8.31 -33.29
CA GLY B 485 32.15 8.84 -33.76
C GLY B 485 31.70 8.23 -35.07
N VAL B 486 32.62 8.14 -36.03
CA VAL B 486 32.26 7.61 -37.34
C VAL B 486 31.95 6.12 -37.26
N TYR B 487 32.68 5.39 -36.41
CA TYR B 487 32.38 3.96 -36.24
C TYR B 487 30.97 3.77 -35.70
N PHE B 488 30.58 4.55 -34.68
CA PHE B 488 29.23 4.45 -34.16
C PHE B 488 28.22 4.82 -35.23
N PHE B 489 28.54 5.81 -36.06
CA PHE B 489 27.64 6.20 -37.14
C PHE B 489 27.35 5.03 -38.06
N PHE B 490 28.40 4.36 -38.54
CA PHE B 490 28.17 3.20 -39.40
C PHE B 490 27.42 2.09 -38.68
N ARG B 491 27.75 1.80 -37.43
CA ARG B 491 27.03 0.72 -36.74
C ARG B 491 25.55 1.04 -36.66
N GLY B 492 25.20 2.27 -36.30
CA GLY B 492 23.80 2.63 -36.21
C GLY B 492 23.10 2.54 -37.56
N ILE B 493 23.74 3.03 -38.62
CA ILE B 493 23.09 3.00 -39.93
C ILE B 493 22.89 1.56 -40.38
N GLN B 494 23.86 0.69 -40.11
CA GLN B 494 23.72 -0.71 -40.47
C GLN B 494 22.55 -1.35 -39.74
N TYR B 495 22.45 -1.12 -38.42
CA TYR B 495 21.35 -1.72 -37.68
C TYR B 495 20.00 -1.23 -38.19
N PHE B 496 19.89 0.09 -38.42
CA PHE B 496 18.62 0.62 -38.91
C PHE B 496 18.27 0.06 -40.27
N LEU B 497 19.27 -0.10 -41.14
CA LEU B 497 19.02 -0.67 -42.46
C LEU B 497 18.55 -2.12 -42.36
N GLN B 498 19.19 -2.92 -41.52
CA GLN B 498 18.82 -4.32 -41.43
C GLN B 498 17.42 -4.50 -40.83
N ARG B 499 17.16 -3.87 -39.68
CA ARG B 499 15.91 -4.12 -38.99
C ARG B 499 14.73 -3.43 -39.68
N ARG B 500 14.90 -2.19 -40.09
CA ARG B 500 13.83 -1.43 -40.71
C ARG B 500 12.59 -1.47 -39.83
N PRO B 501 12.60 -0.83 -38.68
CA PRO B 501 11.44 -0.86 -37.77
C PRO B 501 10.41 0.18 -38.19
N SER B 502 9.27 0.15 -37.49
CA SER B 502 8.18 1.06 -37.76
C SER B 502 8.47 2.42 -37.14
N LEU B 503 7.50 3.33 -37.19
CA LEU B 503 7.68 4.67 -36.63
C LEU B 503 7.31 4.74 -35.16
N LYS B 504 6.21 4.10 -34.77
CA LYS B 504 5.78 4.08 -33.37
C LYS B 504 6.54 3.07 -32.54
N SER B 505 7.35 2.22 -33.17
CA SER B 505 8.21 1.27 -32.47
C SER B 505 9.65 1.77 -32.38
N LEU B 506 9.91 3.01 -32.77
CA LEU B 506 11.25 3.58 -32.73
C LEU B 506 11.52 4.34 -31.44
N PHE B 507 10.57 4.35 -30.51
CA PHE B 507 10.79 4.95 -29.19
C PHE B 507 10.48 3.94 -28.09
N VAL B 508 9.48 3.08 -28.32
CA VAL B 508 9.24 1.99 -27.38
C VAL B 508 10.39 0.99 -27.46
N ASP B 509 10.96 0.80 -28.65
CA ASP B 509 12.13 -0.04 -28.85
C ASP B 509 13.24 0.80 -29.47
N SER B 510 14.43 0.22 -29.53
CA SER B 510 15.60 0.91 -30.10
C SER B 510 15.83 2.25 -29.41
N TYR B 511 15.61 2.28 -28.09
CA TYR B 511 15.73 3.52 -27.34
C TYR B 511 17.16 3.94 -27.13
N SER B 512 18.13 3.04 -27.34
CA SER B 512 19.54 3.36 -27.18
C SER B 512 20.28 3.54 -28.49
N GLU B 513 19.87 2.82 -29.54
CA GLU B 513 20.47 3.02 -30.85
C GLU B 513 20.25 4.44 -31.34
N ILE B 514 19.05 4.98 -31.10
CA ILE B 514 18.76 6.34 -31.51
C ILE B 514 19.70 7.31 -30.80
N LEU B 515 19.95 7.10 -29.50
CA LEU B 515 20.83 8.00 -28.77
C LEU B 515 22.27 7.92 -29.26
N PHE B 516 22.78 6.71 -29.48
CA PHE B 516 24.13 6.58 -30.01
C PHE B 516 24.25 7.23 -31.38
N PHE B 517 23.24 7.03 -32.22
CA PHE B 517 23.24 7.65 -33.54
C PHE B 517 23.25 9.17 -33.43
N VAL B 518 22.47 9.72 -32.50
CA VAL B 518 22.40 11.17 -32.34
C VAL B 518 23.76 11.71 -31.90
N GLN B 519 24.41 11.02 -30.98
CA GLN B 519 25.75 11.44 -30.56
C GLN B 519 26.71 11.46 -31.74
N SER B 520 26.69 10.40 -32.56
CA SER B 520 27.57 10.35 -33.70
C SER B 520 27.28 11.50 -34.66
N LEU B 521 26.00 11.80 -34.88
CA LEU B 521 25.64 12.90 -35.77
C LEU B 521 26.18 14.22 -35.23
N PHE B 522 26.06 14.45 -33.92
CA PHE B 522 26.58 15.67 -33.35
C PHE B 522 28.08 15.78 -33.56
N MET B 523 28.81 14.68 -33.36
CA MET B 523 30.24 14.73 -33.56
C MET B 523 30.59 15.05 -35.01
N LEU B 524 29.89 14.43 -35.96
CA LEU B 524 30.18 14.69 -37.36
C LEU B 524 29.89 16.14 -37.73
N VAL B 525 28.76 16.68 -37.28
CA VAL B 525 28.45 18.08 -37.55
C VAL B 525 29.52 18.97 -36.93
N SER B 526 30.00 18.61 -35.75
CA SER B 526 31.03 19.40 -35.09
C SER B 526 32.29 19.46 -35.92
N VAL B 527 32.74 18.31 -36.43
CA VAL B 527 33.96 18.31 -37.23
C VAL B 527 33.76 19.08 -38.53
N VAL B 528 32.58 18.94 -39.15
CA VAL B 528 32.31 19.68 -40.38
C VAL B 528 32.41 21.18 -40.14
N LEU B 529 31.81 21.65 -39.05
CA LEU B 529 31.93 23.07 -38.72
C LEU B 529 33.36 23.46 -38.40
N TYR B 530 34.10 22.56 -37.74
CA TYR B 530 35.48 22.86 -37.39
C TYR B 530 36.32 23.12 -38.62
N PHE B 531 36.14 22.30 -39.66
CA PHE B 531 36.94 22.47 -40.87
C PHE B 531 36.38 23.51 -41.82
N SER B 532 35.27 24.16 -41.46
CA SER B 532 34.68 25.21 -42.28
C SER B 532 34.98 26.61 -41.75
N GLN B 533 35.89 26.73 -40.79
CA GLN B 533 36.26 28.02 -40.22
C GLN B 533 35.06 28.73 -39.60
N ARG B 534 34.51 28.09 -38.56
CA ARG B 534 33.43 28.68 -37.79
C ARG B 534 33.73 28.57 -36.30
N LYS B 535 32.76 28.89 -35.45
CA LYS B 535 32.96 28.85 -34.01
C LYS B 535 31.80 28.19 -33.27
N GLU B 536 30.94 27.49 -33.99
CA GLU B 536 29.81 26.78 -33.37
C GLU B 536 30.26 25.37 -33.01
N TYR B 537 31.41 24.90 -33.50
CA TYR B 537 31.83 23.53 -33.22
C TYR B 537 31.97 23.32 -31.74
N VAL B 538 32.24 24.37 -30.98
CA VAL B 538 32.31 24.25 -29.52
C VAL B 538 30.95 23.82 -28.97
N ALA B 539 29.89 24.49 -29.41
CA ALA B 539 28.55 24.12 -28.94
C ALA B 539 28.20 22.70 -29.35
N SER B 540 28.48 22.35 -30.61
CA SER B 540 28.16 21.00 -31.06
C SER B 540 28.92 19.96 -30.25
N MET B 541 30.22 20.19 -30.04
CA MET B 541 31.04 19.23 -29.32
C MET B 541 30.58 19.08 -27.88
N VAL B 542 30.24 20.18 -27.22
CA VAL B 542 29.82 20.06 -25.82
C VAL B 542 28.49 19.33 -25.71
N PHE B 543 27.57 19.58 -26.65
CA PHE B 543 26.33 18.81 -26.64
C PHE B 543 26.63 17.33 -26.78
N SER B 544 27.50 16.98 -27.73
CA SER B 544 27.84 15.57 -27.92
C SER B 544 28.48 14.98 -26.67
N LEU B 545 29.37 15.74 -26.03
CA LEU B 545 30.09 15.23 -24.86
C LEU B 545 29.13 14.96 -23.72
N ALA B 546 28.24 15.91 -23.43
CA ALA B 546 27.29 15.70 -22.35
C ALA B 546 26.38 14.51 -22.64
N MET B 547 25.88 14.42 -23.87
CA MET B 547 24.99 13.30 -24.20
C MET B 547 25.73 11.98 -24.07
N GLY B 548 26.97 11.91 -24.54
CA GLY B 548 27.71 10.67 -24.44
C GLY B 548 27.97 10.26 -23.00
N TRP B 549 28.34 11.22 -22.15
CA TRP B 549 28.58 10.89 -20.75
C TRP B 549 27.32 10.36 -20.10
N THR B 550 26.18 11.01 -20.34
CA THR B 550 24.94 10.54 -19.73
C THR B 550 24.39 9.28 -20.38
N ASN B 551 24.90 8.90 -21.56
CA ASN B 551 24.42 7.73 -22.29
C ASN B 551 25.16 6.45 -21.92
N MET B 552 25.75 6.38 -20.73
CA MET B 552 26.41 5.17 -20.25
C MET B 552 25.53 4.34 -19.33
N LEU B 553 24.27 4.76 -19.13
CA LEU B 553 23.32 3.93 -18.40
C LEU B 553 23.02 2.63 -19.12
N TYR B 554 23.27 2.56 -20.43
CA TYR B 554 22.98 1.36 -21.19
C TYR B 554 23.81 0.16 -20.73
N TYR B 555 24.93 0.39 -20.07
CA TYR B 555 25.80 -0.69 -19.65
C TYR B 555 25.49 -1.22 -18.26
N THR B 556 24.47 -0.68 -17.59
CA THR B 556 24.07 -1.26 -16.31
C THR B 556 23.45 -2.63 -16.49
N ARG B 557 22.77 -2.87 -17.61
CA ARG B 557 22.20 -4.20 -17.85
C ARG B 557 23.32 -5.23 -17.80
N GLY B 558 23.07 -6.32 -17.08
CA GLY B 558 24.09 -7.24 -16.66
C GLY B 558 24.37 -7.19 -15.17
N PHE B 559 23.99 -6.11 -14.51
CA PHE B 559 23.99 -6.01 -13.06
C PHE B 559 22.55 -5.90 -12.62
N GLN B 560 22.05 -6.90 -11.89
CA GLN B 560 20.61 -7.05 -11.71
C GLN B 560 19.97 -5.78 -11.14
N GLN B 561 20.37 -5.38 -9.94
CA GLN B 561 19.70 -4.25 -9.29
C GLN B 561 19.84 -2.98 -10.10
N MET B 562 21.05 -2.71 -10.61
CA MET B 562 21.25 -1.51 -11.41
C MET B 562 20.45 -1.58 -12.70
N GLY B 563 20.36 -2.76 -13.30
CA GLY B 563 19.55 -2.89 -14.51
C GLY B 563 18.09 -2.58 -14.25
N ILE B 564 17.56 -3.07 -13.14
CA ILE B 564 16.17 -2.77 -12.79
C ILE B 564 15.99 -1.27 -12.58
N TYR B 565 16.94 -0.64 -11.90
CA TYR B 565 16.85 0.79 -11.65
C TYR B 565 16.84 1.57 -12.96
N ALA B 566 17.73 1.22 -13.88
CA ALA B 566 17.77 1.89 -15.18
C ALA B 566 16.48 1.68 -15.96
N VAL B 567 15.92 0.47 -15.90
CA VAL B 567 14.66 0.22 -16.59
C VAL B 567 13.55 1.09 -16.01
N MET B 568 13.52 1.22 -14.68
CA MET B 568 12.51 2.09 -14.08
C MET B 568 12.67 3.53 -14.56
N ILE B 569 13.91 4.02 -14.60
CA ILE B 569 14.12 5.38 -15.10
C ILE B 569 13.61 5.52 -16.53
N GLU B 570 13.93 4.55 -17.39
CA GLU B 570 13.51 4.64 -18.78
C GLU B 570 11.99 4.65 -18.89
N LYS B 571 11.32 3.76 -18.16
CA LYS B 571 9.86 3.70 -18.24
C LYS B 571 9.24 5.00 -17.78
N MET B 572 9.73 5.55 -16.67
CA MET B 572 9.16 6.82 -16.17
C MET B 572 9.37 7.94 -17.18
N ILE B 573 10.58 8.05 -17.73
CA ILE B 573 10.85 9.11 -18.70
C ILE B 573 9.93 8.98 -19.90
N LEU B 574 9.71 7.75 -20.38
CA LEU B 574 8.90 7.57 -21.58
C LEU B 574 7.41 7.76 -21.33
N ARG B 575 6.93 7.47 -20.11
CA ARG B 575 5.49 7.41 -19.88
C ARG B 575 4.93 8.54 -19.02
N ASP B 576 5.75 9.43 -18.48
CA ASP B 576 5.23 10.52 -17.66
C ASP B 576 5.67 11.91 -18.07
N LEU B 577 6.78 12.07 -18.79
CA LEU B 577 7.23 13.41 -19.14
C LEU B 577 6.19 14.15 -19.97
N CYS B 578 5.72 13.52 -21.04
CA CYS B 578 4.76 14.18 -21.92
C CYS B 578 3.46 14.49 -21.18
N ARG B 579 3.00 13.56 -20.34
CA ARG B 579 1.74 13.73 -19.64
C ARG B 579 1.81 14.75 -18.52
N PHE B 580 3.01 14.99 -17.97
CA PHE B 580 3.16 15.85 -16.80
C PHE B 580 3.85 17.18 -17.09
N MET B 581 4.35 17.39 -18.31
CA MET B 581 4.99 18.66 -18.62
C MET B 581 4.05 19.65 -19.31
N PHE B 582 3.05 19.15 -20.02
CA PHE B 582 2.15 20.04 -20.76
C PHE B 582 1.42 20.97 -19.79
N VAL B 583 0.89 20.42 -18.70
CA VAL B 583 0.11 21.23 -17.77
C VAL B 583 1.00 22.29 -17.11
N TYR B 584 2.19 21.89 -16.67
CA TYR B 584 3.09 22.85 -16.04
C TYR B 584 3.46 23.96 -17.00
N LEU B 585 3.77 23.62 -18.25
CA LEU B 585 4.13 24.65 -19.22
C LEU B 585 2.97 25.59 -19.46
N VAL B 586 1.75 25.07 -19.53
CA VAL B 586 0.59 25.93 -19.73
C VAL B 586 0.46 26.92 -18.59
N PHE B 587 0.54 26.43 -17.35
CA PHE B 587 0.42 27.34 -16.21
C PHE B 587 1.51 28.40 -16.24
N LEU B 588 2.74 27.98 -16.48
CA LEU B 588 3.87 28.90 -16.47
C LEU B 588 3.69 29.98 -17.52
N PHE B 589 3.31 29.59 -18.74
CA PHE B 589 3.14 30.58 -19.79
C PHE B 589 2.01 31.54 -19.48
N GLY B 590 0.89 31.03 -18.96
CA GLY B 590 -0.22 31.92 -18.64
C GLY B 590 0.18 32.98 -17.64
N PHE B 591 0.75 32.56 -16.51
CA PHE B 591 1.07 33.54 -15.48
C PHE B 591 2.22 34.44 -15.89
N SER B 592 3.18 33.93 -16.68
CA SER B 592 4.24 34.78 -17.18
C SER B 592 3.70 35.88 -18.09
N THR B 593 2.77 35.53 -18.99
CA THR B 593 2.17 36.55 -19.84
C THR B 593 1.40 37.58 -19.02
N ALA B 594 0.65 37.13 -18.02
CA ALA B 594 -0.08 38.08 -17.18
C ALA B 594 0.88 39.06 -16.51
N VAL B 595 1.92 38.53 -15.83
CA VAL B 595 2.82 39.40 -15.08
C VAL B 595 3.54 40.35 -16.03
N VAL B 596 3.98 39.86 -17.19
CA VAL B 596 4.69 40.72 -18.13
C VAL B 596 3.77 41.83 -18.64
N THR B 597 2.49 41.51 -18.85
CA THR B 597 1.55 42.55 -19.24
C THR B 597 1.43 43.61 -18.16
N LEU B 598 1.40 43.20 -16.89
CA LEU B 598 1.19 44.17 -15.82
C LEU B 598 2.31 45.20 -15.76
N ILE B 599 3.57 44.76 -15.86
CA ILE B 599 4.70 45.65 -15.63
C ILE B 599 4.73 46.75 -16.69
N GLU B 600 5.29 47.90 -16.33
CA GLU B 600 5.29 49.07 -17.19
C GLU B 600 6.52 49.14 -18.10
N ASP B 601 7.71 49.20 -17.51
CA ASP B 601 8.93 49.29 -18.31
C ASP B 601 10.14 49.10 -17.39
N GLY B 602 11.12 48.34 -17.88
CA GLY B 602 12.32 48.12 -17.09
C GLY B 602 13.12 46.96 -17.64
N LYS B 603 13.92 46.35 -16.76
CA LYS B 603 14.75 45.22 -17.15
C LYS B 603 13.93 43.94 -17.32
N TYR B 604 12.90 43.74 -16.49
CA TYR B 604 12.06 42.55 -16.55
C TYR B 604 10.83 42.75 -17.41
N ASN B 605 10.89 43.64 -18.39
CA ASN B 605 9.74 43.94 -19.24
C ASN B 605 9.63 43.04 -20.46
N SER B 606 10.62 42.17 -20.70
CA SER B 606 10.55 41.22 -21.79
C SER B 606 9.79 39.98 -21.33
N LEU B 607 9.80 38.92 -22.14
CA LEU B 607 9.13 37.68 -21.80
C LEU B 607 10.08 36.62 -21.26
N TYR B 608 11.27 36.52 -21.83
CA TYR B 608 12.22 35.51 -21.38
C TYR B 608 12.64 35.75 -19.94
N SER B 609 12.93 37.01 -19.58
CA SER B 609 13.38 37.31 -18.23
C SER B 609 12.32 36.96 -17.21
N THR B 610 11.06 37.33 -17.47
CA THR B 610 10.00 37.01 -16.52
C THR B 610 9.72 35.52 -16.47
N CYS B 611 9.82 34.83 -17.61
CA CYS B 611 9.67 33.38 -17.58
C CYS B 611 10.71 32.75 -16.67
N LEU B 612 11.97 33.21 -16.78
CA LEU B 612 13.00 32.67 -15.91
C LEU B 612 12.73 33.01 -14.46
N GLU B 613 12.29 34.24 -14.18
CA GLU B 613 12.04 34.65 -12.81
C GLU B 613 10.94 33.81 -12.17
N LEU B 614 9.90 33.47 -12.93
CA LEU B 614 8.87 32.59 -12.39
C LEU B 614 9.31 31.14 -12.32
N PHE B 615 10.22 30.71 -13.21
CA PHE B 615 10.72 29.35 -13.11
C PHE B 615 11.59 29.17 -11.87
N LYS B 616 12.27 30.23 -11.44
CA LYS B 616 13.12 30.12 -10.26
C LYS B 616 12.34 29.69 -9.03
N PHE B 617 11.02 29.88 -9.01
CA PHE B 617 10.22 29.52 -7.84
C PHE B 617 10.12 28.03 -7.64
N THR B 618 10.50 27.21 -8.62
CA THR B 618 10.36 25.76 -8.51
C THR B 618 11.61 25.06 -8.04
N ILE B 619 12.78 25.67 -8.21
CA ILE B 619 14.02 25.12 -7.65
C ILE B 619 14.23 25.74 -6.27
N GLY B 620 13.17 26.33 -5.71
CA GLY B 620 13.22 26.84 -4.35
C GLY B 620 14.15 28.01 -4.14
N MET B 621 14.14 28.98 -5.05
CA MET B 621 14.90 30.21 -4.81
C MET B 621 14.16 31.43 -5.36
N GLY B 622 12.83 31.41 -5.32
CA GLY B 622 12.07 32.57 -5.76
C GLY B 622 12.22 33.75 -4.84
N ASP B 623 11.92 34.94 -5.37
CA ASP B 623 12.20 36.19 -4.67
C ASP B 623 10.96 36.86 -4.10
N LEU B 624 9.87 36.94 -4.86
CA LEU B 624 8.62 37.57 -4.43
C LEU B 624 8.70 39.09 -4.35
N GLU B 625 9.88 39.67 -4.54
CA GLU B 625 10.03 41.12 -4.55
C GLU B 625 11.05 41.54 -5.60
N PHE B 626 10.98 40.95 -6.78
CA PHE B 626 12.04 41.10 -7.77
C PHE B 626 11.88 42.34 -8.65
N THR B 627 10.82 43.13 -8.48
CA THR B 627 10.68 44.34 -9.27
C THR B 627 9.77 45.31 -8.53
N GLU B 628 9.91 46.60 -8.88
CA GLU B 628 9.14 47.64 -8.22
C GLU B 628 8.64 48.73 -9.17
N ASN B 629 8.74 48.48 -10.49
CA ASN B 629 8.33 49.44 -11.54
C ASN B 629 6.96 49.04 -12.07
N TYR B 630 5.89 49.38 -11.36
CA TYR B 630 4.54 48.95 -11.73
C TYR B 630 3.56 49.67 -10.81
N ASP B 631 2.28 49.33 -10.94
CA ASP B 631 1.24 49.84 -10.04
C ASP B 631 0.40 48.67 -9.56
N PHE B 632 -0.44 48.93 -8.56
CA PHE B 632 -1.36 47.93 -8.03
C PHE B 632 -0.60 46.72 -7.48
N LYS B 633 0.15 46.98 -6.41
CA LYS B 633 0.94 45.93 -5.78
C LYS B 633 0.08 44.74 -5.38
N ALA B 634 -1.18 44.97 -5.02
CA ALA B 634 -2.06 43.88 -4.64
C ALA B 634 -2.19 42.87 -5.78
N VAL B 635 -2.34 43.36 -7.00
CA VAL B 635 -2.48 42.46 -8.15
C VAL B 635 -1.22 41.60 -8.29
N PHE B 636 -0.06 42.22 -8.20
CA PHE B 636 1.20 41.50 -8.36
C PHE B 636 1.32 40.39 -7.31
N ILE B 637 1.09 40.75 -6.04
CA ILE B 637 1.23 39.76 -4.98
C ILE B 637 0.22 38.63 -5.15
N ILE B 638 -1.02 38.98 -5.50
CA ILE B 638 -2.04 37.95 -5.66
C ILE B 638 -1.65 36.98 -6.75
N LEU B 639 -1.18 37.49 -7.89
CA LEU B 639 -0.79 36.62 -8.99
C LEU B 639 0.33 35.67 -8.56
N LEU B 640 1.37 36.21 -7.91
CA LEU B 640 2.48 35.36 -7.54
C LEU B 640 2.06 34.29 -6.54
N LEU B 641 1.25 34.66 -5.54
CA LEU B 641 0.81 33.67 -4.55
C LEU B 641 -0.05 32.59 -5.21
N ALA B 642 -0.95 32.99 -6.11
CA ALA B 642 -1.78 32.00 -6.79
C ALA B 642 -0.92 31.03 -7.58
N TYR B 643 0.08 31.54 -8.30
CA TYR B 643 0.94 30.66 -9.07
C TYR B 643 1.65 29.67 -8.16
N VAL B 644 2.20 30.15 -7.04
CA VAL B 644 2.93 29.26 -6.15
C VAL B 644 2.02 28.16 -5.62
N ILE B 645 0.83 28.53 -5.15
CA ILE B 645 -0.08 27.53 -4.58
C ILE B 645 -0.46 26.51 -5.64
N LEU B 646 -0.81 26.97 -6.84
CA LEU B 646 -1.23 26.05 -7.88
C LEU B 646 -0.11 25.09 -8.25
N THR B 647 1.13 25.58 -8.38
CA THR B 647 2.20 24.69 -8.79
C THR B 647 2.55 23.69 -7.71
N TYR B 648 2.48 24.09 -6.43
CA TYR B 648 2.74 23.12 -5.37
C TYR B 648 1.67 22.04 -5.32
N ILE B 649 0.39 22.43 -5.49
CA ILE B 649 -0.66 21.41 -5.56
C ILE B 649 -0.41 20.49 -6.75
N LEU B 650 0.01 21.06 -7.88
CA LEU B 650 0.25 20.24 -9.06
C LEU B 650 1.36 19.22 -8.82
N LEU B 651 2.46 19.64 -8.20
CA LEU B 651 3.55 18.70 -7.93
C LEU B 651 3.13 17.63 -6.93
N LEU B 652 2.37 18.01 -5.91
CA LEU B 652 1.90 17.02 -4.95
C LEU B 652 1.03 15.98 -5.64
N ASN B 653 0.12 16.42 -6.51
CA ASN B 653 -0.75 15.48 -7.21
C ASN B 653 0.04 14.63 -8.19
N MET B 654 1.06 15.23 -8.81
CA MET B 654 1.98 14.46 -9.65
C MET B 654 2.56 13.29 -8.88
N LEU B 655 3.11 13.58 -7.69
CA LEU B 655 3.73 12.55 -6.88
C LEU B 655 2.73 11.47 -6.48
N ILE B 656 1.54 11.88 -6.02
CA ILE B 656 0.58 10.89 -5.54
C ILE B 656 0.10 10.00 -6.69
N ALA B 657 -0.16 10.59 -7.86
CA ALA B 657 -0.58 9.80 -9.00
C ALA B 657 0.52 8.85 -9.44
N LEU B 658 1.77 9.31 -9.43
CA LEU B 658 2.88 8.44 -9.81
C LEU B 658 2.99 7.26 -8.86
N MET B 659 2.81 7.51 -7.56
CA MET B 659 2.90 6.42 -6.59
C MET B 659 1.73 5.46 -6.71
N GLY B 660 0.55 5.97 -7.04
CA GLY B 660 -0.65 5.14 -7.01
C GLY B 660 -0.53 3.91 -7.89
N GLU B 661 -0.07 4.08 -9.13
CA GLU B 661 0.03 2.95 -10.04
C GLU B 661 0.94 1.86 -9.51
N THR B 662 1.87 2.20 -8.62
CA THR B 662 2.74 1.21 -7.99
C THR B 662 2.00 0.65 -6.77
N VAL B 663 1.19 -0.37 -7.03
CA VAL B 663 0.44 -1.05 -5.98
C VAL B 663 1.18 -2.34 -5.65
N ASN B 664 2.50 -2.33 -5.85
CA ASN B 664 3.44 -3.44 -5.78
C ASN B 664 3.53 -4.22 -7.10
N LYS B 665 2.82 -3.79 -8.15
CA LYS B 665 3.00 -4.37 -9.48
C LYS B 665 4.01 -3.56 -10.29
N ILE B 666 5.19 -3.34 -9.73
CA ILE B 666 6.25 -2.62 -10.43
C ILE B 666 7.55 -3.39 -10.47
N ALA B 667 7.81 -4.33 -9.57
CA ALA B 667 9.03 -5.12 -9.62
C ALA B 667 8.88 -6.32 -10.54
N GLN B 668 7.72 -6.99 -10.52
CA GLN B 668 7.51 -8.14 -11.38
C GLN B 668 7.56 -7.77 -12.85
N GLU B 669 7.27 -6.51 -13.19
CA GLU B 669 7.39 -6.06 -14.58
C GLU B 669 8.79 -5.60 -14.92
N SER B 670 9.43 -4.86 -14.00
CA SER B 670 10.79 -4.39 -14.25
C SER B 670 11.75 -5.56 -14.40
N LYS B 671 11.63 -6.58 -13.55
CA LYS B 671 12.52 -7.73 -13.66
C LYS B 671 12.34 -8.44 -15.00
N ASN B 672 11.09 -8.61 -15.44
CA ASN B 672 10.86 -9.27 -16.72
C ASN B 672 11.43 -8.45 -17.88
N ILE B 673 11.24 -7.13 -17.85
CA ILE B 673 11.77 -6.30 -18.93
C ILE B 673 13.29 -6.38 -18.94
N TRP B 674 13.92 -6.36 -17.76
CA TRP B 674 15.37 -6.47 -17.72
C TRP B 674 15.83 -7.81 -18.29
N LYS B 675 15.12 -8.89 -17.95
CA LYS B 675 15.49 -10.19 -18.49
C LYS B 675 15.38 -10.20 -20.01
N LEU B 676 14.33 -9.57 -20.55
CA LEU B 676 14.19 -9.49 -22.00
C LEU B 676 15.33 -8.71 -22.62
N GLN B 677 15.74 -7.61 -21.98
CA GLN B 677 16.85 -6.81 -22.50
C GLN B 677 18.14 -7.61 -22.50
N ARG B 678 18.39 -8.37 -21.43
CA ARG B 678 19.58 -9.21 -21.41
C ARG B 678 19.51 -10.29 -22.48
N ALA B 679 18.31 -10.82 -22.73
CA ALA B 679 18.16 -11.83 -23.77
C ALA B 679 18.51 -11.25 -25.14
N ILE B 680 18.03 -10.05 -25.44
CA ILE B 680 18.36 -9.45 -26.73
C ILE B 680 19.85 -9.15 -26.81
N THR B 681 20.46 -8.74 -25.71
CA THR B 681 21.91 -8.53 -25.71
C THR B 681 22.65 -9.83 -26.01
N ILE B 682 22.23 -10.93 -25.40
CA ILE B 682 22.88 -12.21 -25.64
C ILE B 682 22.75 -12.62 -27.09
N LEU B 683 21.54 -12.49 -27.64
CA LEU B 683 21.35 -12.85 -29.05
C LEU B 683 22.23 -12.00 -29.96
N ASP B 684 22.29 -10.69 -29.71
CA ASP B 684 23.09 -9.81 -30.55
C ASP B 684 24.57 -10.19 -30.47
N THR B 685 25.08 -10.39 -29.26
CA THR B 685 26.50 -10.73 -29.10
C THR B 685 26.82 -12.05 -29.78
N GLU B 686 25.94 -13.04 -29.64
CA GLU B 686 26.16 -14.31 -30.33
C GLU B 686 26.16 -14.13 -31.84
N LYS B 687 25.23 -13.32 -32.35
CA LYS B 687 25.16 -13.10 -33.79
C LYS B 687 26.45 -12.47 -34.31
N SER B 688 26.90 -11.40 -33.66
CA SER B 688 28.13 -10.74 -34.07
C SER B 688 29.31 -11.58 -33.56
N PHE B 689 29.76 -12.50 -34.40
CA PHE B 689 30.83 -13.41 -33.99
C PHE B 689 32.07 -12.62 -33.59
N LEU B 690 32.63 -12.96 -32.44
CA LEU B 690 33.82 -12.28 -31.95
C LEU B 690 35.02 -12.63 -32.83
N LYS B 691 35.70 -11.60 -33.32
CA LYS B 691 36.87 -11.79 -34.16
C LYS B 691 36.56 -12.79 -35.27
N CYS B 692 37.46 -13.73 -35.53
CA CYS B 692 37.22 -14.82 -36.47
C CYS B 692 36.89 -16.13 -35.77
N MET B 693 36.72 -16.11 -34.45
CA MET B 693 36.48 -17.31 -33.68
C MET B 693 34.99 -17.65 -33.64
N ARG B 694 34.70 -18.91 -33.32
CA ARG B 694 33.32 -19.38 -33.21
C ARG B 694 33.33 -20.59 -32.28
N LYS B 695 32.89 -20.39 -31.04
CA LYS B 695 32.82 -21.46 -30.06
C LYS B 695 31.46 -21.61 -29.40
N ALA B 696 30.59 -20.61 -29.46
CA ALA B 696 29.27 -20.73 -28.87
C ALA B 696 28.53 -21.91 -29.46
N PHE B 697 27.89 -22.71 -28.59
CA PHE B 697 27.17 -23.87 -29.08
C PHE B 697 26.20 -24.31 -27.99
N ARG B 698 25.03 -24.79 -28.41
CA ARG B 698 23.93 -25.05 -27.48
C ARG B 698 24.32 -25.99 -26.35
N SER B 699 24.62 -27.24 -26.66
CA SER B 699 24.85 -28.27 -25.64
C SER B 699 25.52 -29.47 -26.30
N GLY B 700 25.62 -30.57 -25.56
CA GLY B 700 26.37 -31.72 -26.00
C GLY B 700 25.51 -32.75 -26.72
N LYS B 701 26.15 -33.47 -27.64
CA LYS B 701 25.50 -34.53 -28.40
C LYS B 701 25.11 -35.68 -27.47
N LEU B 702 24.03 -36.36 -27.80
CA LEU B 702 23.53 -37.41 -26.93
C LEU B 702 22.53 -38.29 -27.67
N LEU B 703 22.34 -39.50 -27.15
CA LEU B 703 21.37 -40.46 -27.63
C LEU B 703 20.36 -40.73 -26.52
N GLN B 704 19.08 -40.52 -26.80
CA GLN B 704 18.04 -40.66 -25.79
C GLN B 704 16.96 -41.66 -26.15
N VAL B 705 16.39 -41.58 -27.35
CA VAL B 705 15.28 -42.45 -27.70
C VAL B 705 15.74 -43.84 -28.14
N GLY B 706 17.02 -44.02 -28.40
CA GLY B 706 17.51 -45.30 -28.87
C GLY B 706 17.35 -45.47 -30.36
N PHE B 707 16.11 -45.72 -30.81
CA PHE B 707 15.84 -45.96 -32.21
C PHE B 707 14.49 -45.36 -32.59
N THR B 708 14.42 -44.84 -33.80
CA THR B 708 13.17 -44.34 -34.38
C THR B 708 12.34 -45.54 -34.81
N PRO B 709 11.13 -45.34 -35.33
CA PRO B 709 10.43 -46.48 -35.96
C PRO B 709 11.27 -47.14 -37.04
N ASP B 710 12.05 -46.36 -37.78
CA ASP B 710 13.03 -46.92 -38.68
C ASP B 710 14.19 -47.52 -37.88
N GLY B 711 14.95 -48.41 -38.54
CA GLY B 711 16.01 -49.10 -37.85
C GLY B 711 17.07 -48.17 -37.28
N LYS B 712 17.38 -47.11 -38.01
CA LYS B 712 18.46 -46.22 -37.59
C LYS B 712 18.11 -45.51 -36.28
N ASP B 713 19.15 -45.15 -35.54
CA ASP B 713 19.00 -44.38 -34.31
C ASP B 713 18.91 -42.91 -34.69
N ASP B 714 18.93 -42.02 -33.70
CA ASP B 714 18.87 -40.60 -33.98
C ASP B 714 19.46 -39.82 -32.80
N TYR B 715 19.83 -38.57 -33.08
CA TYR B 715 20.43 -37.67 -32.12
C TYR B 715 19.68 -36.35 -32.17
N ARG B 716 19.52 -35.70 -31.00
CA ARG B 716 18.65 -34.53 -30.94
C ARG B 716 19.16 -33.46 -29.99
N TRP B 717 20.48 -33.32 -29.84
CA TRP B 717 21.09 -32.18 -29.15
C TRP B 717 20.36 -31.86 -27.84
N CYS B 718 20.41 -32.82 -26.91
CA CYS B 718 19.70 -32.66 -25.66
C CYS B 718 20.42 -31.67 -24.75
N PHE B 719 19.67 -31.17 -23.76
CA PHE B 719 20.19 -30.23 -22.76
C PHE B 719 19.71 -30.71 -21.39
N ARG B 720 20.56 -31.47 -20.70
CA ARG B 720 20.13 -32.13 -19.48
C ARG B 720 19.88 -31.13 -18.36
N VAL B 721 18.83 -31.39 -17.58
CA VAL B 721 18.49 -30.61 -16.40
C VAL B 721 18.24 -31.56 -15.25
N ASP B 722 18.86 -31.28 -14.10
CA ASP B 722 18.76 -32.14 -12.93
C ASP B 722 17.79 -31.53 -11.92
N GLU B 723 16.86 -32.35 -11.44
CA GLU B 723 15.83 -31.89 -10.51
C GLU B 723 15.65 -32.92 -9.41
N VAL B 724 15.19 -32.45 -8.25
CA VAL B 724 14.97 -33.29 -7.08
C VAL B 724 13.49 -33.24 -6.74
N ASN B 725 12.84 -34.40 -6.74
CA ASN B 725 11.43 -34.53 -6.39
C ASN B 725 11.30 -35.33 -5.11
N TRP B 726 10.57 -34.79 -4.14
CA TRP B 726 10.40 -35.41 -2.84
C TRP B 726 9.00 -35.99 -2.63
N THR B 727 7.96 -35.22 -2.93
CA THR B 727 6.60 -35.69 -2.78
C THR B 727 6.14 -36.35 -4.07
N THR B 728 4.89 -36.83 -4.06
CA THR B 728 4.29 -37.50 -5.21
C THR B 728 5.20 -38.62 -5.73
N TRP B 729 5.53 -39.54 -4.84
CA TRP B 729 6.34 -40.69 -5.21
C TRP B 729 5.47 -41.77 -5.84
N SER C 197 -0.41 -21.61 53.48
CA SER C 197 -0.86 -20.27 53.00
C SER C 197 -1.07 -20.26 51.48
N TYR C 198 -0.47 -21.23 50.80
CA TYR C 198 -0.59 -21.35 49.35
C TYR C 198 -1.78 -22.24 48.97
N TYR C 199 -1.79 -23.48 49.46
CA TYR C 199 -2.85 -24.43 49.19
C TYR C 199 -3.85 -24.54 50.34
N LYS C 200 -3.73 -23.68 51.34
CA LYS C 200 -4.61 -23.74 52.49
C LYS C 200 -6.03 -23.29 52.14
N GLY C 201 -7.00 -23.79 52.90
CA GLY C 201 -8.39 -23.49 52.68
C GLY C 201 -9.10 -24.42 51.72
N GLN C 202 -8.37 -25.29 51.03
CA GLN C 202 -9.00 -26.23 50.10
C GLN C 202 -9.81 -27.27 50.85
N THR C 203 -10.90 -27.71 50.23
CA THR C 203 -11.79 -28.71 50.81
C THR C 203 -12.16 -29.73 49.75
N ALA C 204 -12.49 -30.94 50.20
CA ALA C 204 -12.75 -32.04 49.28
C ALA C 204 -13.86 -31.71 48.29
N LEU C 205 -14.79 -30.83 48.68
CA LEU C 205 -15.86 -30.46 47.77
C LEU C 205 -15.31 -29.80 46.51
N HIS C 206 -14.30 -28.94 46.67
CA HIS C 206 -13.71 -28.28 45.51
C HIS C 206 -13.10 -29.31 44.55
N ILE C 207 -12.36 -30.28 45.09
CA ILE C 207 -11.81 -31.33 44.24
C ILE C 207 -12.93 -32.07 43.53
N ALA C 208 -13.94 -32.50 44.28
CA ALA C 208 -15.05 -33.23 43.67
C ALA C 208 -15.67 -32.44 42.54
N ILE C 209 -15.82 -31.12 42.73
CA ILE C 209 -16.39 -30.29 41.69
C ILE C 209 -15.48 -30.25 40.47
N GLU C 210 -14.18 -30.13 40.68
CA GLU C 210 -13.23 -29.90 39.60
C GLU C 210 -12.64 -31.19 39.04
N ARG C 211 -13.16 -32.36 39.44
CA ARG C 211 -12.77 -33.62 38.81
C ARG C 211 -13.78 -34.15 37.82
N ARG C 212 -15.00 -33.60 37.80
CA ARG C 212 -16.05 -34.00 36.84
C ARG C 212 -16.60 -35.38 37.21
N ASN C 213 -16.61 -35.75 38.49
CA ASN C 213 -17.13 -37.02 38.96
C ASN C 213 -18.50 -36.76 39.58
N MET C 214 -19.55 -36.92 38.77
CA MET C 214 -20.90 -36.65 39.24
C MET C 214 -21.28 -37.57 40.38
N THR C 215 -20.98 -38.87 40.25
CA THR C 215 -21.36 -39.83 41.28
C THR C 215 -20.63 -39.54 42.59
N LEU C 216 -19.32 -39.33 42.51
CA LEU C 216 -18.56 -39.03 43.72
C LEU C 216 -19.01 -37.72 44.34
N VAL C 217 -19.34 -36.72 43.51
CA VAL C 217 -19.82 -35.45 44.02
C VAL C 217 -21.12 -35.66 44.79
N THR C 218 -22.05 -36.43 44.21
CA THR C 218 -23.31 -36.69 44.88
C THR C 218 -23.09 -37.41 46.20
N LEU C 219 -22.25 -38.44 46.20
CA LEU C 219 -22.01 -39.19 47.43
C LEU C 219 -21.40 -38.30 48.50
N LEU C 220 -20.44 -37.46 48.12
CA LEU C 220 -19.84 -36.54 49.09
C LEU C 220 -20.87 -35.56 49.61
N VAL C 221 -21.75 -35.08 48.74
CA VAL C 221 -22.80 -34.15 49.18
C VAL C 221 -23.70 -34.82 50.20
N GLU C 222 -24.05 -36.09 49.97
CA GLU C 222 -24.97 -36.78 50.87
C GLU C 222 -24.42 -36.90 52.29
N ASN C 223 -23.11 -36.76 52.48
CA ASN C 223 -22.54 -36.91 53.81
C ASN C 223 -23.07 -35.85 54.78
N GLY C 224 -23.49 -34.70 54.28
CA GLY C 224 -23.99 -33.63 55.12
C GLY C 224 -23.00 -32.52 55.38
N ALA C 225 -21.83 -32.54 54.75
CA ALA C 225 -20.85 -31.48 54.95
C ALA C 225 -21.36 -30.16 54.39
N ASP C 226 -20.88 -29.06 54.97
CA ASP C 226 -21.30 -27.74 54.53
C ASP C 226 -20.87 -27.50 53.08
N VAL C 227 -21.70 -26.78 52.34
CA VAL C 227 -21.46 -26.47 50.94
C VAL C 227 -21.16 -24.98 50.74
N GLN C 228 -20.83 -24.27 51.82
CA GLN C 228 -20.49 -22.86 51.74
C GLN C 228 -19.06 -22.59 52.22
N ALA C 229 -18.21 -23.62 52.21
CA ALA C 229 -16.83 -23.45 52.64
C ALA C 229 -16.07 -22.58 51.64
N ALA C 230 -15.20 -21.73 52.17
CA ALA C 230 -14.40 -20.81 51.38
C ALA C 230 -12.92 -21.10 51.59
N ALA C 231 -12.16 -21.11 50.50
CA ALA C 231 -10.73 -21.37 50.54
C ALA C 231 -9.97 -20.06 50.49
N ASN C 232 -9.13 -19.82 51.50
CA ASN C 232 -8.38 -18.57 51.61
C ASN C 232 -6.93 -18.72 51.17
N GLY C 233 -6.58 -19.83 50.52
CA GLY C 233 -5.21 -20.02 50.10
C GLY C 233 -4.76 -18.96 49.11
N ASP C 234 -3.47 -18.61 49.18
CA ASP C 234 -2.92 -17.63 48.27
C ASP C 234 -3.01 -18.08 46.81
N PHE C 235 -3.10 -19.38 46.56
CA PHE C 235 -3.27 -19.85 45.20
C PHE C 235 -4.58 -19.35 44.60
N PHE C 236 -5.54 -18.99 45.45
CA PHE C 236 -6.85 -18.50 45.01
C PHE C 236 -6.94 -16.98 45.04
N LYS C 237 -5.84 -16.29 45.30
CA LYS C 237 -5.86 -14.83 45.36
C LYS C 237 -5.90 -14.23 43.96
N LYS C 238 -6.18 -12.93 43.91
CA LYS C 238 -6.37 -12.26 42.62
C LYS C 238 -5.09 -12.30 41.79
N THR C 239 -4.05 -11.60 42.23
CA THR C 239 -2.80 -11.53 41.49
C THR C 239 -1.60 -11.63 42.44
N LYS C 240 -1.74 -12.45 43.49
CA LYS C 240 -0.62 -12.70 44.40
C LYS C 240 0.17 -13.89 43.87
N GLY C 241 1.03 -13.61 42.90
CA GLY C 241 1.81 -14.64 42.24
C GLY C 241 1.21 -15.02 40.90
N ARG C 242 2.05 -15.19 39.89
CA ARG C 242 1.53 -15.53 38.57
C ARG C 242 0.66 -16.78 38.59
N PRO C 243 1.02 -17.86 39.27
CA PRO C 243 0.07 -18.96 39.43
C PRO C 243 -1.18 -18.49 40.18
N GLY C 244 -2.34 -19.01 39.77
CA GLY C 244 -3.58 -18.62 40.40
C GLY C 244 -4.77 -18.76 39.48
N PHE C 245 -5.87 -19.30 40.01
CA PHE C 245 -7.12 -19.48 39.27
C PHE C 245 -8.24 -18.90 40.12
N TYR C 246 -8.46 -17.59 40.00
CA TYR C 246 -9.52 -16.94 40.76
C TYR C 246 -10.87 -17.43 40.25
N PHE C 247 -11.74 -17.82 41.19
CA PHE C 247 -13.02 -18.41 40.84
C PHE C 247 -14.16 -17.93 41.73
N GLY C 248 -13.97 -16.85 42.49
CA GLY C 248 -14.98 -16.38 43.41
C GLY C 248 -14.90 -17.00 44.79
N GLU C 249 -14.05 -18.00 45.00
CA GLU C 249 -13.71 -18.57 46.30
C GLU C 249 -14.80 -19.47 46.86
N LEU C 250 -15.84 -19.80 46.07
CA LEU C 250 -16.92 -20.65 46.54
C LEU C 250 -17.14 -21.80 45.56
N PRO C 251 -17.60 -22.95 46.07
CA PRO C 251 -17.78 -24.11 45.17
C PRO C 251 -18.80 -23.87 44.06
N LEU C 252 -19.86 -23.11 44.35
CA LEU C 252 -20.85 -22.83 43.33
C LEU C 252 -20.21 -22.09 42.16
N SER C 253 -19.31 -21.17 42.47
CA SER C 253 -18.60 -20.39 41.42
C SER C 253 -17.65 -21.34 40.69
N LEU C 254 -17.07 -22.34 41.37
CA LEU C 254 -16.26 -23.36 40.70
C LEU C 254 -17.09 -24.09 39.66
N ALA C 255 -18.30 -24.52 40.04
CA ALA C 255 -19.18 -25.17 39.09
C ALA C 255 -19.53 -24.24 37.93
N ALA C 256 -19.82 -22.98 38.25
CA ALA C 256 -20.23 -22.04 37.22
C ALA C 256 -19.15 -21.82 36.18
N CYS C 257 -17.90 -21.66 36.62
CA CYS C 257 -16.81 -21.30 35.72
C CYS C 257 -16.05 -22.50 35.15
N THR C 258 -16.39 -23.72 35.57
CA THR C 258 -15.62 -24.94 35.15
C THR C 258 -16.49 -25.87 34.30
N ASN C 259 -17.29 -25.34 33.37
CA ASN C 259 -18.07 -26.14 32.44
C ASN C 259 -19.15 -26.95 33.13
N GLN C 260 -19.35 -26.77 34.43
CA GLN C 260 -20.29 -27.59 35.20
C GLN C 260 -21.68 -26.99 35.12
N LEU C 261 -22.58 -27.68 34.42
CA LEU C 261 -23.98 -27.28 34.31
C LEU C 261 -24.90 -28.24 35.06
N ALA C 262 -24.81 -29.54 34.78
CA ALA C 262 -25.59 -30.51 35.53
C ALA C 262 -25.20 -30.50 37.00
N ILE C 263 -23.91 -30.30 37.30
CA ILE C 263 -23.48 -30.28 38.68
C ILE C 263 -24.11 -29.12 39.43
N VAL C 264 -24.08 -27.92 38.83
CA VAL C 264 -24.69 -26.77 39.49
C VAL C 264 -26.20 -26.96 39.59
N LYS C 265 -26.81 -27.57 38.59
CA LYS C 265 -28.23 -27.90 38.68
C LYS C 265 -28.49 -28.77 39.90
N PHE C 266 -27.66 -29.80 40.10
CA PHE C 266 -27.83 -30.68 41.25
C PHE C 266 -27.64 -29.92 42.55
N LEU C 267 -26.60 -29.09 42.63
CA LEU C 267 -26.34 -28.35 43.86
C LEU C 267 -27.50 -27.44 44.21
N LEU C 268 -28.05 -26.74 43.22
CA LEU C 268 -29.10 -25.77 43.49
C LEU C 268 -30.49 -26.38 43.55
N GLN C 269 -30.64 -27.66 43.15
CA GLN C 269 -31.94 -28.32 43.11
C GLN C 269 -32.01 -29.50 44.08
N ASN C 270 -31.13 -29.55 45.07
CA ASN C 270 -31.11 -30.64 46.04
C ASN C 270 -31.87 -30.20 47.29
N SER C 271 -32.79 -31.05 47.75
CA SER C 271 -33.58 -30.74 48.94
C SER C 271 -32.79 -30.89 50.23
N TRP C 272 -31.63 -31.54 50.19
CA TRP C 272 -30.83 -31.70 51.40
C TRP C 272 -30.41 -30.35 51.96
N GLN C 273 -29.62 -29.60 51.19
CA GLN C 273 -29.19 -28.27 51.59
C GLN C 273 -28.75 -27.50 50.35
N PRO C 274 -29.67 -26.87 49.62
CA PRO C 274 -29.27 -26.16 48.41
C PRO C 274 -28.30 -25.02 48.71
N ALA C 275 -27.36 -24.81 47.79
CA ALA C 275 -26.36 -23.77 47.97
C ALA C 275 -26.97 -22.40 47.74
N ASP C 276 -26.69 -21.48 48.66
CA ASP C 276 -27.21 -20.12 48.54
C ASP C 276 -26.56 -19.40 47.36
N ILE C 277 -27.30 -18.47 46.78
CA ILE C 277 -26.83 -17.76 45.59
C ILE C 277 -26.14 -16.45 45.97
N SER C 278 -26.75 -15.68 46.87
CA SER C 278 -26.26 -14.31 47.21
C SER C 278 -24.92 -14.32 47.96
N ALA C 279 -24.30 -15.47 48.22
CA ALA C 279 -23.07 -15.47 49.00
C ALA C 279 -22.00 -14.64 48.32
N ARG C 280 -21.32 -13.78 49.10
CA ARG C 280 -20.21 -12.93 48.59
C ARG C 280 -18.93 -13.33 49.31
N ASP C 281 -17.82 -13.49 48.59
CA ASP C 281 -16.55 -13.92 49.14
C ASP C 281 -15.88 -12.76 49.87
N SER C 282 -14.60 -12.92 50.23
CA SER C 282 -13.90 -11.88 50.96
C SER C 282 -13.87 -10.58 50.16
N VAL C 283 -13.56 -10.66 48.87
CA VAL C 283 -13.55 -9.46 48.02
C VAL C 283 -14.95 -8.95 47.75
N GLY C 284 -15.98 -9.76 48.01
CA GLY C 284 -17.35 -9.37 47.76
C GLY C 284 -17.92 -9.85 46.44
N ASN C 285 -17.11 -10.49 45.59
CA ASN C 285 -17.60 -10.94 44.31
C ASN C 285 -18.69 -11.99 44.48
N THR C 286 -19.68 -11.93 43.61
CA THR C 286 -20.74 -12.92 43.55
C THR C 286 -20.47 -13.86 42.37
N VAL C 287 -21.33 -14.87 42.20
CA VAL C 287 -21.16 -15.79 41.08
C VAL C 287 -21.14 -15.04 39.76
N LEU C 288 -22.04 -14.07 39.60
CA LEU C 288 -22.05 -13.27 38.37
C LEU C 288 -20.77 -12.48 38.21
N HIS C 289 -20.29 -11.87 39.30
CA HIS C 289 -19.04 -11.13 39.23
C HIS C 289 -17.87 -12.04 38.85
N ALA C 290 -17.82 -13.23 39.44
CA ALA C 290 -16.78 -14.18 39.09
C ALA C 290 -16.85 -14.55 37.61
N LEU C 291 -18.07 -14.79 37.11
CA LEU C 291 -18.23 -15.11 35.69
C LEU C 291 -17.72 -13.98 34.82
N VAL C 292 -18.03 -12.74 35.20
CA VAL C 292 -17.55 -11.60 34.42
C VAL C 292 -16.02 -11.54 34.45
N GLU C 293 -15.43 -11.78 35.62
CA GLU C 293 -13.97 -11.72 35.74
C GLU C 293 -13.31 -12.78 34.89
N VAL C 294 -13.86 -13.99 34.86
CA VAL C 294 -13.23 -15.09 34.14
C VAL C 294 -13.17 -14.82 32.64
N ALA C 295 -14.01 -13.94 32.12
CA ALA C 295 -14.03 -13.68 30.69
C ALA C 295 -12.69 -13.11 30.24
N ASP C 296 -12.32 -13.44 28.99
CA ASP C 296 -11.05 -12.97 28.44
C ASP C 296 -11.18 -12.50 27.00
N ASN C 297 -12.37 -12.11 26.56
CA ASN C 297 -12.59 -11.57 25.21
C ASN C 297 -12.13 -12.56 24.14
N THR C 298 -12.66 -13.77 24.19
CA THR C 298 -12.43 -14.77 23.17
C THR C 298 -13.77 -15.38 22.76
N VAL C 299 -13.89 -15.72 21.48
CA VAL C 299 -15.18 -16.12 20.93
C VAL C 299 -15.73 -17.32 21.69
N ASP C 300 -14.91 -18.36 21.85
CA ASP C 300 -15.36 -19.53 22.60
C ASP C 300 -15.62 -19.19 24.06
N ASN C 301 -14.69 -18.45 24.67
CA ASN C 301 -14.87 -18.05 26.06
C ASN C 301 -16.09 -17.16 26.22
N THR C 302 -16.31 -16.24 25.28
CA THR C 302 -17.44 -15.33 25.36
C THR C 302 -18.77 -16.09 25.26
N LYS C 303 -18.87 -16.99 24.27
CA LYS C 303 -20.12 -17.75 24.13
C LYS C 303 -20.37 -18.62 25.35
N PHE C 304 -19.34 -19.28 25.86
CA PHE C 304 -19.49 -20.04 27.10
C PHE C 304 -19.98 -19.17 28.24
N VAL C 305 -19.34 -18.01 28.42
CA VAL C 305 -19.66 -17.18 29.57
C VAL C 305 -21.09 -16.68 29.49
N THR C 306 -21.50 -16.23 28.30
CA THR C 306 -22.87 -15.73 28.15
C THR C 306 -23.89 -16.85 28.35
N SER C 307 -23.61 -18.04 27.82
CA SER C 307 -24.54 -19.15 28.01
C SER C 307 -24.69 -19.48 29.49
N MET C 308 -23.57 -19.60 30.20
CA MET C 308 -23.64 -19.92 31.63
C MET C 308 -24.36 -18.81 32.41
N TYR C 309 -24.07 -17.55 32.06
CA TYR C 309 -24.73 -16.43 32.71
C TYR C 309 -26.24 -16.51 32.54
N ASN C 310 -26.69 -16.75 31.30
CA ASN C 310 -28.12 -16.85 31.04
C ASN C 310 -28.73 -18.00 31.84
N GLU C 311 -28.07 -19.15 31.85
CA GLU C 311 -28.62 -20.31 32.56
C GLU C 311 -28.78 -20.01 34.05
N ILE C 312 -27.73 -19.48 34.67
CA ILE C 312 -27.79 -19.22 36.10
C ILE C 312 -28.86 -18.18 36.40
N LEU C 313 -28.93 -17.14 35.56
CA LEU C 313 -29.91 -16.09 35.78
C LEU C 313 -31.33 -16.64 35.72
N ILE C 314 -31.64 -17.44 34.69
CA ILE C 314 -32.99 -17.96 34.57
C ILE C 314 -33.31 -18.91 35.72
N LEU C 315 -32.35 -19.75 36.12
CA LEU C 315 -32.60 -20.67 37.23
C LEU C 315 -32.87 -19.91 38.51
N GLY C 316 -32.03 -18.91 38.82
CA GLY C 316 -32.25 -18.13 40.03
C GLY C 316 -33.58 -17.40 40.01
N ALA C 317 -33.93 -16.81 38.87
CA ALA C 317 -35.21 -16.11 38.77
C ALA C 317 -36.36 -17.07 39.00
N LYS C 318 -36.29 -18.27 38.41
CA LYS C 318 -37.37 -19.24 38.57
C LYS C 318 -37.50 -19.66 40.03
N LEU C 319 -36.37 -19.95 40.69
CA LEU C 319 -36.43 -20.44 42.06
C LEU C 319 -36.84 -19.34 43.04
N HIS C 320 -36.25 -18.15 42.90
CA HIS C 320 -36.54 -17.02 43.79
C HIS C 320 -36.87 -15.80 42.93
N PRO C 321 -38.06 -15.76 42.35
CA PRO C 321 -38.42 -14.60 41.52
C PRO C 321 -38.45 -13.28 42.28
N THR C 322 -38.63 -13.33 43.61
CA THR C 322 -38.71 -12.08 44.37
C THR C 322 -37.39 -11.33 44.36
N LEU C 323 -36.27 -12.03 44.43
CA LEU C 323 -34.95 -11.40 44.54
C LEU C 323 -34.38 -11.11 43.16
N LYS C 324 -33.69 -9.98 43.04
CA LYS C 324 -33.02 -9.58 41.81
C LYS C 324 -31.52 -9.50 42.07
N LEU C 325 -30.74 -10.14 41.20
CA LEU C 325 -29.31 -10.26 41.41
C LEU C 325 -28.51 -9.12 40.82
N GLU C 326 -29.00 -8.49 39.76
CA GLU C 326 -28.23 -7.48 39.06
C GLU C 326 -27.98 -6.24 39.90
N GLU C 327 -28.70 -6.04 41.01
CA GLU C 327 -28.53 -4.88 41.86
C GLU C 327 -27.56 -5.10 43.00
N ILE C 328 -27.03 -6.32 43.16
CA ILE C 328 -26.11 -6.63 44.25
C ILE C 328 -24.70 -6.27 43.81
N THR C 329 -24.00 -5.50 44.64
CA THR C 329 -22.68 -4.98 44.30
C THR C 329 -21.70 -5.34 45.40
N ASN C 330 -20.43 -5.49 45.02
CA ASN C 330 -19.38 -5.84 45.96
C ASN C 330 -18.93 -4.58 46.71
N ARG C 331 -17.85 -4.72 47.49
CA ARG C 331 -17.31 -3.61 48.31
C ARG C 331 -17.07 -2.38 47.44
N LYS C 332 -16.42 -2.54 46.28
CA LYS C 332 -16.08 -1.41 45.42
C LYS C 332 -17.30 -0.75 44.79
N GLY C 333 -18.50 -1.26 45.06
CA GLY C 333 -19.69 -0.66 44.48
C GLY C 333 -19.76 -0.77 42.98
N LEU C 334 -19.40 -1.93 42.43
CA LEU C 334 -19.46 -2.20 41.01
C LEU C 334 -20.47 -3.30 40.76
N THR C 335 -21.48 -3.00 39.95
CA THR C 335 -22.42 -4.02 39.49
C THR C 335 -21.77 -4.85 38.39
N PRO C 336 -22.32 -6.03 38.10
CA PRO C 336 -21.72 -6.87 37.05
C PRO C 336 -21.59 -6.14 35.73
N LEU C 337 -22.61 -5.36 35.34
CA LEU C 337 -22.51 -4.58 34.11
C LEU C 337 -21.43 -3.51 34.22
N ALA C 338 -21.41 -2.78 35.34
CA ALA C 338 -20.39 -1.76 35.55
C ALA C 338 -19.01 -2.40 35.61
N LEU C 339 -18.89 -3.55 36.28
CA LEU C 339 -17.60 -4.23 36.37
C LEU C 339 -17.13 -4.66 34.99
N ALA C 340 -18.04 -5.18 34.16
CA ALA C 340 -17.66 -5.56 32.80
C ALA C 340 -17.21 -4.34 32.01
N ALA C 341 -17.91 -3.21 32.18
CA ALA C 341 -17.52 -2.00 31.47
C ALA C 341 -16.14 -1.53 31.88
N SER C 342 -15.85 -1.57 33.19
CA SER C 342 -14.58 -1.06 33.69
C SER C 342 -13.40 -1.89 33.17
N SER C 343 -13.56 -3.20 33.13
CA SER C 343 -12.48 -4.09 32.71
C SER C 343 -12.40 -4.25 31.20
N GLY C 344 -13.27 -3.63 30.44
CA GLY C 344 -13.23 -3.74 29.00
C GLY C 344 -13.54 -5.12 28.47
N LYS C 345 -14.58 -5.77 29.00
CA LYS C 345 -15.04 -7.06 28.50
C LYS C 345 -16.11 -6.79 27.45
N ILE C 346 -15.72 -6.80 26.18
CA ILE C 346 -16.65 -6.40 25.12
C ILE C 346 -17.82 -7.37 25.02
N GLY C 347 -17.52 -8.67 25.05
CA GLY C 347 -18.57 -9.65 24.79
C GLY C 347 -19.67 -9.62 25.84
N VAL C 348 -19.29 -9.58 27.11
CA VAL C 348 -20.27 -9.59 28.19
C VAL C 348 -21.14 -8.35 28.12
N LEU C 349 -20.53 -7.18 27.92
CA LEU C 349 -21.29 -5.95 27.83
C LEU C 349 -22.24 -5.98 26.65
N ALA C 350 -21.76 -6.45 25.49
CA ALA C 350 -22.61 -6.51 24.31
C ALA C 350 -23.80 -7.43 24.56
N TYR C 351 -23.57 -8.59 25.15
CA TYR C 351 -24.68 -9.50 25.41
C TYR C 351 -25.66 -8.91 26.41
N ILE C 352 -25.15 -8.28 27.47
CA ILE C 352 -26.03 -7.80 28.54
C ILE C 352 -26.89 -6.63 28.05
N LEU C 353 -26.31 -5.72 27.28
CA LEU C 353 -27.03 -4.51 26.89
C LEU C 353 -28.28 -4.85 26.08
N GLN C 354 -28.17 -5.83 25.18
CA GLN C 354 -29.27 -6.25 24.33
C GLN C 354 -29.71 -7.67 24.64
N ARG C 355 -29.80 -8.01 25.92
CA ARG C 355 -30.24 -9.34 26.33
C ARG C 355 -31.71 -9.52 26.00
N GLU C 356 -32.03 -10.65 25.36
CA GLU C 356 -33.39 -10.97 24.97
C GLU C 356 -33.74 -12.37 25.46
N ILE C 357 -34.88 -12.50 26.13
CA ILE C 357 -35.37 -13.78 26.64
C ILE C 357 -36.71 -14.06 25.98
N HIS C 358 -36.84 -15.25 25.40
CA HIS C 358 -38.02 -15.63 24.62
C HIS C 358 -38.77 -16.77 25.31
N GLU C 359 -38.94 -16.69 26.62
CA GLU C 359 -39.64 -17.71 27.39
C GLU C 359 -40.71 -17.05 28.26
N PRO C 360 -41.87 -17.69 28.41
CA PRO C 360 -42.91 -17.12 29.28
C PRO C 360 -42.43 -17.02 30.71
N GLU C 361 -42.90 -15.98 31.40
CA GLU C 361 -42.56 -15.68 32.78
C GLU C 361 -41.09 -15.27 32.95
N CYS C 362 -40.40 -14.97 31.84
CA CYS C 362 -39.02 -14.52 31.90
C CYS C 362 -38.76 -13.34 30.99
N ARG C 363 -39.80 -12.75 30.39
CA ARG C 363 -39.60 -11.58 29.54
C ARG C 363 -39.06 -10.40 30.32
N HIS C 364 -39.55 -10.20 31.55
CA HIS C 364 -39.14 -9.04 32.33
C HIS C 364 -37.64 -9.07 32.66
N LEU C 365 -36.98 -10.22 32.51
CA LEU C 365 -35.55 -10.28 32.73
C LEU C 365 -34.75 -9.71 31.56
N SER C 366 -35.38 -9.51 30.40
CA SER C 366 -34.69 -9.02 29.23
C SER C 366 -34.74 -7.51 29.15
N ARG C 367 -33.87 -6.95 28.31
CA ARG C 367 -33.77 -5.50 28.11
C ARG C 367 -34.27 -5.06 26.74
N LYS C 368 -34.01 -5.84 25.69
CA LYS C 368 -34.50 -5.52 24.35
C LYS C 368 -35.86 -6.15 24.13
N PHE C 369 -36.77 -5.39 23.51
CA PHE C 369 -38.13 -5.85 23.29
C PHE C 369 -38.50 -5.58 21.84
N THR C 370 -39.78 -5.78 21.52
CA THR C 370 -40.31 -5.51 20.18
C THR C 370 -41.73 -4.98 20.36
N GLU C 371 -41.88 -3.66 20.33
CA GLU C 371 -43.18 -3.06 20.61
C GLU C 371 -44.21 -3.47 19.57
N TRP C 372 -43.83 -3.43 18.29
CA TRP C 372 -44.75 -3.81 17.23
C TRP C 372 -43.97 -4.08 15.95
N ALA C 373 -44.62 -4.76 15.02
CA ALA C 373 -44.03 -5.09 13.74
C ALA C 373 -45.09 -5.01 12.65
N TYR C 374 -44.65 -4.70 11.44
CA TYR C 374 -45.56 -4.64 10.29
C TYR C 374 -44.72 -4.74 9.03
N GLY C 375 -45.01 -5.74 8.20
CA GLY C 375 -44.25 -5.97 7.00
C GLY C 375 -42.78 -6.23 7.31
N PRO C 376 -41.88 -5.58 6.56
CA PRO C 376 -40.45 -5.74 6.83
C PRO C 376 -39.87 -4.76 7.84
N VAL C 377 -40.69 -3.89 8.44
CA VAL C 377 -40.23 -2.87 9.37
C VAL C 377 -40.85 -3.15 10.74
N HIS C 378 -40.00 -3.24 11.75
CA HIS C 378 -40.45 -3.45 13.12
C HIS C 378 -39.59 -2.61 14.06
N SER C 379 -40.22 -2.14 15.13
CA SER C 379 -39.59 -1.21 16.06
C SER C 379 -39.19 -1.93 17.33
N SER C 380 -37.96 -1.74 17.77
CA SER C 380 -37.44 -2.32 19.00
C SER C 380 -37.42 -1.27 20.11
N LEU C 381 -37.02 -1.71 21.30
CA LEU C 381 -36.87 -0.84 22.45
C LEU C 381 -35.62 -1.23 23.21
N TYR C 382 -35.08 -0.29 23.97
CA TYR C 382 -33.91 -0.55 24.79
C TYR C 382 -34.08 0.12 26.14
N ASP C 383 -33.63 -0.56 27.19
CA ASP C 383 -33.72 -0.02 28.55
C ASP C 383 -32.50 0.84 28.83
N LEU C 384 -32.73 2.10 29.19
CA LEU C 384 -31.66 3.03 29.52
C LEU C 384 -31.38 3.12 31.01
N SER C 385 -32.10 2.36 31.83
CA SER C 385 -31.80 2.34 33.26
C SER C 385 -30.37 1.84 33.47
N CYS C 386 -29.61 2.58 34.28
CA CYS C 386 -28.22 2.24 34.59
C CYS C 386 -27.30 2.37 33.39
N ILE C 387 -27.60 3.27 32.45
CA ILE C 387 -26.72 3.55 31.31
C ILE C 387 -26.27 5.01 31.31
N ASP C 388 -27.21 5.92 31.58
CA ASP C 388 -26.91 7.38 31.53
C ASP C 388 -26.72 7.94 32.94
N THR C 389 -27.53 7.53 33.93
CA THR C 389 -27.43 8.03 35.30
C THR C 389 -27.98 6.97 36.25
N CYS C 390 -27.08 6.17 36.82
CA CYS C 390 -27.46 5.17 37.80
C CYS C 390 -27.39 5.70 39.23
N GLU C 391 -26.93 6.94 39.42
CA GLU C 391 -26.76 7.64 40.69
C GLU C 391 -25.53 7.14 41.45
N LYS C 392 -24.86 6.09 41.00
CA LYS C 392 -23.59 5.67 41.57
C LYS C 392 -22.47 5.64 40.53
N ASN C 393 -22.67 4.95 39.41
CA ASN C 393 -21.73 4.99 38.30
C ASN C 393 -22.39 4.44 37.05
N SER C 394 -22.56 5.27 36.03
CA SER C 394 -23.18 4.83 34.79
C SER C 394 -22.15 4.13 33.92
N VAL C 395 -22.65 3.39 32.93
CA VAL C 395 -21.76 2.78 31.95
C VAL C 395 -21.02 3.86 31.18
N LEU C 396 -21.74 4.90 30.75
CA LEU C 396 -21.11 5.98 29.99
C LEU C 396 -20.07 6.71 30.82
N GLU C 397 -20.39 7.01 32.07
CA GLU C 397 -19.44 7.73 32.92
C GLU C 397 -18.19 6.89 33.15
N VAL C 398 -18.36 5.59 33.42
CA VAL C 398 -17.21 4.74 33.72
C VAL C 398 -16.34 4.55 32.49
N ILE C 399 -16.97 4.31 31.33
CA ILE C 399 -16.19 4.09 30.11
C ILE C 399 -15.49 5.36 29.67
N ALA C 400 -16.15 6.51 29.84
CA ALA C 400 -15.57 7.76 29.35
C ALA C 400 -14.38 8.20 30.20
N TYR C 401 -14.45 8.03 31.52
CA TYR C 401 -13.42 8.51 32.43
C TYR C 401 -12.36 7.46 32.74
N SER C 402 -12.47 6.26 32.17
CA SER C 402 -11.50 5.21 32.47
C SER C 402 -10.13 5.57 31.89
N SER C 403 -9.08 5.17 32.61
CA SER C 403 -7.72 5.47 32.18
C SER C 403 -7.36 4.62 30.96
N SER C 404 -6.30 5.05 30.26
CA SER C 404 -6.00 4.54 28.94
C SER C 404 -5.58 3.07 28.94
N GLU C 405 -5.11 2.54 30.07
CA GLU C 405 -4.62 1.17 30.06
C GLU C 405 -5.71 0.13 29.83
N THR C 406 -6.98 0.53 29.91
CA THR C 406 -8.06 -0.42 29.67
C THR C 406 -7.95 -0.96 28.24
N PRO C 407 -8.18 -2.26 28.04
CA PRO C 407 -7.90 -2.84 26.71
C PRO C 407 -8.65 -2.17 25.57
N ASN C 408 -9.98 -2.14 25.61
CA ASN C 408 -10.77 -1.83 24.44
C ASN C 408 -11.64 -0.59 24.61
N ARG C 409 -11.07 0.49 25.15
CA ARG C 409 -11.85 1.71 25.33
C ARG C 409 -12.37 2.23 23.99
N HIS C 410 -11.52 2.28 22.97
CA HIS C 410 -11.92 2.88 21.71
C HIS C 410 -13.03 2.09 21.04
N ASP C 411 -12.96 0.76 21.09
CA ASP C 411 -13.84 -0.10 20.32
C ASP C 411 -15.09 -0.52 21.10
N MET C 412 -15.31 0.04 22.28
CA MET C 412 -16.45 -0.36 23.10
C MET C 412 -17.69 0.48 22.82
N LEU C 413 -17.53 1.73 22.40
CA LEU C 413 -18.67 2.62 22.19
C LEU C 413 -19.38 2.35 20.87
N LEU C 414 -19.08 1.25 20.19
CA LEU C 414 -19.78 0.89 18.97
C LEU C 414 -21.01 0.03 19.24
N VAL C 415 -21.26 -0.35 20.50
CA VAL C 415 -22.44 -1.14 20.81
C VAL C 415 -23.69 -0.34 20.45
N GLU C 416 -24.78 -1.05 20.18
CA GLU C 416 -25.92 -0.46 19.49
C GLU C 416 -26.49 0.75 20.21
N PRO C 417 -27.10 0.59 21.39
CA PRO C 417 -27.80 1.73 22.00
C PRO C 417 -26.91 2.92 22.30
N LEU C 418 -25.64 2.69 22.66
CA LEU C 418 -24.79 3.78 23.13
C LEU C 418 -24.52 4.79 22.02
N ASN C 419 -24.22 4.31 20.82
CA ASN C 419 -23.90 5.24 19.73
C ASN C 419 -25.09 6.14 19.41
N ARG C 420 -26.28 5.56 19.30
CA ARG C 420 -27.46 6.35 19.02
C ARG C 420 -27.76 7.31 20.15
N LEU C 421 -27.55 6.89 21.39
CA LEU C 421 -27.80 7.77 22.54
C LEU C 421 -26.89 8.99 22.47
N LEU C 422 -25.59 8.77 22.22
CA LEU C 422 -24.66 9.88 22.16
C LEU C 422 -25.01 10.82 21.01
N GLN C 423 -25.32 10.26 19.84
CA GLN C 423 -25.67 11.10 18.70
C GLN C 423 -26.91 11.94 19.01
N ASP C 424 -27.90 11.32 19.65
CA ASP C 424 -29.12 12.04 19.97
C ASP C 424 -28.85 13.19 20.92
N LYS C 425 -28.11 12.93 22.01
CA LYS C 425 -27.82 14.00 22.95
C LYS C 425 -27.09 15.14 22.26
N TRP C 426 -26.08 14.80 21.45
CA TRP C 426 -25.33 15.81 20.72
C TRP C 426 -26.28 16.68 19.92
N ASP C 427 -26.98 16.07 18.96
CA ASP C 427 -27.86 16.81 18.07
C ASP C 427 -28.92 17.58 18.84
N ARG C 428 -29.27 17.13 20.04
CA ARG C 428 -30.31 17.80 20.80
C ARG C 428 -29.81 19.15 21.34
N PHE C 429 -28.71 19.14 22.10
CA PHE C 429 -28.26 20.42 22.68
C PHE C 429 -26.76 20.69 22.61
N VAL C 430 -25.92 19.67 22.48
CA VAL C 430 -24.49 19.92 22.63
C VAL C 430 -23.98 20.74 21.46
N LYS C 431 -24.59 20.58 20.28
CA LYS C 431 -24.16 21.37 19.14
C LYS C 431 -24.30 22.86 19.43
N ARG C 432 -25.47 23.28 19.90
CA ARG C 432 -25.68 24.68 20.20
C ARG C 432 -24.74 25.18 21.28
N ILE C 433 -24.61 24.41 22.37
CA ILE C 433 -23.75 24.88 23.45
C ILE C 433 -22.31 25.02 22.96
N PHE C 434 -21.82 24.03 22.22
CA PHE C 434 -20.45 24.05 21.74
C PHE C 434 -20.20 25.22 20.81
N TYR C 435 -21.15 25.50 19.90
CA TYR C 435 -20.96 26.62 19.00
C TYR C 435 -20.92 27.94 19.75
N PHE C 436 -21.78 28.10 20.76
CA PHE C 436 -21.73 29.32 21.54
C PHE C 436 -20.39 29.48 22.23
N ASN C 437 -19.87 28.41 22.81
CA ASN C 437 -18.55 28.48 23.46
C ASN C 437 -17.48 28.87 22.46
N PHE C 438 -17.52 28.27 21.27
CA PHE C 438 -16.54 28.61 20.23
C PHE C 438 -16.58 30.10 19.92
N PHE C 439 -17.78 30.64 19.74
CA PHE C 439 -17.90 32.06 19.42
C PHE C 439 -17.33 32.94 20.52
N VAL C 440 -17.66 32.61 21.77
CA VAL C 440 -17.16 33.44 22.88
C VAL C 440 -15.64 33.41 22.92
N TYR C 441 -15.05 32.22 22.75
CA TYR C 441 -13.59 32.14 22.81
C TYR C 441 -12.94 32.94 21.69
N CYS C 442 -13.49 32.85 20.47
CA CYS C 442 -12.92 33.61 19.36
C CYS C 442 -12.99 35.11 19.63
N LEU C 443 -14.14 35.57 20.15
CA LEU C 443 -14.27 36.99 20.46
C LEU C 443 -13.23 37.42 21.49
N TYR C 444 -13.07 36.62 22.55
CA TYR C 444 -12.10 36.97 23.58
C TYR C 444 -10.69 37.05 23.00
N MET C 445 -10.33 36.11 22.14
CA MET C 445 -8.97 36.11 21.60
C MET C 445 -8.74 37.30 20.68
N ILE C 446 -9.74 37.66 19.87
CA ILE C 446 -9.59 38.86 19.03
C ILE C 446 -9.38 40.08 19.91
N ILE C 447 -10.16 40.21 20.99
CA ILE C 447 -9.99 41.35 21.87
C ILE C 447 -8.59 41.37 22.45
N PHE C 448 -8.11 40.21 22.90
CA PHE C 448 -6.79 40.15 23.53
C PHE C 448 -5.69 40.57 22.56
N THR C 449 -5.71 40.02 21.34
CA THR C 449 -4.65 40.37 20.39
C THR C 449 -4.71 41.83 20.01
N ALA C 450 -5.92 42.38 19.80
CA ALA C 450 -6.02 43.79 19.45
C ALA C 450 -5.48 44.67 20.58
N ALA C 451 -5.79 44.32 21.83
CA ALA C 451 -5.34 45.14 22.95
C ALA C 451 -3.83 45.05 23.12
N ALA C 452 -3.25 43.87 22.92
CA ALA C 452 -1.81 43.70 23.13
C ALA C 452 -0.97 44.29 22.01
N TYR C 453 -1.45 44.22 20.77
CA TYR C 453 -0.65 44.70 19.64
C TYR C 453 -0.34 46.19 19.73
N TYR C 454 -1.09 46.94 20.53
CA TYR C 454 -0.95 48.40 20.61
C TYR C 454 -0.29 48.84 21.91
N ARG C 455 0.52 47.98 22.51
CA ARG C 455 1.13 48.31 23.78
C ARG C 455 1.99 49.56 23.65
N PRO C 456 1.93 50.49 24.60
CA PRO C 456 2.82 51.66 24.54
C PRO C 456 4.26 51.27 24.82
N VAL C 457 5.18 52.07 24.28
CA VAL C 457 6.61 51.83 24.41
C VAL C 457 7.23 53.11 24.96
N GLU C 458 7.36 53.18 26.27
CA GLU C 458 7.99 54.31 26.95
C GLU C 458 9.07 53.88 27.92
N GLY C 459 8.89 52.77 28.63
CA GLY C 459 9.89 52.25 29.53
C GLY C 459 9.45 52.20 30.98
N LEU C 460 9.87 51.14 31.68
CA LEU C 460 9.63 51.00 33.11
C LEU C 460 8.16 51.17 33.46
N PRO C 461 7.32 50.18 33.16
CA PRO C 461 5.91 50.26 33.56
C PRO C 461 5.76 50.26 35.07
N PRO C 462 4.55 50.52 35.60
CA PRO C 462 3.31 50.81 34.87
C PRO C 462 3.32 52.16 34.16
N TYR C 463 2.39 52.34 33.23
CA TYR C 463 2.29 53.57 32.44
C TYR C 463 1.03 54.33 32.86
N LYS C 464 1.14 55.65 32.88
CA LYS C 464 0.01 56.50 33.26
C LYS C 464 -0.87 56.75 32.05
N LEU C 465 -2.17 56.49 32.21
CA LEU C 465 -3.10 56.65 31.11
C LEU C 465 -3.32 58.14 30.80
N LYS C 466 -3.89 58.40 29.63
CA LYS C 466 -4.21 59.73 29.18
C LYS C 466 -5.71 59.85 28.94
N ASN C 467 -6.20 61.09 28.93
CA ASN C 467 -7.62 61.35 28.77
C ASN C 467 -7.99 61.29 27.29
N THR C 468 -7.95 60.07 26.76
CA THR C 468 -8.32 59.81 25.38
C THR C 468 -8.97 58.45 25.29
N VAL C 469 -9.85 58.28 24.30
CA VAL C 469 -10.59 57.03 24.16
C VAL C 469 -9.64 55.86 23.98
N GLY C 470 -8.50 56.07 23.32
CA GLY C 470 -7.57 54.98 23.09
C GLY C 470 -7.10 54.34 24.38
N ASP C 471 -6.72 55.17 25.35
CA ASP C 471 -6.21 54.64 26.62
C ASP C 471 -7.30 53.87 27.36
N TYR C 472 -8.53 54.40 27.38
CA TYR C 472 -9.62 53.67 28.03
C TYR C 472 -9.84 52.33 27.36
N PHE C 473 -9.84 52.30 26.02
CA PHE C 473 -10.02 51.04 25.31
C PHE C 473 -8.91 50.06 25.65
N ARG C 474 -7.66 50.53 25.70
CA ARG C 474 -6.55 49.65 26.01
C ARG C 474 -6.66 49.10 27.43
N VAL C 475 -7.06 49.94 28.38
CA VAL C 475 -7.21 49.47 29.76
C VAL C 475 -8.30 48.41 29.83
N THR C 476 -9.42 48.66 29.14
CA THR C 476 -10.50 47.67 29.14
C THR C 476 -10.03 46.35 28.54
N GLY C 477 -9.27 46.42 27.45
CA GLY C 477 -8.75 45.21 26.83
C GLY C 477 -7.84 44.44 27.78
N GLU C 478 -6.95 45.15 28.48
CA GLU C 478 -6.08 44.47 29.44
C GLU C 478 -6.89 43.81 30.54
N ILE C 479 -7.90 44.50 31.05
CA ILE C 479 -8.72 43.93 32.12
C ILE C 479 -9.44 42.68 31.65
N LEU C 480 -10.02 42.73 30.44
CA LEU C 480 -10.69 41.56 29.90
C LEU C 480 -9.74 40.39 29.76
N SER C 481 -8.53 40.65 29.22
CA SER C 481 -7.57 39.57 29.05
C SER C 481 -7.19 38.94 30.39
N VAL C 482 -6.95 39.77 31.41
CA VAL C 482 -6.56 39.24 32.71
C VAL C 482 -7.71 38.43 33.31
N SER C 483 -8.94 38.92 33.17
CA SER C 483 -10.09 38.18 33.69
C SER C 483 -10.19 36.81 33.03
N GLY C 484 -10.04 36.75 31.72
CA GLY C 484 -10.07 35.46 31.05
C GLY C 484 -8.97 34.54 31.52
N GLY C 485 -7.76 35.07 31.67
CA GLY C 485 -6.66 34.24 32.15
C GLY C 485 -6.95 33.64 33.51
N VAL C 486 -7.44 34.45 34.44
CA VAL C 486 -7.68 33.96 35.79
C VAL C 486 -8.84 32.96 35.80
N TYR C 487 -9.86 33.20 34.97
CA TYR C 487 -10.96 32.24 34.88
C TYR C 487 -10.48 30.89 34.41
N PHE C 488 -9.64 30.87 33.36
CA PHE C 488 -9.09 29.61 32.90
C PHE C 488 -8.24 28.96 33.98
N PHE C 489 -7.50 29.77 34.74
CA PHE C 489 -6.69 29.23 35.82
C PHE C 489 -7.55 28.46 36.82
N PHE C 490 -8.63 29.08 37.30
CA PHE C 490 -9.51 28.37 38.22
C PHE C 490 -10.13 27.13 37.59
N ARG C 491 -10.59 27.22 36.34
CA ARG C 491 -11.21 26.05 35.74
C ARG C 491 -10.22 24.88 35.69
N GLY C 492 -8.98 25.16 35.27
CA GLY C 492 -7.99 24.09 35.23
C GLY C 492 -7.69 23.51 36.59
N ILE C 493 -7.54 24.37 37.60
CA ILE C 493 -7.21 23.86 38.93
C ILE C 493 -8.36 23.01 39.46
N GLN C 494 -9.60 23.44 39.21
CA GLN C 494 -10.75 22.66 39.65
C GLN C 494 -10.77 21.28 39.00
N TYR C 495 -10.55 21.23 37.68
CA TYR C 495 -10.57 19.95 37.00
C TYR C 495 -9.48 19.04 37.52
N PHE C 496 -8.26 19.57 37.69
CA PHE C 496 -7.17 18.74 38.18
C PHE C 496 -7.45 18.24 39.59
N LEU C 497 -8.05 19.09 40.43
CA LEU C 497 -8.38 18.67 41.79
C LEU C 497 -9.42 17.56 41.78
N GLN C 498 -10.46 17.69 40.97
CA GLN C 498 -11.51 16.68 40.97
C GLN C 498 -11.00 15.35 40.42
N ARG C 499 -10.37 15.36 39.25
CA ARG C 499 -10.01 14.09 38.62
C ARG C 499 -8.82 13.44 39.30
N ARG C 500 -7.79 14.21 39.64
CA ARG C 500 -6.58 13.67 40.26
C ARG C 500 -6.06 12.51 39.42
N PRO C 501 -5.55 12.76 38.23
CA PRO C 501 -5.04 11.69 37.38
C PRO C 501 -3.61 11.31 37.75
N SER C 502 -3.12 10.25 37.10
CA SER C 502 -1.78 9.75 37.37
C SER C 502 -0.75 10.64 36.65
N LEU C 503 0.51 10.23 36.68
CA LEU C 503 1.58 10.99 36.05
C LEU C 503 1.77 10.61 34.59
N LYS C 504 1.74 9.32 34.27
CA LYS C 504 1.88 8.86 32.90
C LYS C 504 0.59 9.00 32.09
N SER C 505 -0.52 9.33 32.74
CA SER C 505 -1.78 9.59 32.07
C SER C 505 -2.05 11.09 31.90
N LEU C 506 -1.08 11.93 32.21
CA LEU C 506 -1.22 13.37 32.10
C LEU C 506 -0.73 13.90 30.76
N PHE C 507 -0.29 13.03 29.85
CA PHE C 507 0.08 13.43 28.51
C PHE C 507 -0.69 12.62 27.47
N VAL C 508 -0.95 11.34 27.78
CA VAL C 508 -1.83 10.56 26.92
C VAL C 508 -3.25 11.09 27.01
N ASP C 509 -3.66 11.56 28.19
CA ASP C 509 -4.94 12.19 28.40
C ASP C 509 -4.72 13.60 28.94
N SER C 510 -5.80 14.37 28.99
CA SER C 510 -5.75 15.75 29.47
C SER C 510 -4.70 16.56 28.71
N TYR C 511 -4.62 16.31 27.40
CA TYR C 511 -3.62 16.96 26.58
C TYR C 511 -3.94 18.41 26.29
N SER C 512 -5.19 18.85 26.52
CA SER C 512 -5.60 20.22 26.30
C SER C 512 -5.76 21.02 27.57
N GLU C 513 -6.15 20.38 28.68
CA GLU C 513 -6.23 21.08 29.95
C GLU C 513 -4.86 21.58 30.37
N ILE C 514 -3.82 20.79 30.14
CA ILE C 514 -2.47 21.21 30.48
C ILE C 514 -2.10 22.46 29.69
N LEU C 515 -2.44 22.50 28.40
CA LEU C 515 -2.11 23.66 27.58
C LEU C 515 -2.85 24.91 28.04
N PHE C 516 -4.16 24.79 28.31
CA PHE C 516 -4.90 25.95 28.79
C PHE C 516 -4.34 26.43 30.12
N PHE C 517 -4.01 25.50 31.02
CA PHE C 517 -3.42 25.87 32.29
C PHE C 517 -2.10 26.60 32.09
N VAL C 518 -1.26 26.12 31.17
CA VAL C 518 0.03 26.76 30.93
C VAL C 518 -0.17 28.18 30.41
N GLN C 519 -1.12 28.37 29.51
CA GLN C 519 -1.41 29.72 29.03
C GLN C 519 -1.82 30.64 30.17
N SER C 520 -2.71 30.15 31.04
CA SER C 520 -3.14 30.97 32.16
C SER C 520 -1.96 31.32 33.06
N LEU C 521 -1.07 30.35 33.32
CA LEU C 521 0.09 30.62 34.15
C LEU C 521 0.98 31.69 33.52
N PHE C 522 1.19 31.62 32.21
CA PHE C 522 1.99 32.63 31.55
C PHE C 522 1.37 34.00 31.71
N MET C 523 0.04 34.11 31.54
CA MET C 523 -0.61 35.40 31.69
C MET C 523 -0.44 35.94 33.11
N LEU C 524 -0.61 35.08 34.12
CA LEU C 524 -0.48 35.53 35.50
C LEU C 524 0.95 36.00 35.80
N VAL C 525 1.94 35.24 35.34
CA VAL C 525 3.33 35.66 35.54
C VAL C 525 3.57 36.99 34.85
N SER C 526 2.99 37.18 33.67
CA SER C 526 3.17 38.42 32.94
C SER C 526 2.63 39.60 33.72
N VAL C 527 1.42 39.46 34.29
CA VAL C 527 0.86 40.58 35.03
C VAL C 527 1.67 40.84 36.30
N VAL C 528 2.13 39.78 36.96
CA VAL C 528 2.95 39.97 38.15
C VAL C 528 4.21 40.76 37.83
N LEU C 529 4.88 40.40 36.73
CA LEU C 529 6.06 41.16 36.33
C LEU C 529 5.69 42.59 35.94
N TYR C 530 4.52 42.77 35.31
CA TYR C 530 4.11 44.10 34.89
C TYR C 530 3.97 45.03 36.08
N PHE C 531 3.37 44.54 37.17
CA PHE C 531 3.18 45.38 38.34
C PHE C 531 4.40 45.44 39.25
N SER C 532 5.48 44.76 38.90
CA SER C 532 6.72 44.79 39.68
C SER C 532 7.78 45.70 39.05
N GLN C 533 7.42 46.50 38.06
CA GLN C 533 8.34 47.42 37.41
C GLN C 533 9.52 46.68 36.79
N ARG C 534 9.20 45.83 35.81
CA ARG C 534 10.21 45.12 35.04
C ARG C 534 9.92 45.25 33.55
N LYS C 535 10.64 44.51 32.71
CA LYS C 535 10.46 44.58 31.27
C LYS C 535 10.41 43.21 30.61
N GLU C 536 10.24 42.17 31.40
CA GLU C 536 10.16 40.79 30.86
C GLU C 536 8.69 40.49 30.56
N TYR C 537 7.73 41.30 31.03
CA TYR C 537 6.33 41.00 30.83
C TYR C 537 6.02 40.94 29.34
N VAL C 538 6.80 41.65 28.52
CA VAL C 538 6.60 41.56 27.07
C VAL C 538 6.86 40.13 26.59
N ALA C 539 7.97 39.55 27.03
CA ALA C 539 8.28 38.17 26.62
C ALA C 539 7.23 37.20 27.12
N SER C 540 6.82 37.35 28.38
CA SER C 540 5.82 36.45 28.92
C SER C 540 4.50 36.57 28.14
N MET C 541 4.08 37.80 27.88
CA MET C 541 2.81 38.03 27.19
C MET C 541 2.86 37.48 25.78
N VAL C 542 3.97 37.66 25.06
CA VAL C 542 4.01 37.16 23.69
C VAL C 542 4.01 35.64 23.67
N PHE C 543 4.71 35.00 24.61
CA PHE C 543 4.63 33.55 24.69
C PHE C 543 3.19 33.11 24.90
N SER C 544 2.50 33.75 25.85
CA SER C 544 1.11 33.39 26.10
C SER C 544 0.25 33.59 24.86
N LEU C 545 0.45 34.70 24.15
CA LEU C 545 -0.37 35.02 22.99
C LEU C 545 -0.19 33.99 21.90
N ALA C 546 1.06 33.65 21.58
CA ALA C 546 1.30 32.66 20.54
C ALA C 546 0.71 31.32 20.93
N MET C 547 0.91 30.89 22.18
CA MET C 547 0.38 29.60 22.60
C MET C 547 -1.15 29.60 22.52
N GLY C 548 -1.79 30.68 22.95
CA GLY C 548 -3.23 30.73 22.89
C GLY C 548 -3.76 30.69 21.47
N TRP C 549 -3.13 31.42 20.56
CA TRP C 549 -3.58 31.39 19.18
C TRP C 549 -3.46 30.00 18.59
N THR C 550 -2.33 29.33 18.84
CA THR C 550 -2.16 27.98 18.30
C THR C 550 -2.98 26.93 19.03
N ASN C 551 -3.52 27.26 20.21
CA ASN C 551 -4.29 26.32 21.02
C ASN C 551 -5.78 26.33 20.69
N MET C 552 -6.16 26.75 19.49
CA MET C 552 -7.55 26.72 19.06
C MET C 552 -7.88 25.50 18.22
N LEU C 553 -6.92 24.59 18.03
CA LEU C 553 -7.21 23.32 17.38
C LEU C 553 -8.18 22.46 18.19
N TYR C 554 -8.32 22.73 19.48
CA TYR C 554 -9.21 21.93 20.32
C TYR C 554 -10.66 22.06 19.91
N TYR C 555 -11.03 23.12 19.19
CA TYR C 555 -12.41 23.35 18.80
C TYR C 555 -12.77 22.73 17.46
N THR C 556 -11.83 22.06 16.79
CA THR C 556 -12.18 21.36 15.56
C THR C 556 -13.08 20.17 15.84
N ARG C 557 -12.92 19.52 16.99
CA ARG C 557 -13.80 18.40 17.33
C ARG C 557 -15.25 18.88 17.29
N GLY C 558 -16.10 18.10 16.64
CA GLY C 558 -17.42 18.53 16.24
C GLY C 558 -17.55 18.71 14.75
N PHE C 559 -16.45 18.87 14.04
CA PHE C 559 -16.41 18.84 12.58
C PHE C 559 -15.63 17.60 12.18
N GLN C 560 -16.29 16.65 11.53
CA GLN C 560 -15.73 15.30 11.40
C GLN C 560 -14.32 15.33 10.80
N GLN C 561 -14.22 15.80 9.55
CA GLN C 561 -12.92 15.72 8.86
C GLN C 561 -11.85 16.49 9.60
N MET C 562 -12.18 17.71 10.05
CA MET C 562 -11.21 18.50 10.78
C MET C 562 -10.83 17.84 12.09
N GLY C 563 -11.81 17.24 12.77
CA GLY C 563 -11.49 16.52 14.00
C GLY C 563 -10.52 15.39 13.78
N ILE C 564 -10.73 14.62 12.71
CA ILE C 564 -9.81 13.53 12.39
C ILE C 564 -8.42 14.08 12.10
N TYR C 565 -8.34 15.18 11.35
CA TYR C 565 -7.06 15.77 11.03
C TYR C 565 -6.32 16.21 12.30
N ALA C 566 -7.03 16.87 13.21
CA ALA C 566 -6.41 17.31 14.46
C ALA C 566 -5.96 16.11 15.29
N VAL C 567 -6.75 15.04 15.32
CA VAL C 567 -6.34 13.86 16.06
C VAL C 567 -5.06 13.27 15.47
N MET C 568 -4.98 13.23 14.15
CA MET C 568 -3.75 12.73 13.53
C MET C 568 -2.55 13.58 13.92
N ILE C 569 -2.71 14.91 13.91
CA ILE C 569 -1.61 15.78 14.31
C ILE C 569 -1.19 15.48 15.74
N GLU C 570 -2.17 15.34 16.65
CA GLU C 570 -1.85 15.09 18.04
C GLU C 570 -1.10 13.77 18.20
N LYS C 571 -1.58 12.71 17.55
CA LYS C 571 -0.92 11.41 17.68
C LYS C 571 0.50 11.47 17.16
N MET C 572 0.71 12.11 16.01
CA MET C 572 2.07 12.19 15.46
C MET C 572 2.99 12.96 16.40
N ILE C 573 2.52 14.11 16.91
CA ILE C 573 3.34 14.90 17.81
C ILE C 573 3.72 14.10 19.04
N LEU C 574 2.77 13.35 19.59
CA LEU C 574 3.03 12.62 20.83
C LEU C 574 3.91 11.40 20.61
N ARG C 575 3.85 10.76 19.43
CA ARG C 575 4.48 9.46 19.25
C ARG C 575 5.72 9.46 18.36
N ASP C 576 6.08 10.59 17.74
CA ASP C 576 7.26 10.60 16.87
C ASP C 576 8.28 11.68 17.19
N LEU C 577 7.91 12.77 17.86
CA LEU C 577 8.87 13.83 18.12
C LEU C 577 10.05 13.32 18.95
N CYS C 578 9.76 12.66 20.06
CA CYS C 578 10.83 12.19 20.93
C CYS C 578 11.70 11.16 20.22
N ARG C 579 11.08 10.26 19.45
CA ARG C 579 11.82 9.20 18.79
C ARG C 579 12.64 9.69 17.61
N PHE C 580 12.26 10.83 17.01
CA PHE C 580 12.90 11.31 15.79
C PHE C 580 13.74 12.56 15.98
N MET C 581 13.73 13.17 17.17
CA MET C 581 14.54 14.36 17.39
C MET C 581 15.88 14.05 18.05
N PHE C 582 15.95 12.97 18.83
CA PHE C 582 17.18 12.66 19.54
C PHE C 582 18.32 12.41 18.55
N VAL C 583 18.06 11.62 17.50
CA VAL C 583 19.11 11.28 16.55
C VAL C 583 19.58 12.53 15.81
N TYR C 584 18.64 13.36 15.35
CA TYR C 584 19.04 14.56 14.65
C TYR C 584 19.86 15.48 15.53
N LEU C 585 19.44 15.65 16.79
CA LEU C 585 20.21 16.51 17.68
C LEU C 585 21.61 15.97 17.92
N VAL C 586 21.74 14.65 18.05
CA VAL C 586 23.06 14.06 18.24
C VAL C 586 23.95 14.36 17.05
N PHE C 587 23.45 14.13 15.83
CA PHE C 587 24.25 14.40 14.65
C PHE C 587 24.66 15.86 14.59
N LEU C 588 23.70 16.75 14.82
CA LEU C 588 23.97 18.18 14.71
C LEU C 588 25.04 18.60 15.71
N PHE C 589 24.92 18.15 16.96
CA PHE C 589 25.90 18.53 17.96
C PHE C 589 27.28 17.98 17.63
N GLY C 590 27.35 16.73 17.18
CA GLY C 590 28.66 16.18 16.85
C GLY C 590 29.36 16.98 15.78
N PHE C 591 28.67 17.21 14.65
CA PHE C 591 29.34 17.90 13.56
C PHE C 591 29.60 19.37 13.88
N SER C 592 28.71 20.00 14.67
CA SER C 592 28.96 21.37 15.09
C SER C 592 30.21 21.46 15.96
N THR C 593 30.38 20.54 16.89
CA THR C 593 31.59 20.55 17.71
C THR C 593 32.84 20.33 16.86
N ALA C 594 32.78 19.40 15.91
CA ALA C 594 33.93 19.17 15.05
C ALA C 594 34.31 20.45 14.29
N VAL C 595 33.32 21.06 13.61
CA VAL C 595 33.62 22.23 12.79
C VAL C 595 34.14 23.37 13.65
N VAL C 596 33.53 23.58 14.83
CA VAL C 596 33.97 24.67 15.69
C VAL C 596 35.40 24.42 16.17
N THR C 597 35.75 23.16 16.43
CA THR C 597 37.12 22.86 16.80
C THR C 597 38.08 23.21 15.67
N LEU C 598 37.69 22.90 14.43
CA LEU C 598 38.60 23.13 13.31
C LEU C 598 38.96 24.61 13.16
N ILE C 599 37.97 25.49 13.24
CA ILE C 599 38.20 26.90 12.92
C ILE C 599 39.18 27.51 13.93
N GLU C 600 39.90 28.54 13.48
CA GLU C 600 40.96 29.15 14.28
C GLU C 600 40.46 30.31 15.14
N ASP C 601 39.92 31.35 14.50
CA ASP C 601 39.43 32.50 15.25
C ASP C 601 38.66 33.42 14.32
N GLY C 602 37.54 33.94 14.80
CA GLY C 602 36.73 34.84 14.00
C GLY C 602 35.35 35.02 14.58
N LYS C 603 34.40 35.37 13.71
CA LYS C 603 33.03 35.57 14.14
C LYS C 603 32.30 34.26 14.40
N TYR C 604 32.60 33.21 13.62
CA TYR C 604 31.97 31.91 13.76
C TYR C 604 32.77 30.97 14.66
N ASN C 605 33.55 31.50 15.59
CA ASN C 605 34.39 30.69 16.45
C ASN C 605 33.69 30.24 17.73
N SER C 606 32.46 30.69 17.98
CA SER C 606 31.70 30.24 19.13
C SER C 606 30.97 28.95 18.76
N LEU C 607 30.07 28.50 19.63
CA LEU C 607 29.30 27.29 19.37
C LEU C 607 27.89 27.58 18.88
N TYR C 608 27.24 28.61 19.40
CA TYR C 608 25.89 28.93 18.97
C TYR C 608 25.85 29.35 17.51
N SER C 609 26.80 30.17 17.08
CA SER C 609 26.80 30.64 15.70
C SER C 609 26.97 29.49 14.73
N THR C 610 27.90 28.58 15.01
CA THR C 610 28.11 27.45 14.11
C THR C 610 26.95 26.48 14.16
N CYS C 611 26.33 26.29 15.32
CA CYS C 611 25.13 25.47 15.39
C CYS C 611 24.05 26.03 14.49
N LEU C 612 23.84 27.35 14.52
CA LEU C 612 22.84 27.96 13.65
C LEU C 612 23.23 27.80 12.19
N GLU C 613 24.51 27.98 11.87
CA GLU C 613 24.94 27.89 10.47
C GLU C 613 24.71 26.49 9.92
N LEU C 614 24.94 25.46 10.73
CA LEU C 614 24.65 24.10 10.28
C LEU C 614 23.16 23.79 10.28
N PHE C 615 22.38 24.42 11.16
CA PHE C 615 20.94 24.21 11.11
C PHE C 615 20.34 24.81 9.86
N LYS C 616 20.91 25.89 9.34
CA LYS C 616 20.37 26.52 8.15
C LYS C 616 20.33 25.57 6.97
N PHE C 617 21.13 24.50 6.98
CA PHE C 617 21.17 23.56 5.87
C PHE C 617 19.89 22.73 5.74
N THR C 618 19.03 22.74 6.75
CA THR C 618 17.84 21.90 6.73
C THR C 618 16.60 22.64 6.26
N ILE C 619 16.57 23.98 6.36
CA ILE C 619 15.49 24.76 5.79
C ILE C 619 15.87 25.16 4.37
N GLY C 620 16.88 24.49 3.82
CA GLY C 620 17.26 24.70 2.44
C GLY C 620 17.82 26.07 2.13
N MET C 621 18.72 26.58 2.98
CA MET C 621 19.41 27.82 2.65
C MET C 621 20.85 27.79 3.16
N GLY C 622 21.48 26.62 3.16
CA GLY C 622 22.87 26.53 3.55
C GLY C 622 23.80 27.18 2.57
N ASP C 623 25.01 27.51 3.04
CA ASP C 623 25.95 28.32 2.26
C ASP C 623 27.12 27.53 1.69
N LEU C 624 27.73 26.66 2.49
CA LEU C 624 28.88 25.84 2.06
C LEU C 624 30.17 26.63 1.90
N GLU C 625 30.11 27.95 2.01
CA GLU C 625 31.31 28.78 1.94
C GLU C 625 31.22 29.94 2.93
N PHE C 626 30.76 29.66 4.15
CA PHE C 626 30.42 30.71 5.09
C PHE C 626 31.61 31.21 5.91
N THR C 627 32.81 30.66 5.73
CA THR C 627 33.97 31.14 6.46
C THR C 627 35.22 30.79 5.70
N GLU C 628 36.30 31.55 5.97
CA GLU C 628 37.56 31.34 5.27
C GLU C 628 38.78 31.47 6.18
N ASN C 629 38.56 31.52 7.50
CA ASN C 629 39.63 31.68 8.51
C ASN C 629 39.96 30.32 9.11
N TYR C 630 40.75 29.50 8.42
CA TYR C 630 41.04 28.14 8.86
C TYR C 630 42.11 27.58 7.93
N ASP C 631 42.44 26.30 8.11
CA ASP C 631 43.35 25.59 7.23
C ASP C 631 42.72 24.26 6.84
N PHE C 632 43.32 23.60 5.86
CA PHE C 632 42.88 22.28 5.41
C PHE C 632 41.43 22.34 4.90
N LYS C 633 41.26 23.06 3.80
CA LYS C 633 39.94 23.21 3.20
C LYS C 633 39.29 21.86 2.90
N ALA C 634 40.10 20.85 2.56
CA ALA C 634 39.55 19.54 2.27
C ALA C 634 38.77 18.99 3.46
N VAL C 635 39.31 19.16 4.67
CA VAL C 635 38.62 18.67 5.87
C VAL C 635 37.27 19.36 6.02
N PHE C 636 37.25 20.69 5.86
CA PHE C 636 36.02 21.45 6.01
C PHE C 636 34.96 20.96 5.02
N ILE C 637 35.34 20.86 3.75
CA ILE C 637 34.37 20.45 2.74
C ILE C 637 33.88 19.03 3.00
N ILE C 638 34.79 18.14 3.37
CA ILE C 638 34.39 16.75 3.62
C ILE C 638 33.38 16.70 4.75
N LEU C 639 33.64 17.42 5.84
CA LEU C 639 32.73 17.39 6.97
C LEU C 639 31.35 17.90 6.56
N LEU C 640 31.30 19.03 5.86
CA LEU C 640 30.00 19.57 5.49
C LEU C 640 29.23 18.62 4.57
N LEU C 641 29.91 18.05 3.58
CA LEU C 641 29.23 17.13 2.67
C LEU C 641 28.72 15.90 3.40
N ALA C 642 29.53 15.36 4.31
CA ALA C 642 29.09 14.19 5.07
C ALA C 642 27.86 14.52 5.89
N TYR C 643 27.84 15.68 6.54
CA TYR C 643 26.68 16.05 7.33
C TYR C 643 25.44 16.15 6.45
N VAL C 644 25.56 16.79 5.29
CA VAL C 644 24.40 16.96 4.42
C VAL C 644 23.85 15.61 3.99
N ILE C 645 24.74 14.72 3.54
CA ILE C 645 24.29 13.41 3.05
C ILE C 645 23.61 12.64 4.18
N LEU C 646 24.22 12.63 5.36
CA LEU C 646 23.65 11.87 6.47
C LEU C 646 22.28 12.41 6.85
N THR C 647 22.11 13.73 6.91
CA THR C 647 20.84 14.27 7.34
C THR C 647 19.76 14.04 6.30
N TYR C 648 20.10 14.10 5.00
CA TYR C 648 19.09 13.80 3.99
C TYR C 648 18.66 12.34 4.04
N ILE C 649 19.62 11.41 4.23
CA ILE C 649 19.24 10.01 4.39
C ILE C 649 18.35 9.85 5.62
N LEU C 650 18.68 10.55 6.70
CA LEU C 650 17.90 10.44 7.92
C LEU C 650 16.46 10.91 7.70
N LEU C 651 16.27 12.04 7.02
CA LEU C 651 14.92 12.53 6.78
C LEU C 651 14.15 11.59 5.85
N LEU C 652 14.82 11.05 4.82
CA LEU C 652 14.15 10.10 3.95
C LEU C 652 13.67 8.88 4.71
N ASN C 653 14.53 8.35 5.58
CA ASN C 653 14.14 7.18 6.36
C ASN C 653 13.05 7.52 7.36
N MET C 654 13.10 8.73 7.92
CA MET C 654 12.02 9.21 8.77
C MET C 654 10.69 9.12 8.04
N LEU C 655 10.65 9.66 6.83
CA LEU C 655 9.40 9.67 6.05
C LEU C 655 8.94 8.25 5.76
N ILE C 656 9.85 7.38 5.30
CA ILE C 656 9.43 6.05 4.91
C ILE C 656 8.92 5.27 6.12
N ALA C 657 9.61 5.38 7.26
CA ALA C 657 9.15 4.70 8.46
C ALA C 657 7.80 5.22 8.91
N LEU C 658 7.61 6.54 8.84
CA LEU C 658 6.32 7.11 9.23
C LEU C 658 5.20 6.60 8.34
N MET C 659 5.46 6.49 7.04
CA MET C 659 4.44 5.99 6.13
C MET C 659 4.17 4.51 6.33
N GLY C 660 5.20 3.74 6.68
CA GLY C 660 5.04 2.29 6.73
C GLY C 660 3.93 1.85 7.68
N GLU C 661 3.90 2.41 8.88
CA GLU C 661 2.90 2.00 9.86
C GLU C 661 1.48 2.24 9.36
N THR C 662 1.31 3.17 8.42
CA THR C 662 0.00 3.42 7.81
C THR C 662 -0.18 2.44 6.66
N VAL C 663 -0.67 1.25 7.00
CA VAL C 663 -0.94 0.21 6.01
C VAL C 663 -2.43 0.22 5.73
N ASN C 664 -3.06 1.39 5.88
CA ASN C 664 -4.49 1.68 5.85
C ASN C 664 -5.16 1.45 7.20
N LYS C 665 -4.42 1.10 8.25
CA LYS C 665 -4.96 1.05 9.60
C LYS C 665 -4.71 2.37 10.34
N ILE C 666 -5.11 3.48 9.72
CA ILE C 666 -4.97 4.79 10.35
C ILE C 666 -6.27 5.56 10.39
N ALA C 667 -7.25 5.29 9.53
CA ALA C 667 -8.53 5.97 9.58
C ALA C 667 -9.47 5.31 10.58
N GLN C 668 -9.50 3.98 10.63
CA GLN C 668 -10.37 3.29 11.56
C GLN C 668 -10.02 3.59 13.01
N GLU C 669 -8.78 3.97 13.29
CA GLU C 669 -8.39 4.36 14.64
C GLU C 669 -8.66 5.83 14.91
N SER C 670 -8.35 6.69 13.94
CA SER C 670 -8.59 8.12 14.11
C SER C 670 -10.07 8.41 14.30
N LYS C 671 -10.93 7.77 13.51
CA LYS C 671 -12.36 7.99 13.65
C LYS C 671 -12.85 7.58 15.03
N ASN C 672 -12.38 6.43 15.52
CA ASN C 672 -12.81 5.97 16.85
C ASN C 672 -12.33 6.93 17.93
N ILE C 673 -11.09 7.40 17.84
CA ILE C 673 -10.57 8.32 18.85
C ILE C 673 -11.37 9.63 18.82
N TRP C 674 -11.70 10.11 17.63
CA TRP C 674 -12.50 11.32 17.54
C TRP C 674 -13.87 11.12 18.16
N LYS C 675 -14.50 9.96 17.92
CA LYS C 675 -15.79 9.68 18.51
C LYS C 675 -15.69 9.67 20.03
N LEU C 676 -14.62 9.08 20.57
CA LEU C 676 -14.43 9.07 22.02
C LEU C 676 -14.28 10.50 22.55
N GLN C 677 -13.53 11.34 21.84
CA GLN C 677 -13.35 12.71 22.29
C GLN C 677 -14.68 13.47 22.28
N ARG C 678 -15.50 13.26 21.25
CA ARG C 678 -16.81 13.89 21.23
C ARG C 678 -17.68 13.37 22.36
N ALA C 679 -17.57 12.08 22.68
CA ALA C 679 -18.33 11.52 23.79
C ALA C 679 -17.96 12.19 25.10
N ILE C 680 -16.66 12.36 25.36
CA ILE C 680 -16.26 13.00 26.61
C ILE C 680 -16.71 14.46 26.62
N THR C 681 -16.69 15.13 25.47
CA THR C 681 -17.20 16.50 25.42
C THR C 681 -18.68 16.54 25.76
N ILE C 682 -19.46 15.60 25.23
CA ILE C 682 -20.90 15.58 25.51
C ILE C 682 -21.14 15.34 26.99
N LEU C 683 -20.42 14.38 27.57
CA LEU C 683 -20.60 14.11 29.00
C LEU C 683 -20.25 15.35 29.83
N ASP C 684 -19.14 16.01 29.51
CA ASP C 684 -18.74 17.19 30.27
C ASP C 684 -19.78 18.30 30.18
N THR C 685 -20.25 18.58 28.96
CA THR C 685 -21.22 19.64 28.77
C THR C 685 -22.51 19.33 29.51
N GLU C 686 -22.96 18.08 29.45
CA GLU C 686 -24.16 17.70 30.20
C GLU C 686 -23.95 17.87 31.70
N LYS C 687 -22.78 17.47 32.20
CA LYS C 687 -22.50 17.59 33.62
C LYS C 687 -22.56 19.05 34.07
N SER C 688 -21.86 19.93 33.35
CA SER C 688 -21.86 21.35 33.67
C SER C 688 -23.18 21.94 33.18
N PHE C 689 -24.18 21.94 34.04
CA PHE C 689 -25.50 22.42 33.66
C PHE C 689 -25.42 23.86 33.18
N LEU C 690 -26.03 24.12 32.02
CA LEU C 690 -26.02 25.47 31.46
C LEU C 690 -26.87 26.39 32.32
N LYS C 691 -26.29 27.52 32.72
CA LYS C 691 -26.99 28.50 33.54
C LYS C 691 -27.67 27.80 34.72
N CYS C 692 -28.93 28.15 34.99
CA CYS C 692 -29.73 27.47 36.01
C CYS C 692 -30.74 26.52 35.39
N MET C 693 -30.69 26.31 34.07
CA MET C 693 -31.66 25.47 33.38
C MET C 693 -31.23 24.01 33.40
N ARG C 694 -32.20 23.13 33.17
CA ARG C 694 -31.96 21.69 33.12
C ARG C 694 -33.04 21.07 32.26
N LYS C 695 -32.69 20.71 31.02
CA LYS C 695 -33.64 20.07 30.11
C LYS C 695 -33.14 18.78 29.50
N ALA C 696 -31.83 18.50 29.55
CA ALA C 696 -31.32 17.26 29.00
C ALA C 696 -31.98 16.07 29.68
N PHE C 697 -32.40 15.09 28.88
CA PHE C 697 -33.06 13.93 29.46
C PHE C 697 -33.01 12.80 28.42
N ARG C 698 -32.85 11.56 28.91
CA ARG C 698 -32.58 10.43 28.03
C ARG C 698 -33.62 10.25 26.94
N SER C 699 -34.86 9.94 27.31
CA SER C 699 -35.90 9.59 26.33
C SER C 699 -37.24 9.64 27.04
N GLY C 700 -38.28 9.15 26.35
CA GLY C 700 -39.64 9.28 26.84
C GLY C 700 -40.11 8.07 27.64
N LYS C 701 -41.00 8.34 28.58
CA LYS C 701 -41.60 7.31 29.41
C LYS C 701 -42.45 6.36 28.57
N LEU C 702 -42.51 5.10 28.97
CA LEU C 702 -43.22 4.11 28.17
C LEU C 702 -43.48 2.86 28.99
N LEU C 703 -44.47 2.08 28.55
CA LEU C 703 -44.83 0.79 29.11
C LEU C 703 -44.62 -0.28 28.05
N GLN C 704 -43.80 -1.28 28.35
CA GLN C 704 -43.44 -2.31 27.39
C GLN C 704 -43.81 -3.72 27.85
N VAL C 705 -43.41 -4.12 29.06
CA VAL C 705 -43.63 -5.50 29.49
C VAL C 705 -45.05 -5.73 29.98
N GLY C 706 -45.82 -4.67 30.22
CA GLY C 706 -47.15 -4.84 30.73
C GLY C 706 -47.18 -4.99 32.24
N PHE C 707 -46.78 -6.16 32.74
CA PHE C 707 -46.82 -6.43 34.17
C PHE C 707 -45.64 -7.30 34.56
N THR C 708 -45.10 -7.05 35.75
CA THR C 708 -44.05 -7.87 36.33
C THR C 708 -44.68 -9.16 36.85
N PRO C 709 -43.91 -10.09 37.40
CA PRO C 709 -44.54 -11.21 38.11
C PRO C 709 -45.49 -10.74 39.20
N ASP C 710 -45.16 -9.63 39.87
CA ASP C 710 -46.10 -8.99 40.77
C ASP C 710 -47.20 -8.31 39.96
N GLY C 711 -48.31 -8.04 40.65
CA GLY C 711 -49.47 -7.49 39.96
C GLY C 711 -49.19 -6.14 39.30
N LYS C 712 -48.39 -5.31 39.96
CA LYS C 712 -48.14 -3.97 39.46
C LYS C 712 -47.40 -4.00 38.13
N ASP C 713 -47.62 -2.96 37.33
CA ASP C 713 -46.90 -2.79 36.08
C ASP C 713 -45.55 -2.14 36.36
N ASP C 714 -44.81 -1.75 35.33
CA ASP C 714 -43.53 -1.10 35.54
C ASP C 714 -43.17 -0.29 34.30
N TYR C 715 -42.25 0.65 34.49
CA TYR C 715 -41.78 1.57 33.47
C TYR C 715 -40.26 1.54 33.47
N ARG C 716 -39.66 1.64 32.27
CA ARG C 716 -38.22 1.45 32.18
C ARG C 716 -37.55 2.36 31.15
N TRP C 717 -38.08 3.56 30.95
CA TRP C 717 -37.39 4.60 30.18
C TRP C 717 -36.80 4.05 28.88
N CYS C 718 -37.69 3.58 28.01
CA CYS C 718 -37.25 2.98 26.76
C CYS C 718 -36.76 4.02 25.78
N PHE C 719 -36.00 3.57 24.78
CA PHE C 719 -35.45 4.41 23.72
C PHE C 719 -35.69 3.68 22.40
N ARG C 720 -36.79 4.02 21.73
CA ARG C 720 -37.20 3.26 20.55
C ARG C 720 -36.24 3.46 19.39
N VAL C 721 -36.00 2.37 18.66
CA VAL C 721 -35.17 2.39 17.45
C VAL C 721 -35.94 1.65 16.37
N ASP C 722 -36.02 2.26 15.18
CA ASP C 722 -36.76 1.69 14.06
C ASP C 722 -35.80 1.08 13.06
N GLU C 723 -36.07 -0.15 12.65
CA GLU C 723 -35.21 -0.87 11.73
C GLU C 723 -36.06 -1.59 10.69
N VAL C 724 -35.47 -1.82 9.53
CA VAL C 724 -36.14 -2.49 8.42
C VAL C 724 -35.39 -3.78 8.12
N ASN C 725 -36.09 -4.91 8.21
CA ASN C 725 -35.52 -6.22 7.92
C ASN C 725 -36.21 -6.80 6.68
N TRP C 726 -35.41 -7.23 5.70
CA TRP C 726 -35.92 -7.75 4.45
C TRP C 726 -35.76 -9.26 4.32
N THR C 727 -34.57 -9.78 4.60
CA THR C 727 -34.34 -11.21 4.53
C THR C 727 -34.65 -11.87 5.87
N THR C 728 -34.47 -13.19 5.92
CA THR C 728 -34.72 -13.98 7.13
C THR C 728 -36.12 -13.69 7.68
N TRP C 729 -37.12 -13.87 6.83
CA TRP C 729 -38.50 -13.70 7.23
C TRP C 729 -39.01 -14.94 7.96
N SER D 197 34.88 -44.84 -9.98
CA SER D 197 34.99 -43.78 -8.94
C SER D 197 33.66 -43.04 -8.76
N TYR D 198 32.79 -43.16 -9.76
CA TYR D 198 31.47 -42.51 -9.70
C TYR D 198 30.43 -43.44 -9.09
N TYR D 199 30.26 -44.63 -9.68
CA TYR D 199 29.30 -45.62 -9.20
C TYR D 199 29.97 -46.72 -8.38
N LYS D 200 31.25 -46.58 -8.06
CA LYS D 200 31.96 -47.60 -7.33
C LYS D 200 31.51 -47.65 -5.87
N GLY D 201 31.67 -48.82 -5.26
CA GLY D 201 31.26 -49.03 -3.89
C GLY D 201 29.83 -49.50 -3.71
N GLN D 202 29.03 -49.49 -4.78
CA GLN D 202 27.65 -49.92 -4.68
C GLN D 202 27.58 -51.43 -4.47
N THR D 203 26.56 -51.87 -3.73
CA THR D 203 26.36 -53.27 -3.43
C THR D 203 24.88 -53.62 -3.59
N ALA D 204 24.61 -54.89 -3.89
CA ALA D 204 23.25 -55.31 -4.19
C ALA D 204 22.28 -54.99 -3.05
N LEU D 205 22.78 -54.92 -1.82
CA LEU D 205 21.90 -54.60 -0.70
C LEU D 205 21.30 -53.21 -0.86
N HIS D 206 22.10 -52.25 -1.34
CA HIS D 206 21.58 -50.90 -1.54
C HIS D 206 20.45 -50.90 -2.57
N ILE D 207 20.64 -51.61 -3.69
CA ILE D 207 19.57 -51.71 -4.67
C ILE D 207 18.33 -52.33 -4.04
N ALA D 208 18.50 -53.46 -3.37
CA ALA D 208 17.36 -54.12 -2.75
C ALA D 208 16.62 -53.18 -1.82
N ILE D 209 17.35 -52.37 -1.06
CA ILE D 209 16.71 -51.43 -0.16
C ILE D 209 15.94 -50.37 -0.94
N GLU D 210 16.52 -49.87 -2.03
CA GLU D 210 15.95 -48.74 -2.75
C GLU D 210 15.03 -49.15 -3.89
N ARG D 211 14.68 -50.44 -3.99
CA ARG D 211 13.66 -50.88 -4.94
C ARG D 211 12.31 -51.15 -4.31
N ARG D 212 12.24 -51.22 -2.98
CA ARG D 212 10.97 -51.43 -2.25
C ARG D 212 10.49 -52.87 -2.44
N ASN D 213 11.40 -53.84 -2.60
CA ASN D 213 11.06 -55.25 -2.75
C ASN D 213 11.35 -55.94 -1.42
N MET D 214 10.32 -56.04 -0.58
CA MET D 214 10.50 -56.64 0.73
C MET D 214 10.93 -58.10 0.62
N THR D 215 10.29 -58.86 -0.26
CA THR D 215 10.61 -60.28 -0.39
C THR D 215 12.04 -60.47 -0.89
N LEU D 216 12.41 -59.75 -1.94
CA LEU D 216 13.77 -59.86 -2.46
C LEU D 216 14.79 -59.41 -1.43
N VAL D 217 14.47 -58.36 -0.67
CA VAL D 217 15.37 -57.89 0.37
C VAL D 217 15.59 -58.98 1.41
N THR D 218 14.50 -59.62 1.85
CA THR D 218 14.61 -60.68 2.83
C THR D 218 15.45 -61.84 2.29
N LEU D 219 15.18 -62.26 1.06
CA LEU D 219 15.92 -63.37 0.48
C LEU D 219 17.41 -63.04 0.38
N LEU D 220 17.73 -61.82 -0.05
CA LEU D 220 19.13 -61.42 -0.14
C LEU D 220 19.78 -61.39 1.24
N VAL D 221 19.04 -60.93 2.25
CA VAL D 221 19.57 -60.90 3.61
C VAL D 221 19.88 -62.31 4.08
N GLU D 222 19.00 -63.27 3.77
CA GLU D 222 19.20 -64.63 4.24
C GLU D 222 20.48 -65.26 3.71
N ASN D 223 21.05 -64.73 2.63
CA ASN D 223 22.24 -65.32 2.06
C ASN D 223 23.42 -65.27 3.03
N GLY D 224 23.43 -64.32 3.95
CA GLY D 224 24.52 -64.18 4.91
C GLY D 224 25.52 -63.11 4.57
N ALA D 225 25.28 -62.29 3.54
CA ALA D 225 26.20 -61.23 3.19
C ALA D 225 26.21 -60.15 4.28
N ASP D 226 27.34 -59.46 4.38
CA ASP D 226 27.49 -58.41 5.38
C ASP D 226 26.49 -57.29 5.12
N VAL D 227 25.98 -56.69 6.19
CA VAL D 227 25.01 -55.62 6.12
C VAL D 227 25.62 -54.29 6.59
N GLN D 228 26.95 -54.20 6.64
CA GLN D 228 27.63 -52.98 7.02
C GLN D 228 28.53 -52.46 5.90
N ALA D 229 28.26 -52.86 4.66
CA ALA D 229 29.06 -52.41 3.53
C ALA D 229 28.82 -50.93 3.28
N ALA D 230 29.90 -50.23 2.93
CA ALA D 230 29.86 -48.80 2.66
C ALA D 230 30.29 -48.52 1.23
N ALA D 231 29.56 -47.64 0.56
CA ALA D 231 29.84 -47.27 -0.83
C ALA D 231 30.61 -45.97 -0.86
N ASN D 232 31.79 -45.99 -1.47
CA ASN D 232 32.67 -44.83 -1.53
C ASN D 232 32.60 -44.11 -2.88
N GLY D 233 31.63 -44.44 -3.72
CA GLY D 233 31.53 -43.79 -5.02
C GLY D 233 31.31 -42.30 -4.90
N ASP D 234 31.87 -41.56 -5.86
CA ASP D 234 31.71 -40.11 -5.87
C ASP D 234 30.24 -39.71 -6.01
N PHE D 235 29.39 -40.58 -6.56
CA PHE D 235 27.98 -40.27 -6.63
C PHE D 235 27.37 -40.10 -5.24
N PHE D 236 28.00 -40.68 -4.23
CA PHE D 236 27.53 -40.61 -2.85
C PHE D 236 28.24 -39.54 -2.04
N LYS D 237 29.07 -38.72 -2.67
CA LYS D 237 29.81 -37.69 -1.95
C LYS D 237 28.89 -36.50 -1.63
N LYS D 238 29.39 -35.63 -0.75
CA LYS D 238 28.57 -34.52 -0.27
C LYS D 238 28.18 -33.59 -1.41
N THR D 239 29.14 -32.88 -1.98
CA THR D 239 28.88 -31.92 -3.06
C THR D 239 29.94 -32.02 -4.15
N LYS D 240 30.41 -33.24 -4.42
CA LYS D 240 31.35 -33.47 -5.52
C LYS D 240 30.55 -33.75 -6.79
N GLY D 241 30.09 -32.66 -7.41
CA GLY D 241 29.24 -32.75 -8.58
C GLY D 241 27.79 -32.56 -8.24
N ARG D 242 27.07 -31.81 -9.06
CA ARG D 242 25.65 -31.55 -8.78
C ARG D 242 24.86 -32.84 -8.61
N PRO D 243 25.02 -33.87 -9.45
CA PRO D 243 24.39 -35.16 -9.14
C PRO D 243 24.92 -35.71 -7.82
N GLY D 244 24.04 -36.35 -7.06
CA GLY D 244 24.42 -36.90 -5.78
C GLY D 244 23.27 -37.00 -4.80
N PHE D 245 23.18 -38.12 -4.10
CA PHE D 245 22.15 -38.36 -3.09
C PHE D 245 22.86 -38.85 -1.82
N TYR D 246 23.31 -37.90 -1.01
CA TYR D 246 23.98 -38.26 0.23
C TYR D 246 22.98 -38.90 1.19
N PHE D 247 23.36 -40.05 1.76
CA PHE D 247 22.45 -40.81 2.60
C PHE D 247 23.14 -41.40 3.83
N GLY D 248 24.33 -40.93 4.18
CA GLY D 248 25.07 -41.48 5.29
C GLY D 248 25.97 -42.65 4.93
N GLU D 249 25.89 -43.15 3.71
CA GLU D 249 26.81 -44.14 3.13
C GLU D 249 26.57 -45.55 3.66
N LEU D 250 25.50 -45.78 4.41
CA LEU D 250 25.21 -47.11 4.94
C LEU D 250 23.78 -47.52 4.58
N PRO D 251 23.55 -48.83 4.43
CA PRO D 251 22.20 -49.28 4.03
C PRO D 251 21.12 -48.92 5.04
N LEU D 252 21.44 -48.95 6.34
CA LEU D 252 20.46 -48.59 7.34
C LEU D 252 19.98 -47.16 7.14
N SER D 253 20.90 -46.27 6.79
CA SER D 253 20.56 -44.85 6.54
C SER D 253 19.75 -44.78 5.24
N LEU D 254 20.01 -45.64 4.26
CA LEU D 254 19.17 -45.71 3.05
C LEU D 254 17.73 -46.04 3.43
N ALA D 255 17.54 -47.04 4.28
CA ALA D 255 16.20 -47.37 4.75
C ALA D 255 15.57 -46.20 5.49
N ALA D 256 16.36 -45.56 6.36
CA ALA D 256 15.83 -44.48 7.18
C ALA D 256 15.32 -43.32 6.32
N CYS D 257 16.10 -42.93 5.30
CA CYS D 257 15.80 -41.74 4.52
C CYS D 257 14.95 -42.01 3.28
N THR D 258 14.64 -43.28 2.99
CA THR D 258 13.91 -43.64 1.73
C THR D 258 12.53 -44.23 2.04
N ASN D 259 11.79 -43.67 3.00
CA ASN D 259 10.42 -44.08 3.30
C ASN D 259 10.35 -45.49 3.86
N GLN D 260 11.48 -46.13 4.12
CA GLN D 260 11.50 -47.53 4.54
C GLN D 260 11.35 -47.61 6.05
N LEU D 261 10.20 -48.11 6.51
CA LEU D 261 9.94 -48.32 7.93
C LEU D 261 9.88 -49.80 8.28
N ALA D 262 9.06 -50.58 7.57
CA ALA D 262 9.04 -52.02 7.79
C ALA D 262 10.38 -52.64 7.45
N ILE D 263 11.06 -52.13 6.42
CA ILE D 263 12.36 -52.69 6.04
C ILE D 263 13.37 -52.47 7.17
N VAL D 264 13.43 -51.26 7.72
CA VAL D 264 14.37 -51.01 8.81
C VAL D 264 13.98 -51.81 10.04
N LYS D 265 12.68 -51.98 10.28
CA LYS D 265 12.24 -52.85 11.36
C LYS D 265 12.79 -54.25 11.18
N PHE D 266 12.69 -54.78 9.96
CA PHE D 266 13.20 -56.12 9.68
C PHE D 266 14.71 -56.18 9.87
N LEU D 267 15.43 -55.18 9.37
CA LEU D 267 16.89 -55.19 9.49
C LEU D 267 17.31 -55.18 10.96
N LEU D 268 16.66 -54.35 11.77
CA LEU D 268 17.07 -54.20 13.16
C LEU D 268 16.47 -55.25 14.08
N GLN D 269 15.50 -56.04 13.59
CA GLN D 269 14.82 -57.04 14.42
C GLN D 269 15.07 -58.46 13.92
N ASN D 270 16.10 -58.67 13.12
CA ASN D 270 16.41 -59.99 12.58
C ASN D 270 17.48 -60.64 13.46
N SER D 271 17.24 -61.89 13.85
CA SER D 271 18.18 -62.62 14.70
C SER D 271 19.40 -63.10 13.93
N TRP D 272 19.37 -63.09 12.60
CA TRP D 272 20.51 -63.53 11.83
C TRP D 272 21.72 -62.66 12.11
N GLN D 273 21.64 -61.38 11.77
CA GLN D 273 22.71 -60.43 12.04
C GLN D 273 22.15 -59.01 12.03
N PRO D 274 21.59 -58.53 13.13
CA PRO D 274 21.00 -57.19 13.13
C PRO D 274 22.04 -56.12 12.82
N ALA D 275 21.60 -55.09 12.10
CA ALA D 275 22.50 -54.01 11.72
C ALA D 275 22.80 -53.12 12.92
N ASP D 276 24.07 -52.82 13.12
CA ASP D 276 24.47 -51.96 14.22
C ASP D 276 23.99 -50.53 14.00
N ILE D 277 23.74 -49.83 15.10
CA ILE D 277 23.20 -48.48 15.02
C ILE D 277 24.31 -47.43 15.05
N SER D 278 25.28 -47.59 15.96
CA SER D 278 26.33 -46.56 16.19
C SER D 278 27.31 -46.43 15.01
N ALA D 279 27.15 -47.17 13.91
CA ALA D 279 28.13 -47.09 12.84
C ALA D 279 28.22 -45.67 12.29
N ARG D 280 29.45 -45.18 12.11
CA ARG D 280 29.70 -43.83 11.55
C ARG D 280 30.46 -43.99 10.23
N ASP D 281 30.07 -43.27 9.18
CA ASP D 281 30.66 -43.37 7.86
C ASP D 281 31.99 -42.63 7.84
N SER D 282 32.55 -42.42 6.64
CA SER D 282 33.83 -41.76 6.52
C SER D 282 33.78 -40.36 7.12
N VAL D 283 32.73 -39.60 6.81
CA VAL D 283 32.58 -38.25 7.38
C VAL D 283 32.23 -38.29 8.85
N GLY D 284 31.80 -39.45 9.36
CA GLY D 284 31.42 -39.58 10.75
C GLY D 284 29.93 -39.46 11.02
N ASN D 285 29.14 -39.14 10.01
CA ASN D 285 27.70 -39.00 10.21
C ASN D 285 27.08 -40.31 10.66
N THR D 286 26.11 -40.20 11.56
CA THR D 286 25.32 -41.33 12.01
C THR D 286 23.95 -41.28 11.32
N VAL D 287 23.12 -42.29 11.59
CA VAL D 287 21.78 -42.30 11.00
C VAL D 287 21.03 -41.03 11.34
N LEU D 288 21.11 -40.59 12.59
CA LEU D 288 20.45 -39.35 12.99
C LEU D 288 21.01 -38.15 12.24
N HIS D 289 22.35 -38.10 12.11
CA HIS D 289 22.96 -37.00 11.38
C HIS D 289 22.51 -37.00 9.92
N ALA D 290 22.46 -38.18 9.30
CA ALA D 290 21.99 -38.26 7.93
C ALA D 290 20.55 -37.77 7.81
N LEU D 291 19.70 -38.18 8.76
CA LEU D 291 18.31 -37.72 8.75
C LEU D 291 18.24 -36.21 8.84
N VAL D 292 19.06 -35.61 9.71
CA VAL D 292 19.06 -34.16 9.84
C VAL D 292 19.50 -33.52 8.53
N GLU D 293 20.54 -34.08 7.89
CA GLU D 293 21.04 -33.51 6.65
C GLU D 293 20.00 -33.57 5.55
N VAL D 294 19.26 -34.67 5.46
CA VAL D 294 18.30 -34.84 4.38
C VAL D 294 17.18 -33.82 4.45
N ALA D 295 16.94 -33.22 5.61
CA ALA D 295 15.85 -32.28 5.75
C ALA D 295 16.08 -31.07 4.85
N ASP D 296 14.97 -30.49 4.36
CA ASP D 296 15.06 -29.33 3.47
C ASP D 296 14.03 -28.26 3.81
N ASN D 297 13.53 -28.23 5.04
CA ASN D 297 12.59 -27.19 5.49
C ASN D 297 11.34 -27.16 4.61
N THR D 298 10.67 -28.30 4.50
CA THR D 298 9.40 -28.40 3.81
C THR D 298 8.42 -29.17 4.70
N VAL D 299 7.15 -28.78 4.63
CA VAL D 299 6.16 -29.32 5.58
C VAL D 299 6.11 -30.83 5.48
N ASP D 300 5.96 -31.36 4.26
CA ASP D 300 5.93 -32.81 4.09
C ASP D 300 7.26 -33.44 4.49
N ASN D 301 8.35 -32.84 4.03
CA ASN D 301 9.67 -33.36 4.38
C ASN D 301 9.91 -33.28 5.88
N THR D 302 9.49 -32.19 6.51
CA THR D 302 9.70 -32.03 7.95
C THR D 302 8.90 -33.06 8.74
N LYS D 303 7.62 -33.25 8.39
CA LYS D 303 6.83 -34.24 9.12
C LYS D 303 7.38 -35.64 8.93
N PHE D 304 7.77 -35.99 7.70
CA PHE D 304 8.41 -37.27 7.47
C PHE D 304 9.66 -37.43 8.31
N VAL D 305 10.53 -36.42 8.32
CA VAL D 305 11.81 -36.55 9.00
C VAL D 305 11.59 -36.72 10.50
N THR D 306 10.70 -35.91 11.08
CA THR D 306 10.46 -36.02 12.52
C THR D 306 9.84 -37.37 12.86
N SER D 307 8.90 -37.85 12.05
CA SER D 307 8.30 -39.15 12.33
C SER D 307 9.35 -40.25 12.30
N MET D 308 10.19 -40.27 11.26
CA MET D 308 11.22 -41.29 11.17
C MET D 308 12.21 -41.18 12.33
N TYR D 309 12.59 -39.95 12.69
CA TYR D 309 13.49 -39.73 13.81
C TYR D 309 12.92 -40.31 15.09
N ASN D 310 11.64 -40.01 15.37
CA ASN D 310 11.02 -40.53 16.57
C ASN D 310 10.98 -42.05 16.56
N GLU D 311 10.63 -42.64 15.43
CA GLU D 311 10.54 -44.10 15.36
C GLU D 311 11.89 -44.74 15.63
N ILE D 312 12.94 -44.26 14.97
CA ILE D 312 14.25 -44.86 15.15
C ILE D 312 14.72 -44.67 16.59
N LEU D 313 14.48 -43.49 17.15
CA LEU D 313 14.90 -43.23 18.52
C LEU D 313 14.23 -44.18 19.50
N ILE D 314 12.91 -44.34 19.38
CA ILE D 314 12.20 -45.22 20.32
C ILE D 314 12.65 -46.66 20.14
N LEU D 315 12.84 -47.11 18.89
CA LEU D 315 13.28 -48.48 18.67
C LEU D 315 14.65 -48.72 19.28
N GLY D 316 15.60 -47.81 19.03
CA GLY D 316 16.92 -47.97 19.59
C GLY D 316 16.92 -47.95 21.11
N ALA D 317 16.14 -47.05 21.70
CA ALA D 317 16.05 -47.00 23.15
C ALA D 317 15.49 -48.30 23.70
N LYS D 318 14.45 -48.84 23.07
CA LYS D 318 13.85 -50.08 23.55
C LYS D 318 14.84 -51.23 23.45
N LEU D 319 15.56 -51.34 22.33
CA LEU D 319 16.47 -52.46 22.14
C LEU D 319 17.71 -52.34 23.03
N HIS D 320 18.31 -51.15 23.10
CA HIS D 320 19.51 -50.90 23.89
C HIS D 320 19.27 -49.67 24.76
N PRO D 321 18.50 -49.81 25.83
CA PRO D 321 18.25 -48.66 26.71
C PRO D 321 19.50 -48.11 27.36
N THR D 322 20.55 -48.92 27.50
CA THR D 322 21.76 -48.44 28.17
C THR D 322 22.45 -47.34 27.38
N LEU D 323 22.47 -47.44 26.05
CA LEU D 323 23.19 -46.50 25.20
C LEU D 323 22.31 -45.32 24.84
N LYS D 324 22.92 -44.14 24.77
CA LYS D 324 22.25 -42.90 24.38
C LYS D 324 22.89 -42.38 23.10
N LEU D 325 22.06 -42.07 22.12
CA LEU D 325 22.55 -41.69 20.80
C LEU D 325 22.80 -40.20 20.65
N GLU D 326 22.06 -39.37 21.38
CA GLU D 326 22.15 -37.93 21.19
C GLU D 326 23.51 -37.36 21.57
N GLU D 327 24.34 -38.11 22.30
CA GLU D 327 25.65 -37.63 22.71
C GLU D 327 26.77 -38.01 21.75
N ILE D 328 26.47 -38.78 20.70
CA ILE D 328 27.48 -39.23 19.75
C ILE D 328 27.64 -38.15 18.68
N THR D 329 28.88 -37.74 18.44
CA THR D 329 29.18 -36.64 17.53
C THR D 329 30.20 -37.10 16.50
N ASN D 330 30.13 -36.49 15.32
CA ASN D 330 31.03 -36.83 14.23
C ASN D 330 32.38 -36.12 14.44
N ARG D 331 33.25 -36.21 13.43
CA ARG D 331 34.61 -35.60 13.49
C ARG D 331 34.51 -34.12 13.87
N LYS D 332 33.61 -33.36 13.22
CA LYS D 332 33.51 -31.92 13.47
C LYS D 332 32.98 -31.60 14.85
N GLY D 333 32.65 -32.60 15.66
CA GLY D 333 32.14 -32.33 16.99
C GLY D 333 30.80 -31.64 16.99
N LEU D 334 29.89 -32.05 16.12
CA LEU D 334 28.54 -31.51 16.05
C LEU D 334 27.55 -32.60 16.40
N THR D 335 26.75 -32.35 17.43
CA THR D 335 25.65 -33.25 17.76
C THR D 335 24.50 -33.01 16.79
N PRO D 336 23.55 -33.95 16.70
CA PRO D 336 22.43 -33.76 15.78
C PRO D 336 21.68 -32.47 16.01
N LEU D 337 21.46 -32.09 17.28
CA LEU D 337 20.81 -30.81 17.56
C LEU D 337 21.69 -29.64 17.13
N ALA D 338 22.98 -29.69 17.47
CA ALA D 338 23.90 -28.64 17.07
C ALA D 338 24.01 -28.58 15.54
N LEU D 339 24.07 -29.75 14.89
CA LEU D 339 24.15 -29.77 13.44
C LEU D 339 22.91 -29.16 12.82
N ALA D 340 21.73 -29.47 13.36
CA ALA D 340 20.51 -28.87 12.84
C ALA D 340 20.52 -27.36 13.03
N ALA D 341 21.02 -26.90 14.19
CA ALA D 341 21.08 -25.47 14.43
C ALA D 341 22.02 -24.78 13.45
N SER D 342 23.18 -25.39 13.18
CA SER D 342 24.16 -24.76 12.30
C SER D 342 23.64 -24.62 10.88
N SER D 343 22.95 -25.64 10.38
CA SER D 343 22.46 -25.63 9.01
C SER D 343 21.13 -24.91 8.85
N GLY D 344 20.56 -24.39 9.92
CA GLY D 344 19.29 -23.68 9.83
C GLY D 344 18.12 -24.55 9.43
N LYS D 345 18.00 -25.73 10.04
CA LYS D 345 16.85 -26.61 9.82
C LYS D 345 15.81 -26.28 10.89
N ILE D 346 14.83 -25.45 10.54
CA ILE D 346 13.89 -24.96 11.54
C ILE D 346 13.04 -26.10 12.10
N GLY D 347 12.53 -26.96 11.22
CA GLY D 347 11.59 -27.97 11.66
C GLY D 347 12.20 -28.95 12.64
N VAL D 348 13.39 -29.46 12.32
CA VAL D 348 14.05 -30.44 13.19
C VAL D 348 14.35 -29.83 14.55
N LEU D 349 14.88 -28.62 14.57
CA LEU D 349 15.19 -27.96 15.83
C LEU D 349 13.93 -27.74 16.65
N ALA D 350 12.85 -27.27 16.00
CA ALA D 350 11.61 -27.03 16.71
C ALA D 350 11.08 -28.32 17.32
N TYR D 351 11.09 -29.40 16.56
CA TYR D 351 10.59 -30.67 17.09
C TYR D 351 11.47 -31.17 18.23
N ILE D 352 12.79 -31.06 18.10
CA ILE D 352 13.69 -31.63 19.10
C ILE D 352 13.60 -30.86 20.41
N LEU D 353 13.53 -29.53 20.34
CA LEU D 353 13.58 -28.73 21.56
C LEU D 353 12.41 -29.05 22.48
N GLN D 354 11.22 -29.25 21.91
CA GLN D 354 10.02 -29.54 22.68
C GLN D 354 9.50 -30.94 22.38
N ARG D 355 10.41 -31.91 22.30
CA ARG D 355 10.01 -33.29 22.04
C ARG D 355 9.27 -33.85 23.24
N GLU D 356 8.12 -34.47 22.98
CA GLU D 356 7.28 -35.06 24.02
C GLU D 356 6.96 -36.49 23.65
N ILE D 357 7.16 -37.42 24.59
CA ILE D 357 6.86 -38.82 24.41
C ILE D 357 5.83 -39.23 25.44
N HIS D 358 4.74 -39.85 24.98
CA HIS D 358 3.61 -40.20 25.83
C HIS D 358 3.45 -41.71 25.95
N GLU D 359 4.56 -42.42 26.14
CA GLU D 359 4.54 -43.87 26.26
C GLU D 359 5.30 -44.29 27.51
N PRO D 360 4.83 -45.32 28.23
CA PRO D 360 5.56 -45.78 29.41
C PRO D 360 6.95 -46.27 29.04
N GLU D 361 7.90 -46.07 29.95
CA GLU D 361 9.30 -46.45 29.80
C GLU D 361 10.00 -45.64 28.71
N CYS D 362 9.38 -44.54 28.25
CA CYS D 362 10.01 -43.68 27.25
C CYS D 362 9.86 -42.21 27.60
N ARG D 363 9.37 -41.88 28.80
CA ARG D 363 9.24 -40.48 29.17
C ARG D 363 10.60 -39.80 29.27
N HIS D 364 11.60 -40.51 29.79
CA HIS D 364 12.91 -39.91 30.00
C HIS D 364 13.57 -39.49 28.67
N LEU D 365 13.07 -40.00 27.54
CA LEU D 365 13.59 -39.58 26.26
C LEU D 365 13.08 -38.21 25.83
N SER D 366 12.04 -37.69 26.47
CA SER D 366 11.45 -36.42 26.10
C SER D 366 12.09 -35.28 26.87
N ARG D 367 11.87 -34.07 26.38
CA ARG D 367 12.40 -32.84 26.99
C ARG D 367 11.32 -31.99 27.63
N LYS D 368 10.14 -31.89 27.04
CA LYS D 368 9.04 -31.14 27.62
C LYS D 368 8.20 -32.04 28.50
N PHE D 369 7.80 -31.51 29.66
CA PHE D 369 7.04 -32.29 30.64
C PHE D 369 5.85 -31.46 31.09
N THR D 370 5.16 -31.95 32.12
CA THR D 370 4.01 -31.25 32.71
C THR D 370 4.04 -31.54 34.21
N GLU D 371 4.61 -30.60 34.97
CA GLU D 371 4.79 -30.83 36.40
C GLU D 371 3.45 -30.99 37.11
N TRP D 372 2.48 -30.13 36.79
CA TRP D 372 1.17 -30.21 37.42
C TRP D 372 0.17 -29.41 36.60
N ALA D 373 -1.11 -29.68 36.84
CA ALA D 373 -2.19 -28.99 36.16
C ALA D 373 -3.34 -28.78 37.13
N TYR D 374 -4.11 -27.72 36.89
CA TYR D 374 -5.29 -27.43 37.72
C TYR D 374 -6.18 -26.49 36.93
N GLY D 375 -7.43 -26.91 36.70
CA GLY D 375 -8.34 -26.12 35.93
C GLY D 375 -7.83 -25.88 34.52
N PRO D 376 -7.92 -24.63 34.04
CA PRO D 376 -7.40 -24.32 32.70
C PRO D 376 -5.94 -23.90 32.67
N VAL D 377 -5.24 -23.91 33.81
CA VAL D 377 -3.85 -23.47 33.90
C VAL D 377 -3.00 -24.66 34.30
N HIS D 378 -1.96 -24.93 33.52
CA HIS D 378 -1.01 -26.00 33.82
C HIS D 378 0.39 -25.54 33.47
N SER D 379 1.36 -26.01 34.24
CA SER D 379 2.74 -25.57 34.14
C SER D 379 3.58 -26.62 33.45
N SER D 380 4.36 -26.21 32.45
CA SER D 380 5.26 -27.09 31.73
C SER D 380 6.69 -26.90 32.22
N LEU D 381 7.59 -27.70 31.65
CA LEU D 381 9.01 -27.61 31.94
C LEU D 381 9.79 -27.81 30.66
N TYR D 382 11.02 -27.30 30.64
CA TYR D 382 11.89 -27.45 29.49
C TYR D 382 13.31 -27.75 29.96
N ASP D 383 13.99 -28.63 29.24
CA ASP D 383 15.36 -29.00 29.58
C ASP D 383 16.31 -28.02 28.93
N LEU D 384 17.16 -27.37 29.74
CA LEU D 384 18.14 -26.43 29.24
C LEU D 384 19.52 -27.05 29.04
N SER D 385 19.67 -28.34 29.31
CA SER D 385 20.94 -29.00 29.04
C SER D 385 21.26 -28.90 27.55
N CYS D 386 22.48 -28.49 27.23
CA CYS D 386 22.95 -28.34 25.86
C CYS D 386 22.23 -27.22 25.10
N ILE D 387 21.79 -26.18 25.80
CA ILE D 387 21.18 -25.01 25.17
C ILE D 387 21.98 -23.74 25.47
N ASP D 388 22.39 -23.58 26.73
CA ASP D 388 23.12 -22.36 27.18
C ASP D 388 24.62 -22.62 27.28
N THR D 389 25.05 -23.79 27.79
CA THR D 389 26.47 -24.11 27.95
C THR D 389 26.63 -25.62 27.92
N CYS D 390 26.97 -26.16 26.75
CA CYS D 390 27.23 -27.59 26.60
C CYS D 390 28.71 -27.93 26.79
N GLU D 391 29.56 -26.93 26.99
CA GLU D 391 31.00 -27.02 27.18
C GLU D 391 31.73 -27.30 25.86
N LYS D 392 31.03 -27.57 24.77
CA LYS D 392 31.65 -27.67 23.45
C LYS D 392 31.04 -26.67 22.46
N ASN D 393 29.72 -26.66 22.30
CA ASN D 393 29.05 -25.66 21.50
C ASN D 393 27.56 -25.66 21.80
N SER D 394 27.05 -24.57 22.35
CA SER D 394 25.64 -24.48 22.68
C SER D 394 24.84 -24.12 21.44
N VAL D 395 23.52 -24.34 21.52
CA VAL D 395 22.64 -23.90 20.44
C VAL D 395 22.69 -22.39 20.32
N LEU D 396 22.63 -21.68 21.45
CA LEU D 396 22.66 -20.22 21.42
C LEU D 396 23.97 -19.70 20.85
N GLU D 397 25.09 -20.28 21.28
CA GLU D 397 26.38 -19.82 20.79
C GLU D 397 26.51 -20.05 19.29
N VAL D 398 26.08 -21.22 18.82
CA VAL D 398 26.23 -21.55 17.41
C VAL D 398 25.33 -20.68 16.55
N ILE D 399 24.08 -20.49 16.98
CA ILE D 399 23.14 -19.69 16.19
C ILE D 399 23.55 -18.22 16.19
N ALA D 400 24.06 -17.73 17.32
CA ALA D 400 24.38 -16.31 17.41
C ALA D 400 25.62 -15.96 16.58
N TYR D 401 26.63 -16.82 16.56
CA TYR D 401 27.90 -16.54 15.90
C TYR D 401 27.94 -17.05 14.46
N SER D 402 26.87 -17.67 13.97
CA SER D 402 26.89 -18.21 12.62
C SER D 402 26.92 -17.09 11.60
N SER D 403 27.61 -17.35 10.48
CA SER D 403 27.73 -16.34 9.43
C SER D 403 26.40 -16.16 8.71
N SER D 404 26.29 -15.04 7.98
CA SER D 404 25.00 -14.59 7.47
C SER D 404 24.43 -15.51 6.40
N GLU D 405 25.25 -16.32 5.74
CA GLU D 405 24.73 -17.13 4.64
C GLU D 405 23.76 -18.21 5.10
N THR D 406 23.69 -18.48 6.40
CA THR D 406 22.76 -19.49 6.89
C THR D 406 21.33 -19.08 6.53
N PRO D 407 20.49 -20.03 6.11
CA PRO D 407 19.17 -19.63 5.59
C PRO D 407 18.32 -18.83 6.56
N ASN D 408 18.03 -19.37 7.75
CA ASN D 408 16.98 -18.83 8.59
C ASN D 408 17.49 -18.36 9.95
N ARG D 409 18.59 -17.61 9.96
CA ARG D 409 19.11 -17.12 11.24
C ARG D 409 18.10 -16.24 11.94
N HIS D 410 17.48 -15.31 11.22
CA HIS D 410 16.59 -14.34 11.85
C HIS D 410 15.37 -15.02 12.45
N ASP D 411 14.80 -16.01 11.75
CA ASP D 411 13.52 -16.58 12.11
C ASP D 411 13.66 -17.82 13.00
N MET D 412 14.86 -18.13 13.46
CA MET D 412 15.07 -19.32 14.28
C MET D 412 14.91 -19.06 15.76
N LEU D 413 15.19 -17.84 16.23
CA LEU D 413 15.13 -17.53 17.65
C LEU D 413 13.71 -17.32 18.14
N LEU D 414 12.69 -17.64 17.35
CA LEU D 414 11.31 -17.54 17.79
C LEU D 414 10.82 -18.81 18.45
N VAL D 415 11.63 -19.88 18.49
CA VAL D 415 11.22 -21.11 19.15
C VAL D 415 10.97 -20.83 20.63
N GLU D 416 10.12 -21.64 21.23
CA GLU D 416 9.53 -21.31 22.52
C GLU D 416 10.55 -21.02 23.61
N PRO D 417 11.32 -22.03 24.06
CA PRO D 417 12.19 -21.79 25.23
C PRO D 417 13.23 -20.71 25.02
N LEU D 418 13.76 -20.56 23.80
CA LEU D 418 14.89 -19.66 23.58
C LEU D 418 14.49 -18.21 23.83
N ASN D 419 13.33 -17.79 23.33
CA ASN D 419 12.93 -16.40 23.50
C ASN D 419 12.77 -16.04 24.97
N ARG D 420 12.10 -16.89 25.73
CA ARG D 420 11.93 -16.64 27.15
C ARG D 420 13.26 -16.65 27.88
N LEU D 421 14.16 -17.55 27.49
CA LEU D 421 15.47 -17.60 28.12
C LEU D 421 16.23 -16.31 27.92
N LEU D 422 16.26 -15.81 26.67
CA LEU D 422 16.96 -14.57 26.39
C LEU D 422 16.34 -13.40 27.16
N GLN D 423 15.01 -13.31 27.15
CA GLN D 423 14.35 -12.22 27.86
C GLN D 423 14.69 -12.27 29.35
N ASP D 424 14.68 -13.48 29.93
CA ASP D 424 14.98 -13.61 31.34
C ASP D 424 16.39 -13.16 31.66
N LYS D 425 17.38 -13.63 30.89
CA LYS D 425 18.75 -13.22 31.15
C LYS D 425 18.89 -11.72 31.05
N TRP D 426 18.30 -11.13 30.01
CA TRP D 426 18.36 -9.68 29.83
C TRP D 426 17.85 -9.00 31.08
N ASP D 427 16.57 -9.22 31.40
CA ASP D 427 15.94 -8.54 32.53
C ASP D 427 16.68 -8.82 33.83
N ARG D 428 17.38 -9.94 33.92
CA ARG D 428 18.08 -10.27 35.15
C ARG D 428 19.29 -9.36 35.37
N PHE D 429 20.21 -9.33 34.41
CA PHE D 429 21.42 -8.51 34.62
C PHE D 429 21.88 -7.67 33.43
N VAL D 430 21.50 -8.01 32.21
CA VAL D 430 22.12 -7.32 31.08
C VAL D 430 21.64 -5.88 31.02
N LYS D 431 20.42 -5.62 31.48
CA LYS D 431 19.94 -4.24 31.48
C LYS D 431 20.85 -3.35 32.32
N ARG D 432 21.14 -3.77 33.54
CA ARG D 432 21.99 -2.97 34.42
C ARG D 432 23.39 -2.81 33.82
N ILE D 433 23.98 -3.91 33.34
CA ILE D 433 25.33 -3.79 32.81
C ILE D 433 25.36 -2.84 31.62
N PHE D 434 24.39 -2.98 30.72
CA PHE D 434 24.36 -2.15 29.52
C PHE D 434 24.18 -0.69 29.86
N TYR D 435 23.31 -0.38 30.83
CA TYR D 435 23.11 1.02 31.21
C TYR D 435 24.38 1.60 31.80
N PHE D 436 25.09 0.84 32.63
CA PHE D 436 26.34 1.34 33.18
C PHE D 436 27.34 1.63 32.08
N ASN D 437 27.45 0.74 31.10
CA ASN D 437 28.38 0.98 29.99
C ASN D 437 27.99 2.23 29.23
N PHE D 438 26.70 2.42 28.98
CA PHE D 438 26.24 3.62 28.29
C PHE D 438 26.66 4.87 29.03
N PHE D 439 26.46 4.88 30.34
CA PHE D 439 26.81 6.06 31.13
C PHE D 439 28.30 6.35 31.06
N VAL D 440 29.12 5.30 31.20
CA VAL D 440 30.57 5.52 31.15
C VAL D 440 30.99 6.10 29.80
N TYR D 441 30.44 5.54 28.72
CA TYR D 441 30.83 6.04 27.40
C TYR D 441 30.43 7.50 27.22
N CYS D 442 29.22 7.86 27.65
CA CYS D 442 28.79 9.25 27.51
C CYS D 442 29.70 10.19 28.30
N LEU D 443 30.05 9.79 29.53
CA LEU D 443 30.95 10.63 30.32
C LEU D 443 32.29 10.81 29.62
N TYR D 444 32.85 9.71 29.09
CA TYR D 444 34.13 9.81 28.42
C TYR D 444 34.05 10.76 27.22
N MET D 445 32.97 10.67 26.45
CA MET D 445 32.87 11.51 25.26
C MET D 445 32.71 12.98 25.63
N ILE D 446 31.95 13.27 26.67
CA ILE D 446 31.84 14.67 27.12
C ILE D 446 33.20 15.19 27.53
N ILE D 447 33.97 14.39 28.27
CA ILE D 447 35.30 14.83 28.67
C ILE D 447 36.16 15.10 27.45
N PHE D 448 36.12 14.19 26.47
CA PHE D 448 36.96 14.35 25.29
C PHE D 448 36.62 15.62 24.53
N THR D 449 35.33 15.86 24.28
CA THR D 449 34.97 17.06 23.52
C THR D 449 35.32 18.32 24.28
N ALA D 450 35.08 18.35 25.60
CA ALA D 450 35.43 19.55 26.36
C ALA D 450 36.93 19.81 26.32
N ALA D 451 37.74 18.75 26.42
CA ALA D 451 39.19 18.94 26.42
C ALA D 451 39.69 19.40 25.05
N ALA D 452 39.10 18.87 23.98
CA ALA D 452 39.58 19.20 22.64
C ALA D 452 39.13 20.59 22.18
N TYR D 453 37.92 21.01 22.57
CA TYR D 453 37.41 22.29 22.10
C TYR D 453 38.26 23.47 22.54
N TYR D 454 39.10 23.29 23.56
CA TYR D 454 39.88 24.39 24.14
C TYR D 454 41.36 24.29 23.77
N ARG D 455 41.67 23.66 22.65
CA ARG D 455 43.06 23.46 22.27
C ARG D 455 43.75 24.81 22.13
N PRO D 456 44.98 24.96 22.62
CA PRO D 456 45.71 26.22 22.40
C PRO D 456 46.13 26.37 20.95
N VAL D 457 46.29 27.62 20.54
CA VAL D 457 46.66 27.96 19.16
C VAL D 457 47.88 28.86 19.24
N GLU D 458 49.06 28.26 19.16
CA GLU D 458 50.32 28.99 19.15
C GLU D 458 51.22 28.59 17.99
N GLY D 459 51.25 27.31 17.62
CA GLY D 459 52.03 26.85 16.50
C GLY D 459 53.11 25.86 16.86
N LEU D 460 53.31 24.87 15.99
CA LEU D 460 54.39 23.90 16.13
C LEU D 460 54.39 23.24 17.50
N PRO D 461 53.46 22.33 17.76
CA PRO D 461 53.46 21.60 19.04
C PRO D 461 54.69 20.73 19.17
N PRO D 462 54.96 20.15 20.35
CA PRO D 462 54.16 20.25 21.58
C PRO D 462 54.19 21.64 22.22
N TYR D 463 53.25 21.90 23.12
CA TYR D 463 53.14 23.18 23.80
C TYR D 463 53.53 23.01 25.27
N LYS D 464 54.19 24.02 25.81
CA LYS D 464 54.62 23.99 27.21
C LYS D 464 53.48 24.46 28.10
N LEU D 465 53.16 23.66 29.10
CA LEU D 465 52.06 23.99 30.00
C LEU D 465 52.45 25.17 30.91
N LYS D 466 51.43 25.76 31.53
CA LYS D 466 51.60 26.86 32.46
C LYS D 466 51.07 26.47 33.83
N ASN D 467 51.51 27.18 34.85
CA ASN D 467 51.13 26.89 36.23
C ASN D 467 49.76 27.49 36.52
N THR D 468 48.75 26.89 35.90
CA THR D 468 47.36 27.29 36.10
C THR D 468 46.48 26.07 36.02
N VAL D 469 45.33 26.12 36.71
CA VAL D 469 44.43 24.97 36.75
C VAL D 469 43.98 24.58 35.35
N GLY D 470 43.82 25.56 34.46
CA GLY D 470 43.36 25.25 33.11
C GLY D 470 44.27 24.27 32.39
N ASP D 471 45.57 24.52 32.46
CA ASP D 471 46.52 23.65 31.76
C ASP D 471 46.51 22.24 32.34
N TYR D 472 46.45 22.12 33.67
CA TYR D 472 46.38 20.80 34.28
C TYR D 472 45.12 20.07 33.83
N PHE D 473 43.98 20.77 33.81
CA PHE D 473 42.74 20.14 33.36
C PHE D 473 42.86 19.69 31.92
N ARG D 474 43.44 20.51 31.05
CA ARG D 474 43.58 20.15 29.65
C ARG D 474 44.49 18.93 29.49
N VAL D 475 45.59 18.88 30.24
CA VAL D 475 46.49 17.74 30.15
C VAL D 475 45.77 16.47 30.60
N THR D 476 45.02 16.56 31.70
CA THR D 476 44.27 15.40 32.17
C THR D 476 43.26 14.94 31.12
N GLY D 477 42.56 15.89 30.49
CA GLY D 477 41.62 15.52 29.44
C GLY D 477 42.29 14.81 28.28
N GLU D 478 43.45 15.33 27.84
CA GLU D 478 44.15 14.67 26.76
C GLU D 478 44.57 13.25 27.15
N ILE D 479 45.06 13.09 28.38
CA ILE D 479 45.49 11.76 28.81
C ILE D 479 44.32 10.79 28.85
N LEU D 480 43.17 11.24 29.37
CA LEU D 480 41.99 10.40 29.40
C LEU D 480 41.57 9.99 28.00
N SER D 481 41.55 10.95 27.07
CA SER D 481 41.15 10.64 25.70
C SER D 481 42.08 9.61 25.07
N VAL D 482 43.39 9.78 25.26
CA VAL D 482 44.35 8.84 24.67
C VAL D 482 44.17 7.45 25.28
N SER D 483 43.96 7.40 26.60
CA SER D 483 43.76 6.10 27.25
C SER D 483 42.54 5.39 26.69
N GLY D 484 41.43 6.12 26.52
CA GLY D 484 40.26 5.52 25.92
C GLY D 484 40.51 5.02 24.51
N GLY D 485 41.20 5.83 23.71
CA GLY D 485 41.50 5.40 22.35
C GLY D 485 42.29 4.11 22.31
N VAL D 486 43.33 4.02 23.13
CA VAL D 486 44.18 2.83 23.11
C VAL D 486 43.41 1.61 23.65
N TYR D 487 42.56 1.82 24.65
CA TYR D 487 41.75 0.71 25.17
C TYR D 487 40.84 0.16 24.08
N PHE D 488 40.16 1.05 23.34
CA PHE D 488 39.32 0.59 22.25
C PHE D 488 40.15 -0.13 21.19
N PHE D 489 41.36 0.37 20.94
CA PHE D 489 42.23 -0.29 19.96
C PHE D 489 42.49 -1.74 20.35
N PHE D 490 42.91 -1.98 21.60
CA PHE D 490 43.13 -3.36 22.02
C PHE D 490 41.85 -4.19 21.98
N ARG D 491 40.72 -3.64 22.42
CA ARG D 491 39.50 -4.43 22.39
C ARG D 491 39.17 -4.87 20.97
N GLY D 492 39.27 -3.94 20.01
CA GLY D 492 38.97 -4.29 18.64
C GLY D 492 39.94 -5.34 18.09
N ILE D 493 41.23 -5.19 18.37
CA ILE D 493 42.20 -6.14 17.84
C ILE D 493 41.95 -7.52 18.44
N GLN D 494 41.62 -7.57 19.73
CA GLN D 494 41.33 -8.85 20.36
C GLN D 494 40.13 -9.53 19.72
N TYR D 495 39.05 -8.77 19.50
CA TYR D 495 37.86 -9.36 18.91
C TYR D 495 38.16 -9.88 17.50
N PHE D 496 38.87 -9.08 16.69
CA PHE D 496 39.18 -9.51 15.34
C PHE D 496 40.06 -10.75 15.35
N LEU D 497 41.01 -10.82 16.28
CA LEU D 497 41.87 -11.99 16.37
C LEU D 497 41.08 -13.23 16.75
N GLN D 498 40.18 -13.12 17.72
CA GLN D 498 39.43 -14.29 18.16
C GLN D 498 38.48 -14.78 17.07
N ARG D 499 37.66 -13.88 16.52
CA ARG D 499 36.62 -14.34 15.60
C ARG D 499 37.20 -14.71 14.24
N ARG D 500 38.12 -13.90 13.71
CA ARG D 500 38.70 -14.14 12.39
C ARG D 500 37.58 -14.34 11.37
N PRO D 501 36.83 -13.31 11.04
CA PRO D 501 35.73 -13.43 10.08
C PRO D 501 36.25 -13.34 8.65
N SER D 502 35.32 -13.57 7.70
CA SER D 502 35.66 -13.55 6.29
C SER D 502 35.74 -12.09 5.82
N LEU D 503 35.90 -11.89 4.51
CA LEU D 503 36.00 -10.56 3.94
C LEU D 503 34.64 -9.97 3.59
N LYS D 504 33.75 -10.77 3.00
CA LYS D 504 32.42 -10.32 2.65
C LYS D 504 31.47 -10.31 3.84
N SER D 505 31.88 -10.86 4.98
CA SER D 505 31.10 -10.82 6.21
C SER D 505 31.61 -9.73 7.16
N LEU D 506 32.51 -8.88 6.71
CA LEU D 506 33.06 -7.81 7.54
C LEU D 506 32.30 -6.50 7.36
N PHE D 507 31.25 -6.49 6.56
CA PHE D 507 30.39 -5.31 6.42
C PHE D 507 28.94 -5.67 6.70
N VAL D 508 28.53 -6.89 6.31
CA VAL D 508 27.21 -7.36 6.71
C VAL D 508 27.17 -7.59 8.21
N ASP D 509 28.27 -8.04 8.80
CA ASP D 509 28.42 -8.21 10.23
C ASP D 509 29.59 -7.37 10.71
N SER D 510 29.72 -7.26 12.03
CA SER D 510 30.79 -6.48 12.65
C SER D 510 30.79 -5.05 12.12
N TYR D 511 29.59 -4.50 11.92
CA TYR D 511 29.47 -3.16 11.36
C TYR D 511 29.82 -2.07 12.34
N SER D 512 29.90 -2.38 13.65
CA SER D 512 30.24 -1.41 14.67
C SER D 512 31.66 -1.56 15.19
N GLU D 513 32.18 -2.79 15.23
CA GLU D 513 33.57 -2.99 15.63
C GLU D 513 34.51 -2.28 14.68
N ILE D 514 34.22 -2.33 13.38
CA ILE D 514 35.05 -1.65 12.40
C ILE D 514 35.07 -0.15 12.68
N LEU D 515 33.91 0.43 13.00
CA LEU D 515 33.85 1.87 13.26
C LEU D 515 34.63 2.25 14.51
N PHE D 516 34.46 1.48 15.60
CA PHE D 516 35.23 1.78 16.81
C PHE D 516 36.71 1.65 16.55
N PHE D 517 37.12 0.61 15.81
CA PHE D 517 38.52 0.45 15.48
C PHE D 517 39.04 1.63 14.67
N VAL D 518 38.25 2.11 13.72
CA VAL D 518 38.69 3.23 12.88
C VAL D 518 38.86 4.48 13.74
N GLN D 519 37.95 4.72 14.66
CA GLN D 519 38.10 5.86 15.56
C GLN D 519 39.38 5.76 16.37
N SER D 520 39.66 4.57 16.92
CA SER D 520 40.88 4.40 17.68
C SER D 520 42.11 4.66 16.82
N LEU D 521 42.10 4.16 15.58
CA LEU D 521 43.22 4.39 14.69
C LEU D 521 43.43 5.87 14.42
N PHE D 522 42.34 6.61 14.20
CA PHE D 522 42.47 8.04 13.99
C PHE D 522 43.09 8.72 15.20
N MET D 523 42.65 8.35 16.41
CA MET D 523 43.22 8.96 17.59
C MET D 523 44.71 8.67 17.71
N LEU D 524 45.11 7.42 17.44
CA LEU D 524 46.53 7.07 17.55
C LEU D 524 47.37 7.83 16.52
N VAL D 525 46.89 7.92 15.29
CA VAL D 525 47.61 8.69 14.27
C VAL D 525 47.71 10.14 14.70
N SER D 526 46.65 10.67 15.30
CA SER D 526 46.67 12.06 15.74
C SER D 526 47.74 12.29 16.78
N VAL D 527 47.84 11.40 17.77
CA VAL D 527 48.85 11.60 18.81
C VAL D 527 50.26 11.44 18.22
N VAL D 528 50.43 10.49 17.30
CA VAL D 528 51.74 10.32 16.68
C VAL D 528 52.16 11.59 15.96
N LEU D 529 51.24 12.18 15.19
CA LEU D 529 51.57 13.45 14.53
C LEU D 529 51.81 14.56 15.54
N TYR D 530 51.06 14.57 16.65
CA TYR D 530 51.23 15.60 17.65
C TYR D 530 52.63 15.59 18.22
N PHE D 531 53.17 14.40 18.51
CA PHE D 531 54.50 14.32 19.09
C PHE D 531 55.61 14.37 18.05
N SER D 532 55.27 14.50 16.77
CA SER D 532 56.26 14.61 15.71
C SER D 532 56.44 16.04 15.20
N GLN D 533 55.89 17.02 15.91
CA GLN D 533 56.01 18.42 15.54
C GLN D 533 55.44 18.68 14.15
N ARG D 534 54.13 18.46 14.02
CA ARG D 534 53.41 18.75 12.79
C ARG D 534 52.14 19.53 13.11
N LYS D 535 51.27 19.71 12.12
CA LYS D 535 50.04 20.47 12.31
C LYS D 535 48.82 19.80 11.68
N GLU D 536 48.96 18.53 11.34
CA GLU D 536 47.84 17.77 10.75
C GLU D 536 47.06 17.11 11.89
N TYR D 537 47.60 17.07 13.12
CA TYR D 537 46.91 16.38 14.20
C TYR D 537 45.55 17.01 14.45
N VAL D 538 45.39 18.29 14.11
CA VAL D 538 44.08 18.92 14.23
C VAL D 538 43.07 18.23 13.32
N ALA D 539 43.45 18.01 12.06
CA ALA D 539 42.54 17.34 11.13
C ALA D 539 42.24 15.92 11.60
N SER D 540 43.26 15.19 12.02
CA SER D 540 43.04 13.83 12.47
C SER D 540 42.10 13.80 13.68
N MET D 541 42.35 14.68 14.64
CA MET D 541 41.54 14.71 15.86
C MET D 541 40.10 15.08 15.56
N VAL D 542 39.87 16.04 14.66
CA VAL D 542 38.49 16.43 14.39
C VAL D 542 37.76 15.31 13.65
N PHE D 543 38.44 14.62 12.74
CA PHE D 543 37.80 13.48 12.11
C PHE D 543 37.40 12.45 13.16
N SER D 544 38.31 12.14 14.08
CA SER D 544 38.00 11.17 15.12
C SER D 544 36.82 11.64 15.97
N LEU D 545 36.80 12.92 16.32
CA LEU D 545 35.76 13.44 17.20
C LEU D 545 34.40 13.34 16.54
N ALA D 546 34.30 13.77 15.28
CA ALA D 546 33.02 13.69 14.59
C ALA D 546 32.56 12.24 14.46
N MET D 547 33.47 11.34 14.08
CA MET D 547 33.08 9.94 13.94
C MET D 547 32.61 9.37 15.27
N GLY D 548 33.32 9.68 16.35
CA GLY D 548 32.92 9.16 17.64
C GLY D 548 31.57 9.68 18.08
N TRP D 549 31.31 10.96 17.88
CA TRP D 549 30.01 11.50 18.26
C TRP D 549 28.89 10.83 17.48
N THR D 550 29.07 10.66 16.17
CA THR D 550 28.03 10.02 15.38
C THR D 550 27.94 8.52 15.59
N ASN D 551 28.95 7.91 16.22
CA ASN D 551 28.99 6.47 16.44
C ASN D 551 28.34 6.05 17.75
N MET D 552 27.42 6.85 18.29
CA MET D 552 26.69 6.49 19.50
C MET D 552 25.32 5.91 19.20
N LEU D 553 24.98 5.72 17.92
CA LEU D 553 23.75 5.01 17.56
C LEU D 553 23.79 3.56 17.99
N TYR D 554 24.97 3.01 18.25
CA TYR D 554 25.07 1.60 18.64
C TYR D 554 24.40 1.32 19.98
N TYR D 555 24.20 2.35 20.81
CA TYR D 555 23.63 2.17 22.13
C TYR D 555 22.11 2.28 22.14
N THR D 556 21.48 2.53 21.00
CA THR D 556 20.02 2.53 20.97
C THR D 556 19.46 1.13 21.19
N ARG D 557 20.17 0.09 20.73
CA ARG D 557 19.69 -1.27 20.96
C ARG D 557 19.52 -1.48 22.47
N GLY D 558 18.38 -2.05 22.84
CA GLY D 558 17.90 -2.06 24.20
C GLY D 558 16.70 -1.18 24.40
N PHE D 559 16.45 -0.24 23.51
CA PHE D 559 15.22 0.54 23.46
C PHE D 559 14.51 0.16 22.18
N GLN D 560 13.33 -0.47 22.30
CA GLN D 560 12.74 -1.17 21.16
C GLN D 560 12.60 -0.25 19.94
N GLN D 561 11.81 0.80 20.07
CA GLN D 561 11.52 1.64 18.90
C GLN D 561 12.78 2.25 18.34
N MET D 562 13.64 2.78 19.21
CA MET D 562 14.89 3.37 18.74
C MET D 562 15.78 2.33 18.09
N GLY D 563 15.82 1.12 18.66
CA GLY D 563 16.60 0.06 18.04
C GLY D 563 16.13 -0.27 16.64
N ILE D 564 14.82 -0.34 16.45
CA ILE D 564 14.27 -0.61 15.12
C ILE D 564 14.65 0.52 14.17
N TYR D 565 14.55 1.77 14.63
CA TYR D 565 14.89 2.89 13.78
C TYR D 565 16.36 2.84 13.35
N ALA D 566 17.26 2.55 14.29
CA ALA D 566 18.67 2.45 13.96
C ALA D 566 18.94 1.31 12.99
N VAL D 567 18.25 0.18 13.17
CA VAL D 567 18.43 -0.93 12.24
C VAL D 567 17.98 -0.53 10.84
N MET D 568 16.86 0.19 10.74
CA MET D 568 16.43 0.65 9.43
C MET D 568 17.47 1.55 8.79
N ILE D 569 18.04 2.48 9.56
CA ILE D 569 19.08 3.35 9.02
C ILE D 569 20.25 2.53 8.51
N GLU D 570 20.70 1.55 9.30
CA GLU D 570 21.84 0.74 8.89
C GLU D 570 21.54 -0.01 7.60
N LYS D 571 20.38 -0.64 7.52
CA LYS D 571 20.04 -1.41 6.32
C LYS D 571 20.00 -0.51 5.09
N MET D 572 19.38 0.66 5.22
CA MET D 572 19.31 1.57 4.06
C MET D 572 20.70 2.01 3.63
N ILE D 573 21.55 2.39 4.60
CA ILE D 573 22.90 2.84 4.26
C ILE D 573 23.66 1.74 3.54
N LEU D 574 23.52 0.50 4.02
CA LEU D 574 24.29 -0.60 3.43
C LEU D 574 23.76 -1.03 2.07
N ARG D 575 22.45 -0.90 1.82
CA ARG D 575 21.85 -1.50 0.64
C ARG D 575 21.42 -0.52 -0.44
N ASP D 576 21.52 0.79 -0.22
CA ASP D 576 21.10 1.74 -1.25
C ASP D 576 22.14 2.79 -1.62
N LEU D 577 23.12 3.08 -0.77
CA LEU D 577 24.09 4.12 -1.11
C LEU D 577 24.85 3.77 -2.38
N CYS D 578 25.41 2.57 -2.45
CA CYS D 578 26.20 2.19 -3.61
C CYS D 578 25.34 2.16 -4.87
N ARG D 579 24.11 1.66 -4.76
CA ARG D 579 23.23 1.53 -5.91
C ARG D 579 22.68 2.86 -6.40
N PHE D 580 22.61 3.86 -5.52
CA PHE D 580 21.98 5.13 -5.85
C PHE D 580 22.94 6.30 -5.98
N MET D 581 24.23 6.11 -5.68
CA MET D 581 25.18 7.20 -5.82
C MET D 581 25.94 7.16 -7.14
N PHE D 582 26.12 5.97 -7.72
CA PHE D 582 26.88 5.86 -8.96
C PHE D 582 26.22 6.67 -10.07
N VAL D 583 24.91 6.54 -10.22
CA VAL D 583 24.21 7.22 -11.31
C VAL D 583 24.30 8.74 -11.12
N TYR D 584 24.06 9.22 -9.90
CA TYR D 584 24.13 10.65 -9.67
C TYR D 584 25.52 11.18 -9.95
N LEU D 585 26.56 10.47 -9.50
CA LEU D 585 27.91 10.94 -9.75
C LEU D 585 28.21 10.97 -11.24
N VAL D 586 27.74 9.98 -11.99
CA VAL D 586 27.97 9.98 -13.43
C VAL D 586 27.33 11.20 -14.07
N PHE D 587 26.07 11.47 -13.74
CA PHE D 587 25.41 12.63 -14.32
C PHE D 587 26.14 13.92 -13.97
N LEU D 588 26.51 14.07 -12.70
CA LEU D 588 27.16 15.29 -12.25
C LEU D 588 28.47 15.50 -12.99
N PHE D 589 29.28 14.44 -13.10
CA PHE D 589 30.57 14.59 -13.77
C PHE D 589 30.39 14.92 -15.24
N GLY D 590 29.43 14.26 -15.91
CA GLY D 590 29.23 14.56 -17.32
C GLY D 590 28.89 16.01 -17.55
N PHE D 591 27.87 16.51 -16.84
CA PHE D 591 27.45 17.88 -17.10
C PHE D 591 28.47 18.89 -16.61
N SER D 592 29.20 18.58 -15.53
CA SER D 592 30.27 19.47 -15.09
C SER D 592 31.37 19.58 -16.14
N THR D 593 31.77 18.46 -16.73
CA THR D 593 32.78 18.52 -17.79
C THR D 593 32.28 19.32 -18.99
N ALA D 594 31.02 19.12 -19.39
CA ALA D 594 30.49 19.88 -20.51
C ALA D 594 30.54 21.38 -20.22
N VAL D 595 30.00 21.80 -19.06
CA VAL D 595 29.93 23.23 -18.77
C VAL D 595 31.33 23.82 -18.67
N VAL D 596 32.27 23.10 -18.04
CA VAL D 596 33.62 23.63 -17.90
C VAL D 596 34.29 23.76 -19.27
N THR D 597 34.00 22.83 -20.18
CA THR D 597 34.53 22.97 -21.53
C THR D 597 33.98 24.22 -22.20
N LEU D 598 32.69 24.50 -22.01
CA LEU D 598 32.09 25.64 -22.70
C LEU D 598 32.75 26.96 -22.30
N ILE D 599 32.98 27.17 -21.01
CA ILE D 599 33.43 28.48 -20.53
C ILE D 599 34.82 28.78 -21.10
N GLU D 600 35.11 30.08 -21.24
CA GLU D 600 36.34 30.54 -21.87
C GLU D 600 37.48 30.73 -20.87
N ASP D 601 37.30 31.62 -19.90
CA ASP D 601 38.34 31.87 -18.92
C ASP D 601 37.79 32.74 -17.80
N GLY D 602 38.15 32.41 -16.57
CA GLY D 602 37.69 33.18 -15.42
C GLY D 602 37.91 32.44 -14.12
N LYS D 603 37.09 32.78 -13.12
CA LYS D 603 37.19 32.14 -11.83
C LYS D 603 36.61 30.73 -11.82
N TYR D 604 35.53 30.50 -12.59
CA TYR D 604 34.88 29.20 -12.65
C TYR D 604 35.40 28.35 -13.81
N ASN D 605 36.64 28.56 -14.24
CA ASN D 605 37.20 27.84 -15.36
C ASN D 605 37.88 26.54 -14.97
N SER D 606 37.99 26.24 -13.67
CA SER D 606 38.56 24.99 -13.22
C SER D 606 37.45 23.93 -13.20
N LEU D 607 37.73 22.76 -12.62
CA LEU D 607 36.75 21.70 -12.54
C LEU D 607 36.11 21.61 -11.16
N TYR D 608 36.87 21.82 -10.10
CA TYR D 608 36.30 21.74 -8.75
C TYR D 608 35.25 22.81 -8.52
N SER D 609 35.53 24.04 -8.96
CA SER D 609 34.58 25.13 -8.74
C SER D 609 33.26 24.86 -9.44
N THR D 610 33.32 24.42 -10.70
CA THR D 610 32.08 24.15 -11.42
C THR D 610 31.36 22.93 -10.87
N CYS D 611 32.10 21.92 -10.41
CA CYS D 611 31.46 20.79 -9.77
C CYS D 611 30.68 21.25 -8.55
N LEU D 612 31.28 22.13 -7.73
CA LEU D 612 30.56 22.64 -6.56
C LEU D 612 29.36 23.46 -6.97
N GLU D 613 29.50 24.29 -8.01
CA GLU D 613 28.39 25.14 -8.44
C GLU D 613 27.21 24.31 -8.91
N LEU D 614 27.47 23.20 -9.60
CA LEU D 614 26.38 22.32 -10.01
C LEU D 614 25.84 21.49 -8.85
N PHE D 615 26.68 21.17 -7.86
CA PHE D 615 26.17 20.45 -6.70
C PHE D 615 25.24 21.32 -5.88
N LYS D 616 25.46 22.64 -5.87
CA LYS D 616 24.60 23.52 -5.09
C LYS D 616 23.15 23.43 -5.52
N PHE D 617 22.87 22.96 -6.73
CA PHE D 617 21.50 22.88 -7.22
C PHE D 617 20.67 21.81 -6.50
N THR D 618 21.30 20.92 -5.74
CA THR D 618 20.59 19.84 -5.09
C THR D 618 20.21 20.14 -3.65
N ILE D 619 20.92 21.06 -2.99
CA ILE D 619 20.52 21.50 -1.66
C ILE D 619 19.62 22.72 -1.81
N GLY D 620 19.09 22.93 -3.01
CA GLY D 620 18.13 23.98 -3.25
C GLY D 620 18.65 25.38 -3.08
N MET D 621 19.84 25.67 -3.62
CA MET D 621 20.33 27.04 -3.63
C MET D 621 21.11 27.33 -4.90
N GLY D 622 20.72 26.72 -6.02
CA GLY D 622 21.38 27.01 -7.28
C GLY D 622 21.10 28.40 -7.79
N ASP D 623 21.96 28.88 -8.68
CA ASP D 623 21.93 30.27 -9.12
C ASP D 623 21.38 30.46 -10.52
N LEU D 624 21.80 29.65 -11.48
CA LEU D 624 21.35 29.73 -12.88
C LEU D 624 21.92 30.92 -13.63
N GLU D 625 22.62 31.82 -12.94
CA GLU D 625 23.26 32.96 -13.60
C GLU D 625 24.62 33.25 -12.96
N PHE D 626 25.40 32.20 -12.70
CA PHE D 626 26.60 32.34 -11.89
C PHE D 626 27.83 32.76 -12.69
N THR D 627 27.73 32.93 -14.00
CA THR D 627 28.87 33.36 -14.79
C THR D 627 28.38 34.02 -16.06
N GLU D 628 29.25 34.87 -16.64
CA GLU D 628 28.89 35.61 -17.84
C GLU D 628 30.03 35.71 -18.85
N ASN D 629 31.12 34.95 -18.64
CA ASN D 629 32.32 34.96 -19.49
C ASN D 629 32.27 33.77 -20.44
N TYR D 630 31.51 33.85 -21.53
CA TYR D 630 31.31 32.72 -22.43
C TYR D 630 30.54 33.24 -23.65
N ASP D 631 30.18 32.33 -24.55
CA ASP D 631 29.34 32.64 -25.69
C ASP D 631 28.22 31.62 -25.77
N PHE D 632 27.24 31.90 -26.62
CA PHE D 632 26.13 30.98 -26.86
C PHE D 632 25.35 30.71 -25.57
N LYS D 633 24.71 31.77 -25.08
CA LYS D 633 23.94 31.66 -23.85
C LYS D 633 22.88 30.56 -23.93
N ALA D 634 22.33 30.32 -25.12
CA ALA D 634 21.33 29.28 -25.27
C ALA D 634 21.88 27.93 -24.85
N VAL D 635 23.12 27.62 -25.24
CA VAL D 635 23.73 26.35 -24.87
C VAL D 635 23.82 26.22 -23.35
N PHE D 636 24.30 27.28 -22.70
CA PHE D 636 24.47 27.26 -21.25
C PHE D 636 23.13 27.00 -20.56
N ILE D 637 22.11 27.76 -20.94
CA ILE D 637 20.81 27.61 -20.29
C ILE D 637 20.24 26.22 -20.54
N ILE D 638 20.37 25.73 -21.77
CA ILE D 638 19.83 24.41 -22.09
C ILE D 638 20.49 23.35 -21.23
N LEU D 639 21.82 23.41 -21.11
CA LEU D 639 22.52 22.40 -20.32
C LEU D 639 22.06 22.44 -18.86
N LEU D 640 21.98 23.64 -18.28
CA LEU D 640 21.59 23.71 -16.87
C LEU D 640 20.17 23.19 -16.66
N LEU D 641 19.24 23.58 -17.53
CA LEU D 641 17.86 23.11 -17.38
C LEU D 641 17.78 21.59 -17.53
N ALA D 642 18.49 21.03 -18.49
CA ALA D 642 18.47 19.58 -18.67
C ALA D 642 19.00 18.89 -17.43
N TYR D 643 20.09 19.39 -16.86
CA TYR D 643 20.63 18.77 -15.66
C TYR D 643 19.61 18.81 -14.53
N VAL D 644 18.96 19.96 -14.32
CA VAL D 644 18.02 20.08 -13.22
C VAL D 644 16.87 19.09 -13.40
N ILE D 645 16.30 19.03 -14.61
CA ILE D 645 15.16 18.14 -14.84
C ILE D 645 15.58 16.69 -14.61
N LEU D 646 16.72 16.30 -15.15
CA LEU D 646 17.15 14.91 -15.01
C LEU D 646 17.38 14.55 -13.55
N THR D 647 18.01 15.43 -12.77
CA THR D 647 18.29 15.08 -11.39
C THR D 647 17.02 15.02 -10.56
N TYR D 648 16.05 15.90 -10.83
CA TYR D 648 14.79 15.81 -10.09
C TYR D 648 14.03 14.54 -10.42
N ILE D 649 14.01 14.14 -11.70
CA ILE D 649 13.39 12.86 -12.05
C ILE D 649 14.12 11.72 -11.34
N LEU D 650 15.44 11.79 -11.30
CA LEU D 650 16.22 10.74 -10.66
C LEU D 650 15.88 10.62 -9.17
N LEU D 651 15.79 11.75 -8.46
CA LEU D 651 15.47 11.69 -7.05
C LEU D 651 14.04 11.18 -6.83
N LEU D 652 13.10 11.60 -7.66
CA LEU D 652 11.74 11.10 -7.54
C LEU D 652 11.69 9.59 -7.71
N ASN D 653 12.40 9.07 -8.72
CA ASN D 653 12.40 7.63 -8.94
C ASN D 653 13.12 6.91 -7.82
N MET D 654 14.17 7.53 -7.28
CA MET D 654 14.83 6.99 -6.10
C MET D 654 13.83 6.77 -4.98
N LEU D 655 13.06 7.81 -4.67
CA LEU D 655 12.09 7.73 -3.58
C LEU D 655 11.05 6.65 -3.86
N ILE D 656 10.49 6.62 -5.08
CA ILE D 656 9.43 5.67 -5.35
C ILE D 656 9.95 4.23 -5.28
N ALA D 657 11.14 3.99 -5.83
CA ALA D 657 11.72 2.65 -5.75
C ALA D 657 11.99 2.25 -4.31
N LEU D 658 12.50 3.18 -3.51
CA LEU D 658 12.76 2.87 -2.11
C LEU D 658 11.48 2.52 -1.38
N MET D 659 10.40 3.24 -1.66
CA MET D 659 9.13 2.95 -1.00
C MET D 659 8.54 1.63 -1.48
N GLY D 660 8.74 1.29 -2.75
CA GLY D 660 8.06 0.12 -3.31
C GLY D 660 8.36 -1.15 -2.55
N GLU D 661 9.64 -1.40 -2.26
CA GLU D 661 10.01 -2.63 -1.57
C GLU D 661 9.33 -2.76 -0.21
N THR D 662 8.93 -1.64 0.39
CA THR D 662 8.20 -1.66 1.66
C THR D 662 6.72 -1.84 1.34
N VAL D 663 6.32 -3.10 1.19
CA VAL D 663 4.93 -3.45 0.93
C VAL D 663 4.31 -3.90 2.25
N ASN D 664 4.83 -3.36 3.36
CA ASN D 664 4.56 -3.71 4.75
C ASN D 664 5.42 -4.88 5.23
N LYS D 665 6.33 -5.40 4.41
CA LYS D 665 7.31 -6.38 4.86
C LYS D 665 8.62 -5.70 5.28
N ILE D 666 8.52 -4.71 6.17
CA ILE D 666 9.70 -4.02 6.67
C ILE D 666 9.76 -4.00 8.18
N ALA D 667 8.65 -4.13 8.91
CA ALA D 667 8.69 -4.18 10.36
C ALA D 667 8.98 -5.58 10.88
N GLN D 668 8.38 -6.60 10.25
CA GLN D 668 8.62 -7.97 10.69
C GLN D 668 10.08 -8.39 10.52
N GLU D 669 10.81 -7.75 9.62
CA GLU D 669 12.23 -8.03 9.47
C GLU D 669 13.08 -7.19 10.41
N SER D 670 12.74 -5.91 10.56
CA SER D 670 13.50 -5.04 11.45
C SER D 670 13.41 -5.53 12.89
N LYS D 671 12.22 -5.92 13.33
CA LYS D 671 12.08 -6.41 14.70
C LYS D 671 12.92 -7.66 14.93
N ASN D 672 12.92 -8.59 13.96
CA ASN D 672 13.71 -9.81 14.12
C ASN D 672 15.20 -9.49 14.16
N ILE D 673 15.66 -8.59 13.30
CA ILE D 673 17.08 -8.24 13.29
C ILE D 673 17.46 -7.59 14.62
N TRP D 674 16.60 -6.72 15.14
CA TRP D 674 16.89 -6.09 16.43
C TRP D 674 16.96 -7.14 17.53
N LYS D 675 16.05 -8.11 17.52
CA LYS D 675 16.09 -9.17 18.52
C LYS D 675 17.39 -9.95 18.43
N LEU D 676 17.84 -10.24 17.20
CA LEU D 676 19.11 -10.95 17.03
C LEU D 676 20.27 -10.12 17.59
N GLN D 677 20.26 -8.81 17.34
CA GLN D 677 21.33 -7.95 17.85
C GLN D 677 21.34 -7.94 19.37
N ARG D 678 20.16 -7.87 19.99
CA ARG D 678 20.10 -7.92 21.44
C ARG D 678 20.58 -9.26 21.96
N ALA D 679 20.27 -10.34 21.24
CA ALA D 679 20.75 -11.66 21.64
C ALA D 679 22.26 -11.73 21.63
N ILE D 680 22.89 -11.21 20.58
CA ILE D 680 24.36 -11.24 20.53
C ILE D 680 24.93 -10.35 21.64
N THR D 681 24.29 -9.23 21.93
CA THR D 681 24.75 -8.39 23.04
C THR D 681 24.68 -9.15 24.36
N ILE D 682 23.59 -9.88 24.59
CA ILE D 682 23.44 -10.63 25.84
C ILE D 682 24.52 -11.69 25.94
N LEU D 683 24.74 -12.42 24.85
CA LEU D 683 25.77 -13.46 24.88
C LEU D 683 27.15 -12.85 25.17
N ASP D 684 27.48 -11.74 24.52
CA ASP D 684 28.78 -11.11 24.72
C ASP D 684 28.94 -10.66 26.16
N THR D 685 27.93 -9.99 26.72
CA THR D 685 28.02 -9.50 28.08
C THR D 685 28.16 -10.65 29.07
N GLU D 686 27.41 -11.73 28.86
CA GLU D 686 27.55 -12.89 29.72
C GLU D 686 28.95 -13.49 29.62
N LYS D 687 29.49 -13.57 28.40
CA LYS D 687 30.82 -14.13 28.22
C LYS D 687 31.87 -13.32 28.97
N SER D 688 31.85 -12.00 28.79
CA SER D 688 32.80 -11.12 29.47
C SER D 688 32.31 -10.95 30.91
N PHE D 689 32.78 -11.82 31.79
CA PHE D 689 32.34 -11.80 33.18
C PHE D 689 32.63 -10.44 33.81
N LEU D 690 31.62 -9.88 34.46
CA LEU D 690 31.78 -8.57 35.09
C LEU D 690 32.72 -8.69 36.29
N LYS D 691 33.74 -7.84 36.32
CA LYS D 691 34.71 -7.84 37.41
C LYS D 691 35.20 -9.27 37.67
N CYS D 692 35.27 -9.66 38.94
CA CYS D 692 35.59 -11.03 39.32
C CYS D 692 34.36 -11.82 39.74
N MET D 693 33.18 -11.24 39.60
CA MET D 693 31.94 -11.88 40.04
C MET D 693 31.39 -12.80 38.96
N ARG D 694 30.53 -13.73 39.39
CA ARG D 694 29.88 -14.67 38.48
C ARG D 694 28.58 -15.11 39.14
N LYS D 695 27.45 -14.57 38.66
CA LYS D 695 26.14 -14.93 39.18
C LYS D 695 25.15 -15.36 38.11
N ALA D 696 25.38 -15.06 36.84
CA ALA D 696 24.47 -15.48 35.79
C ALA D 696 24.32 -16.99 35.80
N PHE D 697 23.08 -17.46 35.69
CA PHE D 697 22.85 -18.90 35.71
C PHE D 697 21.46 -19.15 35.12
N ARG D 698 21.33 -20.26 34.39
CA ARG D 698 20.13 -20.52 33.61
C ARG D 698 18.85 -20.49 34.44
N SER D 699 18.70 -21.43 35.37
CA SER D 699 17.44 -21.59 36.11
C SER D 699 17.71 -22.47 37.32
N GLY D 700 16.64 -22.89 37.99
CA GLY D 700 16.75 -23.61 39.24
C GLY D 700 16.74 -25.12 39.07
N LYS D 701 17.43 -25.78 39.99
CA LYS D 701 17.49 -27.24 40.01
C LYS D 701 16.12 -27.83 40.31
N LEU D 702 15.85 -29.00 39.75
CA LEU D 702 14.52 -29.60 39.89
C LEU D 702 14.56 -31.06 39.53
N LEU D 703 13.56 -31.80 40.01
CA LEU D 703 13.34 -33.21 39.71
C LEU D 703 12.00 -33.35 39.01
N GLN D 704 12.00 -33.91 37.81
CA GLN D 704 10.79 -34.02 37.00
C GLN D 704 10.42 -35.45 36.64
N VAL D 705 11.36 -36.24 36.10
CA VAL D 705 11.02 -37.58 35.63
C VAL D 705 10.96 -38.59 36.76
N GLY D 706 11.45 -38.25 37.95
CA GLY D 706 11.47 -39.19 39.04
C GLY D 706 12.66 -40.12 39.00
N PHE D 707 12.64 -41.09 38.08
CA PHE D 707 13.71 -42.08 37.98
C PHE D 707 13.92 -42.44 36.52
N THR D 708 15.19 -42.68 36.18
CA THR D 708 15.56 -43.17 34.86
C THR D 708 15.24 -44.66 34.80
N PRO D 709 15.46 -45.33 33.67
CA PRO D 709 15.37 -46.80 33.69
C PRO D 709 16.27 -47.42 34.74
N ASP D 710 17.44 -46.82 34.99
CA ASP D 710 18.25 -47.22 36.12
C ASP D 710 17.61 -46.73 37.43
N GLY D 711 18.03 -47.35 38.53
CA GLY D 711 17.41 -47.03 39.81
C GLY D 711 17.56 -45.57 40.21
N LYS D 712 18.71 -44.99 39.91
CA LYS D 712 18.99 -43.63 40.33
C LYS D 712 18.04 -42.64 39.67
N ASP D 713 17.79 -41.52 40.36
CA ASP D 713 17.00 -40.44 39.81
C ASP D 713 17.90 -39.56 38.94
N ASP D 714 17.40 -38.42 38.48
CA ASP D 714 18.21 -37.52 37.67
C ASP D 714 17.64 -36.11 37.74
N TYR D 715 18.49 -35.15 37.39
CA TYR D 715 18.17 -33.73 37.41
C TYR D 715 18.55 -33.13 36.07
N ARG D 716 17.75 -32.18 35.59
CA ARG D 716 17.95 -31.68 34.23
C ARG D 716 17.69 -30.19 34.08
N TRP D 717 17.94 -29.40 35.12
CA TRP D 717 17.96 -27.94 35.03
C TRP D 717 16.75 -27.42 34.24
N CYS D 718 15.57 -27.65 34.79
CA CYS D 718 14.35 -27.26 34.12
C CYS D 718 14.14 -25.76 34.19
N PHE D 719 13.28 -25.25 33.30
CA PHE D 719 12.92 -23.83 33.22
C PHE D 719 11.40 -23.76 33.09
N ARG D 720 10.71 -23.60 34.21
CA ARG D 720 9.26 -23.70 34.21
C ARG D 720 8.61 -22.54 33.45
N VAL D 721 7.55 -22.85 32.72
CA VAL D 721 6.75 -21.86 32.00
C VAL D 721 5.29 -22.13 32.32
N ASP D 722 4.56 -21.08 32.68
CA ASP D 722 3.15 -21.20 33.06
C ASP D 722 2.27 -20.72 31.92
N GLU D 723 1.27 -21.53 31.56
CA GLU D 723 0.38 -21.23 30.46
C GLU D 723 -1.05 -21.54 30.85
N VAL D 724 -1.99 -20.85 30.22
CA VAL D 724 -3.42 -21.01 30.48
C VAL D 724 -4.08 -21.51 29.21
N ASN D 725 -4.72 -22.67 29.28
CA ASN D 725 -5.43 -23.26 28.15
C ASN D 725 -6.92 -23.31 28.48
N TRP D 726 -7.75 -22.77 27.57
CA TRP D 726 -9.18 -22.69 27.76
C TRP D 726 -9.96 -23.68 26.90
N THR D 727 -9.65 -23.73 25.61
CA THR D 727 -10.33 -24.65 24.71
C THR D 727 -9.59 -25.99 24.67
N THR D 728 -10.11 -26.91 23.88
CA THR D 728 -9.53 -28.25 23.72
C THR D 728 -9.29 -28.90 25.09
N TRP D 729 -10.36 -28.98 25.87
CA TRP D 729 -10.29 -29.64 27.17
C TRP D 729 -10.40 -31.15 27.02
O13 3PH E . -5.00 48.47 -5.36
P 3PH E . -6.34 48.75 -5.85
O14 3PH E . -6.97 49.33 -4.68
O12 3PH E . -6.30 49.83 -7.09
O11 3PH E . -7.12 47.37 -6.32
C1 3PH E . -8.07 47.43 -7.35
C2 3PH E . -7.68 46.44 -8.45
O21 3PH E . -8.62 46.46 -9.49
C21 3PH E . -9.94 46.15 -9.16
O22 3PH E . -10.68 47.02 -8.82
C22 3PH E . -10.44 44.71 -9.22
C23 3PH E . -11.71 44.67 -10.07
C24 3PH E . -12.38 43.30 -9.92
C3 3PH E . -7.56 45.04 -7.86
O31 3PH E . -8.55 44.83 -6.90
C31 3PH E . -8.23 43.82 -5.99
O32 3PH E . -8.07 44.09 -4.84
C32 3PH E . -8.11 42.37 -6.45
C33 3PH E . -9.36 41.58 -6.06
C34 3PH E . -9.36 40.27 -6.85
C35 3PH E . -10.36 39.28 -6.24
C36 3PH E . -9.86 37.85 -6.41
C37 3PH E . -10.07 37.38 -7.86
C38 3PH E . -9.27 36.11 -8.10
C39 3PH E . -7.97 36.46 -8.82
C3A 3PH E . -7.09 35.21 -8.97
C3B 3PH E . -6.85 34.91 -10.44
C3C 3PH E . -6.30 33.49 -10.59
C3D 3PH E . -7.44 32.48 -10.45
C3E 3PH E . -6.95 31.09 -10.88
C3F 3PH E . -7.81 30.03 -10.19
C3G 3PH E . -8.03 28.86 -11.15
C3H 3PH E . -8.27 27.58 -10.37
C3I 3PH E . -8.31 26.40 -11.33
H11 3PH E . -8.12 48.44 -7.75
H12 3PH E . -9.04 47.17 -6.94
H2 3PH E . -6.72 46.73 -8.85
H221 3PH E . -10.67 44.36 -8.23
H222 3PH E . -9.69 44.08 -9.68
H231 3PH E . -11.46 44.83 -11.11
H232 3PH E . -12.40 45.44 -9.74
H241 3PH E . -11.70 42.53 -10.26
H242 3PH E . -12.62 43.13 -8.87
H31 3PH E . -6.58 44.91 -7.42
H32 3PH E . -7.68 44.31 -8.66
H321 3PH E . -7.98 42.34 -7.53
H322 3PH E . -7.23 41.91 -5.97
H331 3PH E . -9.34 41.37 -5.00
H332 3PH E . -10.24 42.16 -6.31
H341 3PH E . -9.65 40.47 -7.87
H342 3PH E . -8.37 39.83 -6.83
H351 3PH E . -10.48 39.49 -5.18
H352 3PH E . -11.33 39.39 -6.74
H361 3PH E . -8.81 37.80 -6.16
H362 3PH E . -10.42 37.19 -5.75
H371 3PH E . -11.12 37.20 -8.02
H372 3PH E . -9.73 38.16 -8.54
H381 3PH E . -9.04 35.63 -7.16
H382 3PH E . -9.86 35.44 -8.72
H391 3PH E . -8.20 36.84 -9.81
H392 3PH E . -7.44 37.21 -8.25
H3A1 3PH E . -6.14 35.39 -8.47
H3A2 3PH E . -7.59 34.37 -8.49
H3B1 3PH E . -7.78 34.99 -10.98
H3B2 3PH E . -6.14 35.61 -10.84
H3C1 3PH E . -5.84 33.38 -11.56
H3C2 3PH E . -5.56 33.31 -9.81
H3D1 3PH E . -8.26 32.78 -11.09
H3D2 3PH E . -7.77 32.43 -9.42
H3E1 3PH E . -5.91 30.97 -10.59
H3E2 3PH E . -7.05 30.99 -11.95
H3F1 3PH E . -8.77 30.45 -9.92
H3F2 3PH E . -7.30 29.67 -9.30
H3G1 3PH E . -7.15 28.74 -11.78
H3G2 3PH E . -8.89 29.07 -11.78
H3H1 3PH E . -9.22 27.65 -9.84
H3H2 3PH E . -7.47 27.43 -9.66
H3I1 3PH E . -9.02 26.60 -12.12
H3I2 3PH E . -8.61 25.50 -10.79
H3I3 3PH E . -7.33 26.25 -11.77
NA NA F . 16.46 27.84 -1.04
O13 3PH G . 23.06 30.95 -30.22
P 3PH G . 23.26 30.29 -31.50
O14 3PH G . 22.30 30.99 -32.34
O12 3PH G . 24.80 30.51 -32.05
O11 3PH G . 22.91 28.68 -31.42
C1 3PH G . 23.59 27.78 -32.25
C2 3PH G . 24.26 26.70 -31.40
O21 3PH G . 24.94 25.78 -32.21
C21 3PH G . 24.18 25.09 -33.15
O22 3PH G . 24.04 25.54 -34.24
C22 3PH G . 23.52 23.75 -32.80
C23 3PH G . 23.91 22.72 -33.85
C24 3PH G . 23.05 21.46 -33.68
C3 3PH G . 23.20 26.00 -30.55
O31 3PH G . 22.02 25.85 -31.26
C31 3PH G . 20.89 25.69 -30.45
O32 3PH G . 20.04 26.51 -30.46
C32 3PH G . 20.74 24.45 -29.57
C33 3PH G . 19.76 23.46 -30.20
C34 3PH G . 19.92 22.11 -29.51
C35 3PH G . 18.72 21.20 -29.82
C36 3PH G . 18.42 20.30 -28.62
C37 3PH G . 19.45 19.16 -28.55
C38 3PH G . 19.36 18.47 -27.20
C39 3PH G . 20.46 19.00 -26.29
C3A 3PH G . 20.31 18.42 -24.88
C3B 3PH G . 21.53 17.60 -24.51
C3C 3PH G . 21.24 16.73 -23.29
C3D 3PH G . 20.41 15.52 -23.71
C3E 3PH G . 20.35 14.52 -22.56
C3F 3PH G . 19.09 13.66 -22.71
C3G 3PH G . 19.40 12.23 -22.27
C3H 3PH G . 18.13 11.54 -21.78
C3I 3PH G . 18.49 10.18 -21.18
H11 3PH G . 24.34 28.31 -32.83
H12 3PH G . 22.88 27.33 -32.94
H2 3PH G . 24.98 27.18 -30.74
H221 3PH G . 22.44 23.87 -32.80
H222 3PH G . 23.85 23.42 -31.83
H231 3PH G . 24.96 22.45 -33.73
H232 3PH G . 23.76 23.12 -34.85
H241 3PH G . 23.21 21.04 -32.69
H242 3PH G . 22.00 21.73 -33.79
H31 3PH G . 23.02 26.58 -29.65
H32 3PH G . 23.58 25.02 -30.26
H321 3PH G . 21.71 23.98 -29.45
H322 3PH G . 20.36 24.75 -28.59
H331 3PH G . 18.75 23.83 -30.08
H332 3PH G . 19.98 23.36 -31.26
H341 3PH G . 20.83 21.63 -29.86
H342 3PH G . 19.99 22.26 -28.44
H351 3PH G . 17.85 21.82 -30.03
H352 3PH G . 18.95 20.59 -30.69
H361 3PH G . 18.45 20.87 -27.71
H362 3PH G . 17.43 19.87 -28.75
H371 3PH G . 19.24 18.45 -29.34
H372 3PH G . 20.44 19.57 -28.68
H381 3PH G . 18.39 18.68 -26.75
H382 3PH G . 19.47 17.40 -27.33
H391 3PH G . 21.42 18.70 -26.69
H392 3PH G . 20.40 20.08 -26.25
H3A1 3PH G . 20.19 19.24 -24.17
H3A2 3PH G . 19.42 17.79 -24.85
H3B1 3PH G . 21.81 16.96 -25.35
H3B2 3PH G . 22.36 18.26 -24.29
H3C1 3PH G . 22.16 16.41 -22.84
H3C2 3PH G . 20.67 17.32 -22.57
H3D1 3PH G . 20.88 15.05 -24.57
H3D2 3PH G . 19.40 15.82 -23.96
H3E1 3PH G . 20.31 15.05 -21.61
H3E2 3PH G . 21.23 13.88 -22.58
H3F1 3PH G . 18.77 13.65 -23.74
H3F2 3PH G . 18.30 14.06 -22.08
H3G1 3PH G . 20.13 12.25 -21.46
H3G2 3PH G . 19.82 11.67 -23.10
H3H1 3PH G . 17.45 11.40 -22.62
H3H2 3PH G . 17.66 12.15 -21.02
H3I1 3PH G . 19.08 9.62 -21.90
H3I2 3PH G . 17.58 9.64 -20.95
H3I3 3PH G . 19.07 10.33 -20.28
O13 3PH H . 16.95 36.72 27.70
P 3PH H . 16.32 36.65 29.01
O14 3PH H . 17.43 36.19 29.84
O12 3PH H . 15.79 38.13 29.49
O11 3PH H . 15.08 35.56 29.03
C1 3PH H . 13.99 35.77 29.89
C2 3PH H . 12.70 35.79 29.07
O21 3PH H . 11.58 35.99 29.90
C21 3PH H . 11.38 35.04 30.91
O22 3PH H . 11.88 35.20 31.97
C22 3PH H . 10.52 33.81 30.66
C23 3PH H . 9.46 33.71 31.75
C24 3PH H . 8.76 32.35 31.67
C3 3PH H . 12.56 34.49 28.29
O31 3PH H . 13.03 33.42 29.05
C31 3PH H . 13.40 32.30 28.30
O32 3PH H . 14.53 31.96 28.28
C32 3PH H . 12.36 31.53 27.48
C33 3PH H . 11.99 30.23 28.20
C34 3PH H . 10.71 29.68 27.58
C35 3PH H . 10.50 28.22 27.98
C36 3PH H . 9.82 27.45 26.85
C37 3PH H . 8.33 27.81 26.81
C38 3PH H . 7.72 27.32 25.49
C39 3PH H . 7.61 28.48 24.52
C3A 3PH H . 7.14 27.99 23.15
C3B 3PH H . 5.82 28.66 22.78
C3C 3PH H . 5.16 27.91 21.63
C3D 3PH H . 4.51 26.63 22.13
C3E 3PH H . 3.62 26.03 21.04
C3F 3PH H . 3.49 24.53 21.28
C3G 3PH H . 2.07 24.09 20.91
C3H 3PH H . 2.07 22.62 20.51
C3I 3PH H . 0.68 22.24 19.97
H11 3PH H . 14.12 36.71 30.40
H12 3PH H . 13.97 34.96 30.61
H2 3PH H . 12.74 36.61 28.37
H221 3PH H . 11.14 32.92 30.68
H222 3PH H . 10.03 33.88 29.70
H231 3PH H . 8.71 34.49 31.60
H232 3PH H . 9.91 33.83 32.72
H241 3PH H . 8.29 32.23 30.71
H242 3PH H . 9.51 31.56 31.81
H31 3PH H . 13.14 34.55 27.38
H32 3PH H . 11.51 34.33 28.04
H321 3PH H . 11.48 32.14 27.35
H322 3PH H . 12.78 31.29 26.51
H331 3PH H . 12.79 29.52 28.09
H332 3PH H . 11.83 30.44 29.25
H341 3PH H . 9.87 30.27 27.92
H342 3PH H . 10.78 29.75 26.50
H351 3PH H . 11.47 27.76 28.18
H352 3PH H . 9.88 28.18 28.87
H361 3PH H . 10.27 27.71 25.90
H362 3PH H . 9.92 26.39 27.02
H371 3PH H . 7.82 27.33 27.64
H372 3PH H . 8.20 28.89 26.88
H381 3PH H . 8.36 26.54 25.07
H382 3PH H . 6.73 26.91 25.68
H391 3PH H . 6.91 29.21 24.90
H392 3PH H . 8.59 28.95 24.41
H3A1 3PH H . 7.89 28.24 22.40
H3A2 3PH H . 7.02 26.92 23.18
H3B1 3PH H . 5.15 28.63 23.65
H3B2 3PH H . 6.00 29.69 22.51
H3C1 3PH H . 4.41 28.54 21.16
H3C2 3PH H . 5.93 27.66 20.89
H3D1 3PH H . 3.90 26.86 23.00
H3D2 3PH H . 5.27 25.91 22.41
H3E1 3PH H . 4.08 26.20 20.08
H3E2 3PH H . 2.65 26.49 21.08
H3F1 3PH H . 3.67 24.31 22.33
H3F2 3PH H . 4.20 23.99 20.67
H3G1 3PH H . 1.71 24.70 20.08
H3G2 3PH H . 1.41 24.23 21.77
H3H1 3PH H . 2.30 22.01 21.38
H3H2 3PH H . 2.81 22.45 19.74
H3I1 3PH H . -0.08 22.53 20.70
H3I2 3PH H . 0.64 21.17 19.81
H3I3 3PH H . 0.50 22.77 19.04
O13 3PH I . 45.01 19.20 2.83
P 3PH I . 45.92 18.19 3.36
O14 3PH I . 46.69 17.85 2.16
O12 3PH I . 46.89 18.82 4.54
O11 3PH I . 45.10 16.87 3.92
C1 3PH I . 45.65 16.12 4.97
C2 3PH I . 44.64 16.05 6.12
O21 3PH I . 45.14 15.30 7.19
C21 3PH I . 45.49 13.97 6.92
O22 3PH I . 46.60 13.73 6.56
C22 3PH I . 44.48 12.85 7.07
C23 3PH I . 45.08 11.76 7.96
C24 3PH I . 44.19 10.51 7.91
C3 3PH I . 43.33 15.45 5.61
O31 3PH I . 43.59 14.44 4.69
C31 3PH I . 42.53 14.17 3.82
O32 3PH I . 42.64 14.39 2.66
C32 3PH I . 41.20 13.61 4.36
C33 3PH I . 41.10 12.12 4.06
C34 3PH I . 39.99 11.53 4.92
C35 3PH I . 39.59 10.14 4.39
C36 3PH I . 38.10 9.90 4.63
C37 3PH I . 37.85 9.59 6.10
C38 3PH I . 36.34 9.68 6.40
C39 3PH I . 36.04 11.03 7.05
C3A 3PH I . 34.53 11.20 7.23
C3B 3PH I . 34.20 11.35 8.71
C3C 3PH I . 32.70 11.15 8.92
C3D 3PH I . 32.36 9.67 8.88
C3E 3PH I . 30.93 9.45 9.37
C3F 3PH I . 30.39 8.16 8.76
C3G 3PH I . 29.50 7.45 9.80
C3H 3PH I . 28.47 6.58 9.09
C3I 3PH I . 27.48 6.03 10.12
H11 3PH I . 46.57 16.59 5.33
H12 3PH I . 45.88 15.13 4.62
H2 3PH I . 44.44 17.07 6.47
H221 3PH I . 44.24 12.43 6.10
H222 3PH I . 43.58 13.23 7.53
H231 3PH I . 45.13 12.12 8.99
H232 3PH I . 46.07 11.51 7.62
H241 3PH I . 43.20 10.75 8.27
H242 3PH I . 44.13 10.16 6.88
H31 3PH I . 42.74 16.22 5.14
H32 3PH I . 42.77 15.04 6.45
H321 3PH I . 41.15 13.78 5.43
H322 3PH I . 40.38 14.13 3.88
H331 3PH I . 40.89 11.97 3.01
H332 3PH I . 42.05 11.64 4.30
H341 3PH I . 40.33 11.43 5.94
H342 3PH I . 39.13 12.19 4.89
H351 3PH I . 39.79 10.09 3.33
H352 3PH I . 40.16 9.38 4.92
H361 3PH I . 37.53 10.79 4.35
H362 3PH I . 37.77 9.06 4.03
H371 3PH I . 38.19 8.58 6.32
H372 3PH I . 38.38 10.30 6.73
H381 3PH I . 35.79 9.59 5.47
H382 3PH I . 36.06 8.88 7.07
H391 3PH I . 36.53 11.07 8.02
H392 3PH I . 36.43 11.82 6.43
H3A1 3PH I . 34.22 12.09 6.70
H3A2 3PH I . 34.02 10.34 6.82
H3B1 3PH I . 34.74 10.60 9.28
H3B2 3PH I . 34.49 12.34 9.05
H3C1 3PH I . 32.41 11.57 9.88
H3C2 3PH I . 32.16 11.67 8.13
H3D1 3PH I . 33.04 9.13 9.53
H3D2 3PH I . 32.45 9.30 7.87
H3E1 3PH I . 30.30 10.29 9.05
H3E2 3PH I . 30.92 9.38 10.45
H3F1 3PH I . 31.21 7.51 8.50
H3F2 3PH I . 29.80 8.38 7.88
H3G1 3PH I . 28.99 8.20 10.40
H3G2 3PH I . 30.12 6.83 10.44
H3H1 3PH I . 28.98 5.76 8.59
H3H2 3PH I . 27.93 7.17 8.36
H3I1 3PH I . 28.04 5.55 10.93
H3I2 3PH I . 26.83 5.30 9.64
H3I3 3PH I . 26.90 6.85 10.54
#